data_2NBG
#
_entry.id   2NBG
#
_entity_poly.entity_id   1
_entity_poly.type   'polypeptide(L)'
_entity_poly.pdbx_seq_one_letter_code
;GSHMLDHLLEMILLVSEMEELKANPNRRAVGTVIEAKLDKGRGPVATLLVQAGTLKVGDPIVVGTTYGRVRAMVNDSGRR
VKEAGPSMPVEITGLHDVPQAGDRFMVFEDEKKARQIGEARAQRQ
;
_entity_poly.pdbx_strand_id   A
#
# COMPACT_ATOMS: atom_id res chain seq x y z
N GLY A 1 11.84 -5.15 -4.77
CA GLY A 1 12.84 -6.12 -5.20
C GLY A 1 14.08 -5.42 -5.68
N SER A 2 14.95 -6.14 -6.35
CA SER A 2 16.14 -5.53 -6.90
C SER A 2 15.82 -5.02 -8.30
N HIS A 3 15.36 -3.77 -8.38
CA HIS A 3 14.99 -3.09 -9.63
C HIS A 3 13.71 -3.67 -10.26
N MET A 4 13.79 -4.94 -10.66
CA MET A 4 12.75 -5.64 -11.45
C MET A 4 12.78 -5.15 -12.86
N LEU A 5 13.41 -5.93 -13.71
CA LEU A 5 13.63 -5.59 -15.08
C LEU A 5 12.29 -5.59 -15.85
N ASP A 6 11.99 -4.47 -16.45
CA ASP A 6 10.74 -4.24 -17.15
C ASP A 6 10.64 -4.94 -18.49
N HIS A 7 9.66 -5.81 -18.58
CA HIS A 7 9.27 -6.50 -19.80
C HIS A 7 7.79 -6.74 -19.74
N LEU A 8 7.42 -7.65 -18.87
CA LEU A 8 6.06 -8.03 -18.64
C LEU A 8 6.07 -9.02 -17.49
N LEU A 9 5.75 -8.55 -16.34
CA LEU A 9 5.63 -9.39 -15.19
C LEU A 9 4.17 -9.50 -14.87
N GLU A 10 3.62 -10.67 -15.13
CA GLU A 10 2.22 -10.89 -14.86
C GLU A 10 1.95 -10.82 -13.40
N MET A 11 1.09 -9.92 -13.05
CA MET A 11 0.59 -9.77 -11.73
C MET A 11 -0.66 -8.94 -11.82
N ILE A 12 -1.70 -9.37 -11.15
CA ILE A 12 -3.01 -8.76 -11.32
C ILE A 12 -3.70 -8.74 -9.97
N LEU A 13 -3.98 -9.92 -9.48
CA LEU A 13 -4.63 -10.13 -8.20
C LEU A 13 -3.78 -11.12 -7.42
N LEU A 14 -3.99 -11.16 -6.11
CA LEU A 14 -3.25 -12.05 -5.25
C LEU A 14 -3.77 -13.49 -5.35
N VAL A 15 -3.11 -14.42 -4.69
CA VAL A 15 -3.50 -15.82 -4.79
C VAL A 15 -3.88 -16.37 -3.41
N SER A 16 -2.90 -16.63 -2.61
CA SER A 16 -3.09 -17.15 -1.27
C SER A 16 -2.05 -16.46 -0.43
N GLU A 17 -2.43 -15.42 0.26
CA GLU A 17 -1.44 -14.62 0.90
C GLU A 17 -1.26 -14.92 2.37
N MET A 18 -0.09 -15.41 2.67
CA MET A 18 0.34 -15.71 4.03
C MET A 18 1.82 -15.35 4.15
N GLU A 19 2.24 -14.48 3.26
CA GLU A 19 3.63 -14.10 3.16
C GLU A 19 3.97 -12.96 4.10
N GLU A 20 5.20 -12.91 4.54
CA GLU A 20 5.66 -11.86 5.38
C GLU A 20 6.74 -11.10 4.68
N LEU A 21 6.48 -9.84 4.44
CA LEU A 21 7.49 -8.97 3.88
C LEU A 21 8.30 -8.45 5.07
N LYS A 22 7.57 -8.26 6.18
CA LYS A 22 8.07 -7.75 7.44
C LYS A 22 8.47 -6.30 7.32
N ALA A 23 7.56 -5.44 7.70
CA ALA A 23 7.74 -4.02 7.54
C ALA A 23 7.06 -3.26 8.67
N ASN A 24 5.85 -3.67 8.98
CA ASN A 24 5.06 -3.03 10.02
C ASN A 24 4.62 -4.07 11.03
N PRO A 25 4.50 -3.71 12.29
CA PRO A 25 4.10 -4.65 13.35
C PRO A 25 2.62 -5.06 13.27
N ASN A 26 1.77 -4.17 12.71
CA ASN A 26 0.32 -4.42 12.60
C ASN A 26 0.07 -5.70 11.82
N ARG A 27 0.49 -5.70 10.59
CA ARG A 27 0.48 -6.87 9.75
C ARG A 27 1.84 -6.88 9.12
N ARG A 28 2.36 -8.03 8.79
CA ARG A 28 3.74 -8.09 8.29
C ARG A 28 3.85 -7.77 6.80
N ALA A 29 2.89 -7.01 6.31
CA ALA A 29 2.87 -6.52 4.94
C ALA A 29 1.76 -5.47 4.81
N VAL A 30 2.07 -4.24 5.20
CA VAL A 30 1.13 -3.11 5.14
C VAL A 30 1.92 -1.84 5.05
N GLY A 31 1.22 -0.76 4.91
CA GLY A 31 1.82 0.55 4.86
C GLY A 31 0.86 1.54 5.45
N THR A 32 1.24 2.79 5.48
CA THR A 32 0.42 3.81 6.04
C THR A 32 0.01 4.85 5.02
N VAL A 33 -1.21 5.32 5.16
CA VAL A 33 -1.73 6.33 4.28
C VAL A 33 -1.31 7.70 4.82
N ILE A 34 -0.89 8.61 3.95
CA ILE A 34 -0.42 9.92 4.40
C ILE A 34 -1.54 10.97 4.38
N GLU A 35 -2.39 10.90 3.38
CA GLU A 35 -3.55 11.76 3.30
C GLU A 35 -4.58 11.04 2.46
N ALA A 36 -5.82 11.23 2.74
CA ALA A 36 -6.85 10.54 2.01
C ALA A 36 -8.11 11.35 2.05
N LYS A 37 -8.75 11.49 0.91
CA LYS A 37 -9.94 12.27 0.82
C LYS A 37 -10.72 11.85 -0.42
N LEU A 38 -11.86 12.39 -0.61
CA LEU A 38 -12.62 12.09 -1.79
C LEU A 38 -12.40 13.16 -2.82
N ASP A 39 -12.41 12.78 -4.04
CA ASP A 39 -12.37 13.69 -5.12
C ASP A 39 -13.62 13.49 -5.95
N LYS A 40 -14.39 14.53 -6.12
CA LYS A 40 -15.65 14.48 -6.87
C LYS A 40 -15.49 14.04 -8.36
N GLY A 41 -14.28 13.96 -8.86
CA GLY A 41 -14.09 13.52 -10.21
C GLY A 41 -13.30 12.22 -10.30
N ARG A 42 -12.24 12.15 -9.55
CA ARG A 42 -11.33 10.99 -9.56
C ARG A 42 -11.87 9.87 -8.68
N GLY A 43 -12.67 10.24 -7.71
CA GLY A 43 -13.24 9.29 -6.79
C GLY A 43 -12.53 9.35 -5.47
N PRO A 44 -12.73 8.37 -4.58
CA PRO A 44 -11.99 8.32 -3.31
C PRO A 44 -10.51 8.06 -3.57
N VAL A 45 -9.68 9.02 -3.22
CA VAL A 45 -8.26 8.94 -3.46
C VAL A 45 -7.50 8.82 -2.14
N ALA A 46 -6.43 8.07 -2.15
CA ALA A 46 -5.65 7.90 -0.96
C ALA A 46 -4.18 7.99 -1.30
N THR A 47 -3.53 9.03 -0.84
CA THR A 47 -2.13 9.18 -1.05
C THR A 47 -1.46 8.41 0.07
N LEU A 48 -0.67 7.46 -0.27
CA LEU A 48 -0.10 6.58 0.68
C LEU A 48 1.35 6.27 0.35
N LEU A 49 2.01 5.58 1.25
CA LEU A 49 3.35 5.12 1.02
C LEU A 49 3.29 3.60 0.99
N VAL A 50 3.45 3.01 -0.20
CA VAL A 50 3.39 1.57 -0.34
C VAL A 50 4.56 0.89 0.36
N GLN A 51 4.24 0.10 1.36
CA GLN A 51 5.26 -0.50 2.20
C GLN A 51 5.11 -2.02 2.22
N ALA A 52 3.94 -2.49 1.79
CA ALA A 52 3.61 -3.89 1.84
C ALA A 52 4.28 -4.64 0.71
N GLY A 53 4.72 -3.91 -0.29
CA GLY A 53 5.35 -4.49 -1.43
C GLY A 53 5.33 -3.54 -2.58
N THR A 54 4.52 -3.84 -3.54
CA THR A 54 4.45 -3.08 -4.76
C THR A 54 2.97 -2.80 -5.04
N LEU A 55 2.66 -1.59 -5.47
CA LEU A 55 1.27 -1.21 -5.70
C LEU A 55 1.07 -1.06 -7.19
N LYS A 56 0.09 -1.73 -7.70
CA LYS A 56 -0.18 -1.73 -9.11
C LYS A 56 -1.69 -1.46 -9.33
N VAL A 57 -2.05 -1.00 -10.51
CA VAL A 57 -3.43 -0.82 -10.83
C VAL A 57 -4.11 -2.17 -11.00
N GLY A 58 -5.28 -2.29 -10.47
CA GLY A 58 -5.98 -3.54 -10.54
C GLY A 58 -5.84 -4.33 -9.26
N ASP A 59 -5.00 -3.88 -8.35
CA ASP A 59 -4.81 -4.57 -7.07
C ASP A 59 -6.02 -4.48 -6.19
N PRO A 60 -6.39 -5.60 -5.55
CA PRO A 60 -7.41 -5.59 -4.56
C PRO A 60 -6.77 -5.14 -3.25
N ILE A 61 -7.07 -3.95 -2.88
CA ILE A 61 -6.42 -3.31 -1.81
C ILE A 61 -7.31 -3.19 -0.59
N VAL A 62 -6.74 -3.42 0.56
CA VAL A 62 -7.47 -3.31 1.79
C VAL A 62 -6.96 -2.11 2.54
N VAL A 63 -7.80 -1.12 2.69
CA VAL A 63 -7.45 0.08 3.41
C VAL A 63 -8.30 0.12 4.66
N GLY A 64 -7.66 -0.04 5.79
CA GLY A 64 -8.35 -0.06 7.03
C GLY A 64 -9.15 -1.33 7.19
N THR A 65 -10.42 -1.25 6.89
CA THR A 65 -11.29 -2.37 7.02
C THR A 65 -12.13 -2.56 5.73
N THR A 66 -11.86 -1.74 4.73
CA THR A 66 -12.58 -1.80 3.47
C THR A 66 -11.61 -2.17 2.34
N TYR A 67 -12.06 -2.98 1.41
CA TYR A 67 -11.23 -3.38 0.30
C TYR A 67 -11.81 -2.85 -0.99
N GLY A 68 -10.97 -2.61 -1.93
CA GLY A 68 -11.37 -2.10 -3.23
C GLY A 68 -10.36 -2.51 -4.26
N ARG A 69 -10.40 -1.88 -5.39
CA ARG A 69 -9.48 -2.23 -6.46
C ARG A 69 -8.91 -0.95 -7.06
N VAL A 70 -7.59 -0.87 -7.13
CA VAL A 70 -6.91 0.33 -7.62
C VAL A 70 -7.32 0.65 -9.05
N ARG A 71 -7.96 1.78 -9.19
CA ARG A 71 -8.46 2.23 -10.45
C ARG A 71 -7.33 2.96 -11.22
N ALA A 72 -6.80 3.99 -10.63
CA ALA A 72 -5.73 4.79 -11.21
C ALA A 72 -4.60 4.90 -10.23
N MET A 73 -3.40 5.05 -10.75
CA MET A 73 -2.22 5.17 -9.94
C MET A 73 -1.53 6.46 -10.28
N VAL A 74 -1.42 7.34 -9.31
CA VAL A 74 -0.69 8.58 -9.51
C VAL A 74 0.41 8.62 -8.48
N ASN A 75 1.61 8.85 -8.90
CA ASN A 75 2.72 8.74 -7.98
C ASN A 75 3.12 10.09 -7.41
N ASP A 76 4.16 10.06 -6.61
CA ASP A 76 4.80 11.20 -5.95
C ASP A 76 5.06 12.38 -6.89
N SER A 77 5.43 12.08 -8.10
CA SER A 77 5.77 13.10 -9.04
C SER A 77 4.54 13.59 -9.82
N GLY A 78 3.41 12.94 -9.63
CA GLY A 78 2.18 13.42 -10.22
C GLY A 78 1.86 12.80 -11.54
N ARG A 79 2.54 11.72 -11.83
CA ARG A 79 2.30 11.03 -13.06
C ARG A 79 1.42 9.82 -12.86
N ARG A 80 0.44 9.66 -13.73
CA ARG A 80 -0.36 8.46 -13.80
C ARG A 80 0.51 7.32 -14.29
N VAL A 81 0.48 6.22 -13.60
CA VAL A 81 1.27 5.05 -13.96
C VAL A 81 0.47 3.78 -13.78
N LYS A 82 1.11 2.67 -14.03
CA LYS A 82 0.49 1.38 -13.97
C LYS A 82 0.93 0.62 -12.71
N GLU A 83 2.15 0.83 -12.35
CA GLU A 83 2.80 0.10 -11.29
C GLU A 83 3.81 1.00 -10.58
N ALA A 84 3.81 0.96 -9.27
CA ALA A 84 4.73 1.74 -8.46
C ALA A 84 5.42 0.84 -7.47
N GLY A 85 6.67 1.13 -7.19
CA GLY A 85 7.46 0.28 -6.33
C GLY A 85 7.41 0.73 -4.89
N PRO A 86 7.94 -0.08 -3.97
CA PRO A 86 7.95 0.24 -2.54
C PRO A 86 8.76 1.48 -2.22
N SER A 87 8.42 2.09 -1.09
CA SER A 87 9.09 3.27 -0.58
C SER A 87 8.75 4.53 -1.40
N MET A 88 7.75 4.43 -2.26
CA MET A 88 7.33 5.56 -3.05
C MET A 88 5.88 5.93 -2.75
N PRO A 89 5.62 7.22 -2.47
CA PRO A 89 4.28 7.73 -2.25
C PRO A 89 3.46 7.67 -3.52
N VAL A 90 2.31 7.07 -3.45
CA VAL A 90 1.41 6.97 -4.57
C VAL A 90 0.01 7.17 -4.09
N GLU A 91 -0.83 7.60 -4.96
CA GLU A 91 -2.19 7.84 -4.65
C GLU A 91 -3.05 6.89 -5.46
N ILE A 92 -3.79 6.07 -4.75
CA ILE A 92 -4.64 5.09 -5.36
C ILE A 92 -6.05 5.60 -5.42
N THR A 93 -6.88 4.85 -6.06
CA THR A 93 -8.28 5.16 -6.24
C THR A 93 -9.03 3.86 -6.33
N GLY A 94 -10.33 3.90 -6.24
CA GLY A 94 -11.12 2.71 -6.40
C GLY A 94 -11.40 1.97 -5.11
N LEU A 95 -11.34 2.67 -3.99
CA LEU A 95 -11.73 2.05 -2.73
C LEU A 95 -13.26 2.09 -2.62
N HIS A 96 -13.83 3.15 -3.22
CA HIS A 96 -15.28 3.39 -3.30
C HIS A 96 -15.90 3.55 -1.87
N ASP A 97 -15.07 3.86 -0.93
CA ASP A 97 -15.44 4.03 0.45
C ASP A 97 -14.49 5.08 0.97
N VAL A 98 -14.65 5.53 2.20
CA VAL A 98 -13.83 6.60 2.71
C VAL A 98 -12.45 6.11 3.23
N PRO A 99 -11.36 6.52 2.58
CA PRO A 99 -10.03 6.16 3.04
C PRO A 99 -9.56 7.17 4.10
N GLN A 100 -8.79 6.70 5.06
CA GLN A 100 -8.34 7.58 6.11
C GLN A 100 -6.84 7.74 6.14
N ALA A 101 -6.42 8.96 6.39
CA ALA A 101 -5.02 9.28 6.56
C ALA A 101 -4.55 8.73 7.89
N GLY A 102 -3.43 8.04 7.89
CA GLY A 102 -2.93 7.46 9.12
C GLY A 102 -3.38 6.04 9.29
N ASP A 103 -4.16 5.55 8.34
CA ASP A 103 -4.66 4.21 8.39
C ASP A 103 -3.61 3.29 7.83
N ARG A 104 -3.96 2.06 7.70
CA ARG A 104 -3.05 1.06 7.27
C ARG A 104 -3.67 0.28 6.13
N PHE A 105 -2.91 0.07 5.11
CA PHE A 105 -3.40 -0.62 3.94
C PHE A 105 -2.47 -1.76 3.60
N MET A 106 -3.03 -2.78 3.02
CA MET A 106 -2.29 -3.98 2.70
C MET A 106 -2.32 -4.24 1.19
N VAL A 107 -1.15 -4.20 0.56
CA VAL A 107 -1.02 -4.47 -0.89
C VAL A 107 0.19 -5.34 -1.14
N PHE A 108 0.00 -6.62 -1.42
CA PHE A 108 1.15 -7.45 -1.74
C PHE A 108 0.82 -8.66 -2.62
N GLU A 109 1.51 -8.75 -3.72
CA GLU A 109 1.58 -9.97 -4.51
C GLU A 109 3.04 -10.05 -4.91
N ASP A 110 3.48 -8.99 -5.58
CA ASP A 110 4.87 -8.69 -5.90
C ASP A 110 5.68 -9.87 -6.48
N GLU A 111 6.36 -10.62 -5.63
CA GLU A 111 7.19 -11.74 -6.06
C GLU A 111 6.37 -12.96 -6.41
N LYS A 112 5.08 -12.93 -6.06
CA LYS A 112 4.18 -14.07 -6.12
C LYS A 112 4.27 -14.82 -7.44
N LYS A 113 4.11 -14.09 -8.52
CA LYS A 113 4.12 -14.67 -9.85
C LYS A 113 5.53 -14.94 -10.35
N ALA A 114 6.47 -14.07 -9.98
CA ALA A 114 7.88 -14.26 -10.36
C ALA A 114 8.36 -15.59 -9.76
N ARG A 115 8.12 -15.73 -8.50
CA ARG A 115 8.41 -16.92 -7.71
C ARG A 115 7.64 -18.13 -8.26
N GLN A 116 6.40 -17.89 -8.70
CA GLN A 116 5.56 -18.94 -9.27
C GLN A 116 6.17 -19.49 -10.54
N ILE A 117 6.64 -18.59 -11.40
CA ILE A 117 7.28 -18.96 -12.66
C ILE A 117 8.62 -19.65 -12.37
N GLY A 118 9.26 -19.21 -11.33
CA GLY A 118 10.56 -19.73 -10.97
C GLY A 118 11.63 -18.71 -11.22
N GLU A 119 11.22 -17.46 -11.26
CA GLU A 119 12.13 -16.37 -11.51
C GLU A 119 12.79 -15.92 -10.22
N ALA A 120 12.01 -15.80 -9.18
CA ALA A 120 12.52 -15.37 -7.89
C ALA A 120 12.86 -16.59 -7.06
N ARG A 121 13.27 -16.37 -5.83
CA ARG A 121 13.63 -17.46 -4.95
C ARG A 121 12.44 -18.26 -4.48
N ALA A 122 12.49 -19.52 -4.75
CA ALA A 122 11.51 -20.47 -4.34
C ALA A 122 12.24 -21.76 -4.08
N GLN A 123 12.55 -22.44 -5.19
CA GLN A 123 13.29 -23.67 -5.21
C GLN A 123 13.23 -24.24 -6.60
N ARG A 124 14.21 -23.93 -7.40
CA ARG A 124 14.28 -24.52 -8.70
C ARG A 124 14.90 -25.88 -8.55
N GLN A 125 14.46 -26.77 -9.35
CA GLN A 125 14.89 -28.13 -9.28
C GLN A 125 15.27 -28.55 -10.68
N GLY A 1 25.65 11.31 -36.09
CA GLY A 1 26.86 11.65 -35.37
C GLY A 1 27.04 13.14 -35.32
N SER A 2 28.29 13.57 -35.41
CA SER A 2 28.67 14.97 -35.35
C SER A 2 28.44 15.50 -33.92
N HIS A 3 28.68 16.80 -33.72
CA HIS A 3 28.55 17.50 -32.41
C HIS A 3 29.69 17.14 -31.47
N MET A 4 29.83 15.83 -31.20
CA MET A 4 30.90 15.17 -30.38
C MET A 4 30.89 15.55 -28.90
N LEU A 5 30.39 16.73 -28.60
CA LEU A 5 30.30 17.21 -27.23
C LEU A 5 29.06 16.64 -26.56
N ASP A 6 28.22 16.01 -27.37
CA ASP A 6 27.01 15.39 -26.88
C ASP A 6 27.32 13.97 -26.47
N HIS A 7 26.82 13.58 -25.33
CA HIS A 7 27.11 12.27 -24.79
C HIS A 7 25.84 11.66 -24.27
N LEU A 8 25.92 10.41 -23.92
CA LEU A 8 24.80 9.73 -23.35
C LEU A 8 25.04 9.56 -21.87
N LEU A 9 24.31 10.34 -21.09
CA LEU A 9 24.43 10.40 -19.63
C LEU A 9 25.72 11.10 -19.22
N GLU A 10 25.61 12.37 -18.88
CA GLU A 10 26.74 13.16 -18.44
C GLU A 10 26.83 13.10 -16.92
N MET A 11 25.85 12.48 -16.33
CA MET A 11 25.72 12.33 -14.92
C MET A 11 24.93 11.07 -14.69
N ILE A 12 24.87 10.61 -13.47
CA ILE A 12 24.08 9.43 -13.14
C ILE A 12 22.60 9.80 -13.17
N LEU A 13 21.73 8.82 -13.37
CA LEU A 13 20.31 9.08 -13.47
C LEU A 13 19.72 9.46 -12.14
N LEU A 14 20.04 8.71 -11.18
CA LEU A 14 19.52 8.89 -9.85
C LEU A 14 20.34 9.88 -9.07
N VAL A 15 19.75 10.36 -8.03
CA VAL A 15 20.41 11.23 -7.10
C VAL A 15 20.30 10.55 -5.75
N SER A 16 19.09 10.51 -5.24
CA SER A 16 18.79 9.92 -3.96
C SER A 16 17.29 10.04 -3.74
N GLU A 17 16.58 8.98 -4.00
CA GLU A 17 15.15 8.98 -3.78
C GLU A 17 14.69 7.65 -3.18
N MET A 18 14.41 7.70 -1.90
CA MET A 18 13.91 6.56 -1.14
C MET A 18 13.39 7.09 0.17
N GLU A 19 12.10 7.13 0.31
CA GLU A 19 11.48 7.64 1.49
C GLU A 19 10.65 6.61 2.19
N GLU A 20 10.73 6.63 3.49
CA GLU A 20 9.91 5.87 4.36
C GLU A 20 9.79 6.67 5.63
N LEU A 21 8.60 6.83 6.13
CA LEU A 21 8.36 7.76 7.21
C LEU A 21 8.42 7.10 8.57
N LYS A 22 8.29 5.77 8.57
CA LYS A 22 8.21 4.97 9.81
C LYS A 22 6.95 5.37 10.57
N ALA A 23 5.83 4.93 10.10
CA ALA A 23 4.56 5.28 10.69
C ALA A 23 3.67 4.06 10.74
N ASN A 24 4.30 2.91 10.78
CA ASN A 24 3.56 1.67 10.78
C ASN A 24 4.25 0.67 11.70
N PRO A 25 3.64 0.36 12.84
CA PRO A 25 4.24 -0.56 13.82
C PRO A 25 4.18 -2.03 13.39
N ASN A 26 3.29 -2.34 12.48
CA ASN A 26 3.09 -3.70 12.02
C ASN A 26 4.11 -4.03 10.96
N ARG A 27 5.17 -4.69 11.34
CA ARG A 27 6.21 -4.99 10.40
C ARG A 27 6.07 -6.36 9.80
N ARG A 28 5.19 -6.45 8.82
CA ARG A 28 5.02 -7.65 8.04
C ARG A 28 4.96 -7.24 6.59
N ALA A 29 3.78 -6.90 6.13
CA ALA A 29 3.58 -6.40 4.81
C ALA A 29 2.33 -5.55 4.78
N VAL A 30 2.47 -4.31 5.25
CA VAL A 30 1.39 -3.33 5.33
C VAL A 30 2.01 -1.95 5.32
N GLY A 31 1.22 -0.96 5.07
CA GLY A 31 1.73 0.39 5.04
C GLY A 31 0.78 1.34 5.69
N THR A 32 1.14 2.60 5.68
CA THR A 32 0.33 3.63 6.28
C THR A 32 0.01 4.71 5.25
N VAL A 33 -1.18 5.25 5.33
CA VAL A 33 -1.65 6.28 4.43
C VAL A 33 -1.17 7.65 4.95
N ILE A 34 -0.70 8.48 4.05
CA ILE A 34 -0.16 9.78 4.44
C ILE A 34 -1.22 10.88 4.42
N GLU A 35 -2.11 10.79 3.48
CA GLU A 35 -3.23 11.71 3.36
C GLU A 35 -4.30 11.03 2.53
N ALA A 36 -5.53 11.32 2.79
CA ALA A 36 -6.62 10.69 2.10
C ALA A 36 -7.79 11.62 2.07
N LYS A 37 -8.35 11.80 0.91
CA LYS A 37 -9.40 12.75 0.73
C LYS A 37 -10.25 12.29 -0.43
N LEU A 38 -11.28 12.98 -0.72
CA LEU A 38 -12.12 12.66 -1.83
C LEU A 38 -11.69 13.46 -3.05
N ASP A 39 -11.89 12.90 -4.18
CA ASP A 39 -11.65 13.61 -5.40
C ASP A 39 -12.90 13.53 -6.24
N LYS A 40 -13.28 14.63 -6.78
CA LYS A 40 -14.52 14.77 -7.52
C LYS A 40 -14.45 14.14 -8.90
N GLY A 41 -13.26 13.92 -9.38
CA GLY A 41 -13.11 13.39 -10.70
C GLY A 41 -12.48 12.01 -10.69
N ARG A 42 -11.56 11.78 -9.78
CA ARG A 42 -10.86 10.51 -9.71
C ARG A 42 -11.61 9.51 -8.84
N GLY A 43 -12.31 10.01 -7.83
CA GLY A 43 -13.00 9.16 -6.91
C GLY A 43 -12.35 9.22 -5.55
N PRO A 44 -12.43 8.18 -4.74
CA PRO A 44 -11.75 8.15 -3.45
C PRO A 44 -10.25 8.01 -3.66
N VAL A 45 -9.50 9.02 -3.24
CA VAL A 45 -8.06 9.05 -3.42
C VAL A 45 -7.33 8.94 -2.08
N ALA A 46 -6.48 7.98 -1.98
CA ALA A 46 -5.71 7.78 -0.78
C ALA A 46 -4.24 7.80 -1.12
N THR A 47 -3.57 8.82 -0.65
CA THR A 47 -2.17 8.98 -0.86
C THR A 47 -1.47 8.16 0.20
N LEU A 48 -0.78 7.18 -0.20
CA LEU A 48 -0.16 6.29 0.70
C LEU A 48 1.28 6.07 0.33
N LEU A 49 1.99 5.40 1.20
CA LEU A 49 3.36 5.03 0.93
C LEU A 49 3.36 3.51 0.93
N VAL A 50 3.46 2.90 -0.25
CA VAL A 50 3.40 1.45 -0.36
C VAL A 50 4.56 0.75 0.34
N GLN A 51 4.21 -0.04 1.34
CA GLN A 51 5.21 -0.72 2.17
C GLN A 51 4.99 -2.21 2.16
N ALA A 52 3.82 -2.63 1.71
CA ALA A 52 3.45 -4.02 1.73
C ALA A 52 4.12 -4.78 0.59
N GLY A 53 4.63 -4.04 -0.35
CA GLY A 53 5.27 -4.63 -1.48
C GLY A 53 5.20 -3.71 -2.67
N THR A 54 4.40 -4.07 -3.60
CA THR A 54 4.29 -3.38 -4.85
C THR A 54 2.82 -3.08 -5.10
N LEU A 55 2.54 -1.93 -5.66
CA LEU A 55 1.18 -1.53 -5.94
C LEU A 55 1.02 -1.46 -7.45
N LYS A 56 -0.06 -1.97 -7.97
CA LYS A 56 -0.30 -1.95 -9.39
C LYS A 56 -1.80 -1.80 -9.62
N VAL A 57 -2.17 -1.19 -10.73
CA VAL A 57 -3.56 -1.01 -11.04
C VAL A 57 -4.20 -2.33 -11.41
N GLY A 58 -5.35 -2.58 -10.86
CA GLY A 58 -6.01 -3.83 -11.08
C GLY A 58 -5.90 -4.74 -9.88
N ASP A 59 -4.93 -4.48 -9.03
CA ASP A 59 -4.76 -5.27 -7.81
C ASP A 59 -5.74 -4.83 -6.76
N PRO A 60 -6.23 -5.75 -5.92
CA PRO A 60 -7.09 -5.41 -4.82
C PRO A 60 -6.29 -4.83 -3.65
N ILE A 61 -6.90 -3.96 -2.92
CA ILE A 61 -6.26 -3.35 -1.79
C ILE A 61 -7.21 -3.32 -0.62
N VAL A 62 -6.69 -3.33 0.55
CA VAL A 62 -7.49 -3.24 1.74
C VAL A 62 -6.91 -2.19 2.66
N VAL A 63 -7.71 -1.22 2.98
CA VAL A 63 -7.31 -0.12 3.83
C VAL A 63 -8.44 0.29 4.69
N GLY A 64 -8.15 0.47 5.96
CA GLY A 64 -9.18 0.82 6.89
C GLY A 64 -10.19 -0.29 7.00
N THR A 65 -9.70 -1.52 6.86
CA THR A 65 -10.47 -2.77 6.84
C THR A 65 -11.48 -2.87 5.65
N THR A 66 -11.50 -1.86 4.80
CA THR A 66 -12.34 -1.84 3.63
C THR A 66 -11.48 -2.26 2.45
N TYR A 67 -12.02 -3.03 1.54
CA TYR A 67 -11.23 -3.46 0.43
C TYR A 67 -11.83 -2.99 -0.88
N GLY A 68 -11.00 -2.80 -1.84
CA GLY A 68 -11.40 -2.35 -3.14
C GLY A 68 -10.34 -2.70 -4.14
N ARG A 69 -10.38 -2.12 -5.29
CA ARG A 69 -9.41 -2.43 -6.31
C ARG A 69 -8.79 -1.15 -6.79
N VAL A 70 -7.52 -1.19 -7.16
CA VAL A 70 -6.86 0.00 -7.64
C VAL A 70 -7.34 0.31 -9.04
N ARG A 71 -7.90 1.48 -9.20
CA ARG A 71 -8.43 1.93 -10.46
C ARG A 71 -7.37 2.74 -11.24
N ALA A 72 -6.70 3.64 -10.55
CA ALA A 72 -5.65 4.48 -11.14
C ALA A 72 -4.57 4.68 -10.10
N MET A 73 -3.37 4.90 -10.57
CA MET A 73 -2.23 5.07 -9.70
C MET A 73 -1.62 6.42 -10.03
N VAL A 74 -1.61 7.31 -9.09
CA VAL A 74 -1.00 8.62 -9.31
C VAL A 74 0.11 8.76 -8.30
N ASN A 75 1.27 9.21 -8.70
CA ASN A 75 2.32 9.30 -7.71
C ASN A 75 2.47 10.72 -7.25
N ASP A 76 3.29 10.92 -6.25
CA ASP A 76 3.52 12.23 -5.61
C ASP A 76 4.01 13.30 -6.59
N SER A 77 4.65 12.89 -7.65
CA SER A 77 5.14 13.82 -8.65
C SER A 77 4.06 14.15 -9.68
N GLY A 78 2.89 13.53 -9.55
CA GLY A 78 1.74 13.93 -10.36
C GLY A 78 1.59 13.14 -11.62
N ARG A 79 2.46 12.18 -11.78
CA ARG A 79 2.44 11.34 -12.96
C ARG A 79 1.51 10.17 -12.75
N ARG A 80 0.67 9.95 -13.73
CA ARG A 80 -0.23 8.84 -13.74
C ARG A 80 0.56 7.62 -14.14
N VAL A 81 0.43 6.56 -13.38
CA VAL A 81 1.18 5.37 -13.63
C VAL A 81 0.28 4.17 -13.48
N LYS A 82 0.79 3.01 -13.76
CA LYS A 82 -0.01 1.81 -13.63
C LYS A 82 0.59 0.87 -12.60
N GLU A 83 1.78 1.20 -12.16
CA GLU A 83 2.53 0.35 -11.30
C GLU A 83 3.43 1.23 -10.43
N ALA A 84 3.55 0.89 -9.19
CA ALA A 84 4.34 1.64 -8.25
C ALA A 84 5.12 0.70 -7.36
N GLY A 85 6.39 0.96 -7.22
CA GLY A 85 7.22 0.14 -6.41
C GLY A 85 7.27 0.64 -4.99
N PRO A 86 7.79 -0.17 -4.05
CA PRO A 86 7.87 0.19 -2.63
C PRO A 86 8.67 1.46 -2.41
N SER A 87 8.31 2.18 -1.36
CA SER A 87 8.96 3.43 -0.97
C SER A 87 8.51 4.62 -1.86
N MET A 88 7.55 4.40 -2.72
CA MET A 88 7.01 5.49 -3.49
C MET A 88 5.60 5.83 -3.07
N PRO A 89 5.36 7.12 -2.75
CA PRO A 89 4.03 7.61 -2.40
C PRO A 89 3.13 7.71 -3.63
N VAL A 90 1.99 7.10 -3.55
CA VAL A 90 1.03 7.10 -4.62
C VAL A 90 -0.38 7.21 -4.08
N GLU A 91 -1.25 7.76 -4.87
CA GLU A 91 -2.63 7.85 -4.55
C GLU A 91 -3.34 6.74 -5.25
N ILE A 92 -4.02 5.93 -4.50
CA ILE A 92 -4.79 4.88 -5.07
C ILE A 92 -6.22 5.33 -5.17
N THR A 93 -6.97 4.62 -5.93
CA THR A 93 -8.34 4.92 -6.19
C THR A 93 -9.06 3.62 -6.34
N GLY A 94 -10.36 3.62 -6.14
CA GLY A 94 -11.12 2.41 -6.36
C GLY A 94 -11.48 1.68 -5.09
N LEU A 95 -11.28 2.32 -3.96
CA LEU A 95 -11.71 1.73 -2.69
C LEU A 95 -13.24 1.77 -2.63
N HIS A 96 -13.77 2.86 -3.18
CA HIS A 96 -15.21 3.15 -3.29
C HIS A 96 -15.79 3.38 -1.88
N ASP A 97 -14.91 3.72 -0.96
CA ASP A 97 -15.25 3.99 0.42
C ASP A 97 -14.31 5.08 0.87
N VAL A 98 -14.40 5.49 2.10
CA VAL A 98 -13.64 6.61 2.61
C VAL A 98 -12.35 6.15 3.29
N PRO A 99 -11.19 6.41 2.68
CA PRO A 99 -9.92 6.07 3.26
C PRO A 99 -9.49 7.14 4.27
N GLN A 100 -8.78 6.73 5.29
CA GLN A 100 -8.36 7.65 6.32
C GLN A 100 -6.86 7.87 6.31
N ALA A 101 -6.46 9.11 6.44
CA ALA A 101 -5.08 9.49 6.54
C ALA A 101 -4.54 9.04 7.88
N GLY A 102 -3.45 8.31 7.86
CA GLY A 102 -2.87 7.80 9.08
C GLY A 102 -3.35 6.40 9.39
N ASP A 103 -4.19 5.88 8.52
CA ASP A 103 -4.71 4.55 8.69
C ASP A 103 -3.75 3.59 8.01
N ARG A 104 -4.12 2.37 7.92
CA ARG A 104 -3.23 1.37 7.47
C ARG A 104 -3.83 0.55 6.35
N PHE A 105 -3.01 0.27 5.39
CA PHE A 105 -3.46 -0.45 4.23
C PHE A 105 -2.57 -1.63 3.99
N MET A 106 -3.07 -2.55 3.26
CA MET A 106 -2.34 -3.68 2.83
C MET A 106 -2.60 -3.84 1.37
N VAL A 107 -1.56 -4.00 0.61
CA VAL A 107 -1.72 -4.21 -0.79
C VAL A 107 -1.88 -5.72 -0.98
N PHE A 108 -2.79 -6.14 -1.82
CA PHE A 108 -2.92 -7.54 -2.04
C PHE A 108 -2.08 -7.87 -3.23
N GLU A 109 -1.15 -8.76 -3.04
CA GLU A 109 -0.21 -9.05 -4.05
C GLU A 109 -0.65 -10.20 -4.98
N ASP A 110 -0.42 -11.42 -4.55
CA ASP A 110 -0.83 -12.67 -5.17
C ASP A 110 -0.16 -12.96 -6.50
N GLU A 111 -0.26 -12.05 -7.46
CA GLU A 111 0.45 -12.20 -8.73
C GLU A 111 1.91 -12.13 -8.47
N LYS A 112 2.23 -11.29 -7.52
CA LYS A 112 3.59 -10.92 -7.23
C LYS A 112 4.40 -12.13 -6.79
N LYS A 113 3.91 -12.85 -5.80
CA LYS A 113 4.54 -14.08 -5.34
C LYS A 113 4.56 -15.11 -6.47
N ALA A 114 3.47 -15.18 -7.20
CA ALA A 114 3.33 -16.11 -8.28
C ALA A 114 4.39 -15.83 -9.36
N ARG A 115 4.45 -14.61 -9.80
CA ARG A 115 5.41 -14.16 -10.79
C ARG A 115 6.85 -14.33 -10.29
N GLN A 116 7.07 -14.09 -9.00
CA GLN A 116 8.40 -14.18 -8.42
C GLN A 116 8.87 -15.63 -8.37
N ILE A 117 7.94 -16.53 -8.13
CA ILE A 117 8.23 -17.96 -8.11
C ILE A 117 8.36 -18.51 -9.55
N GLY A 118 7.76 -17.81 -10.48
CA GLY A 118 7.76 -18.23 -11.85
C GLY A 118 6.50 -19.02 -12.17
N GLU A 119 5.44 -18.70 -11.46
CA GLU A 119 4.16 -19.33 -11.62
C GLU A 119 3.31 -18.50 -12.56
N ALA A 120 3.22 -17.21 -12.29
CA ALA A 120 2.50 -16.30 -13.15
C ALA A 120 3.39 -15.93 -14.28
N ARG A 121 3.17 -16.54 -15.37
CA ARG A 121 3.97 -16.34 -16.51
C ARG A 121 3.24 -15.53 -17.54
N ALA A 122 1.98 -15.92 -17.80
CA ALA A 122 1.15 -15.38 -18.88
C ALA A 122 1.68 -15.90 -20.22
N GLN A 123 0.84 -16.67 -20.91
CA GLN A 123 1.11 -17.40 -22.18
C GLN A 123 2.11 -18.55 -21.95
N ARG A 124 2.24 -19.40 -22.94
CA ARG A 124 3.19 -20.49 -22.87
C ARG A 124 4.32 -20.22 -23.82
N GLN A 125 5.37 -20.95 -23.65
CA GLN A 125 6.55 -20.84 -24.44
C GLN A 125 6.89 -22.22 -24.97
N GLY A 1 19.02 26.14 20.81
CA GLY A 1 18.23 25.78 22.00
C GLY A 1 17.51 24.48 21.79
N SER A 2 16.32 24.34 22.35
CA SER A 2 15.55 23.11 22.23
C SER A 2 14.72 23.06 20.94
N HIS A 3 15.06 23.93 19.99
CA HIS A 3 14.42 24.03 18.69
C HIS A 3 12.96 24.41 18.85
N MET A 4 12.78 25.42 19.67
CA MET A 4 11.47 25.95 19.97
C MET A 4 11.18 27.07 19.01
N LEU A 5 10.48 26.75 17.97
CA LEU A 5 10.10 27.69 16.96
C LEU A 5 8.62 27.90 17.04
N ASP A 6 8.17 29.14 16.88
CA ASP A 6 6.74 29.49 16.89
C ASP A 6 6.11 29.10 18.22
N HIS A 7 4.82 29.04 18.28
CA HIS A 7 4.18 28.66 19.49
C HIS A 7 3.44 27.34 19.33
N LEU A 8 4.09 26.27 19.78
CA LEU A 8 3.54 24.90 19.82
C LEU A 8 3.34 24.26 18.44
N LEU A 9 4.16 23.29 18.16
CA LEU A 9 3.96 22.45 17.00
C LEU A 9 3.13 21.28 17.42
N GLU A 10 1.93 21.19 16.89
CA GLU A 10 0.99 20.18 17.27
C GLU A 10 1.36 18.83 16.67
N MET A 11 1.97 18.89 15.48
CA MET A 11 2.35 17.71 14.70
C MET A 11 1.12 16.94 14.26
N ILE A 12 0.54 17.40 13.20
CA ILE A 12 -0.64 16.80 12.65
C ILE A 12 -0.25 16.22 11.28
N LEU A 13 -0.80 15.06 10.95
CA LEU A 13 -0.44 14.32 9.73
C LEU A 13 1.02 13.92 9.75
N LEU A 14 1.83 14.74 9.17
CA LEU A 14 3.26 14.53 9.05
C LEU A 14 3.95 15.89 9.00
N VAL A 15 3.54 16.70 8.02
CA VAL A 15 4.03 18.06 7.75
C VAL A 15 5.45 18.04 7.19
N SER A 16 6.36 17.56 7.97
CA SER A 16 7.74 17.46 7.55
C SER A 16 8.31 16.06 7.76
N GLU A 17 7.50 15.18 8.31
CA GLU A 17 7.91 13.80 8.45
C GLU A 17 7.61 13.08 7.16
N MET A 18 8.62 12.80 6.40
CA MET A 18 8.43 12.16 5.13
C MET A 18 8.60 10.67 5.24
N GLU A 19 9.20 10.26 6.33
CA GLU A 19 9.47 8.88 6.59
C GLU A 19 9.18 8.59 8.03
N GLU A 20 8.23 7.73 8.30
CA GLU A 20 8.01 7.25 9.63
C GLU A 20 7.29 5.93 9.63
N LEU A 21 8.03 4.89 9.50
CA LEU A 21 7.49 3.59 9.58
C LEU A 21 7.58 3.11 11.01
N LYS A 22 8.74 3.45 11.65
CA LYS A 22 9.03 3.22 13.05
C LYS A 22 9.23 1.77 13.31
N ALA A 23 8.16 1.07 13.19
CA ALA A 23 8.08 -0.31 13.39
C ALA A 23 6.67 -0.70 13.05
N ASN A 24 6.48 -1.10 11.84
CA ASN A 24 5.17 -1.43 11.34
C ASN A 24 5.08 -2.94 11.15
N PRO A 25 4.58 -3.66 12.20
CA PRO A 25 4.60 -5.11 12.27
C PRO A 25 3.27 -5.79 11.98
N ASN A 26 2.41 -5.13 11.27
CA ASN A 26 1.13 -5.73 10.94
C ASN A 26 1.37 -6.78 9.86
N ARG A 27 1.21 -8.05 10.25
CA ARG A 27 1.51 -9.25 9.43
C ARG A 27 3.01 -9.41 9.30
N ARG A 28 3.61 -8.44 8.66
CA ARG A 28 5.04 -8.36 8.47
C ARG A 28 5.35 -6.97 7.95
N ALA A 29 4.49 -6.50 7.06
CA ALA A 29 4.59 -5.21 6.48
C ALA A 29 3.27 -4.90 5.83
N VAL A 30 2.87 -3.68 5.98
CA VAL A 30 1.67 -3.11 5.39
C VAL A 30 2.05 -1.70 5.06
N GLY A 31 1.24 -0.98 4.39
CA GLY A 31 1.58 0.36 4.05
C GLY A 31 0.78 1.32 4.85
N THR A 32 1.21 2.52 4.92
CA THR A 32 0.54 3.50 5.71
C THR A 32 0.03 4.61 4.80
N VAL A 33 -1.17 5.06 5.06
CA VAL A 33 -1.76 6.14 4.30
C VAL A 33 -1.23 7.45 4.86
N ILE A 34 -0.92 8.39 4.02
CA ILE A 34 -0.40 9.65 4.49
C ILE A 34 -1.47 10.72 4.54
N GLU A 35 -2.34 10.72 3.54
CA GLU A 35 -3.49 11.61 3.51
C GLU A 35 -4.58 10.98 2.68
N ALA A 36 -5.81 11.32 2.97
CA ALA A 36 -6.93 10.79 2.26
C ALA A 36 -7.96 11.87 2.07
N LYS A 37 -8.50 12.00 0.87
CA LYS A 37 -9.47 13.04 0.62
C LYS A 37 -10.30 12.73 -0.61
N LEU A 38 -11.23 13.58 -0.87
CA LEU A 38 -12.14 13.42 -1.97
C LEU A 38 -11.56 14.03 -3.24
N ASP A 39 -11.85 13.42 -4.33
CA ASP A 39 -11.52 13.97 -5.61
C ASP A 39 -12.80 13.95 -6.44
N LYS A 40 -13.14 15.07 -7.02
CA LYS A 40 -14.40 15.18 -7.77
C LYS A 40 -14.36 14.50 -9.14
N GLY A 41 -13.20 14.10 -9.57
CA GLY A 41 -13.08 13.47 -10.87
C GLY A 41 -12.53 12.06 -10.77
N ARG A 42 -11.63 11.87 -9.86
CA ARG A 42 -10.96 10.58 -9.67
C ARG A 42 -11.67 9.74 -8.61
N GLY A 43 -12.53 10.38 -7.83
CA GLY A 43 -13.27 9.69 -6.82
C GLY A 43 -12.50 9.64 -5.53
N PRO A 44 -12.75 8.65 -4.67
CA PRO A 44 -11.98 8.49 -3.44
C PRO A 44 -10.49 8.27 -3.73
N VAL A 45 -9.67 9.20 -3.30
CA VAL A 45 -8.24 9.09 -3.49
C VAL A 45 -7.52 9.05 -2.16
N ALA A 46 -6.55 8.19 -2.08
CA ALA A 46 -5.79 8.03 -0.86
C ALA A 46 -4.32 8.04 -1.17
N THR A 47 -3.65 9.04 -0.70
CA THR A 47 -2.23 9.14 -0.88
C THR A 47 -1.59 8.30 0.21
N LEU A 48 -0.87 7.31 -0.18
CA LEU A 48 -0.30 6.40 0.75
C LEU A 48 1.16 6.10 0.41
N LEU A 49 1.81 5.38 1.28
CA LEU A 49 3.16 4.95 1.06
C LEU A 49 3.13 3.41 1.10
N VAL A 50 3.39 2.78 -0.05
CA VAL A 50 3.36 1.32 -0.13
C VAL A 50 4.61 0.69 0.50
N GLN A 51 4.38 -0.20 1.43
CA GLN A 51 5.46 -0.83 2.19
C GLN A 51 5.42 -2.35 2.09
N ALA A 52 4.30 -2.90 1.64
CA ALA A 52 4.13 -4.35 1.67
C ALA A 52 4.45 -4.95 0.32
N GLY A 53 4.94 -4.13 -0.57
CA GLY A 53 5.34 -4.61 -1.82
C GLY A 53 5.15 -3.61 -2.89
N THR A 54 4.45 -4.01 -3.89
CA THR A 54 4.27 -3.23 -5.09
C THR A 54 2.81 -2.86 -5.23
N LEU A 55 2.55 -1.67 -5.68
CA LEU A 55 1.19 -1.23 -5.88
C LEU A 55 1.00 -1.03 -7.37
N LYS A 56 0.09 -1.76 -7.91
CA LYS A 56 -0.21 -1.71 -9.31
C LYS A 56 -1.71 -1.54 -9.47
N VAL A 57 -2.13 -0.99 -10.58
CA VAL A 57 -3.53 -0.91 -10.85
C VAL A 57 -4.10 -2.30 -11.06
N GLY A 58 -5.19 -2.58 -10.42
CA GLY A 58 -5.75 -3.89 -10.51
C GLY A 58 -5.50 -4.72 -9.26
N ASP A 59 -4.68 -4.21 -8.33
CA ASP A 59 -4.43 -4.93 -7.07
C ASP A 59 -5.62 -4.88 -6.14
N PRO A 60 -5.97 -6.03 -5.55
CA PRO A 60 -6.96 -6.09 -4.49
C PRO A 60 -6.35 -5.53 -3.21
N ILE A 61 -6.93 -4.49 -2.70
CA ILE A 61 -6.39 -3.83 -1.54
C ILE A 61 -7.38 -3.73 -0.41
N VAL A 62 -6.87 -3.53 0.76
CA VAL A 62 -7.66 -3.34 1.95
C VAL A 62 -7.07 -2.18 2.75
N VAL A 63 -7.85 -1.11 2.86
CA VAL A 63 -7.42 0.11 3.54
C VAL A 63 -8.48 0.47 4.56
N GLY A 64 -8.10 0.61 5.81
CA GLY A 64 -9.07 0.92 6.87
C GLY A 64 -10.16 -0.12 6.92
N THR A 65 -9.74 -1.39 6.80
CA THR A 65 -10.57 -2.60 6.75
C THR A 65 -11.58 -2.63 5.57
N THR A 66 -11.52 -1.62 4.72
CA THR A 66 -12.36 -1.56 3.56
C THR A 66 -11.57 -2.10 2.37
N TYR A 67 -12.16 -2.93 1.57
CA TYR A 67 -11.47 -3.53 0.46
C TYR A 67 -11.96 -3.02 -0.85
N GLY A 68 -11.09 -3.01 -1.81
CA GLY A 68 -11.39 -2.55 -3.12
C GLY A 68 -10.33 -3.01 -4.09
N ARG A 69 -10.29 -2.40 -5.23
CA ARG A 69 -9.33 -2.72 -6.25
C ARG A 69 -8.76 -1.42 -6.79
N VAL A 70 -7.47 -1.36 -6.98
CA VAL A 70 -6.82 -0.15 -7.45
C VAL A 70 -7.23 0.22 -8.86
N ARG A 71 -7.82 1.36 -8.99
CA ARG A 71 -8.26 1.90 -10.24
C ARG A 71 -7.11 2.57 -11.03
N ALA A 72 -6.52 3.58 -10.45
CA ALA A 72 -5.46 4.34 -11.08
C ALA A 72 -4.38 4.57 -10.08
N MET A 73 -3.18 4.71 -10.57
CA MET A 73 -2.04 4.92 -9.74
C MET A 73 -1.51 6.27 -10.06
N VAL A 74 -1.51 7.15 -9.12
CA VAL A 74 -0.96 8.46 -9.35
C VAL A 74 0.11 8.67 -8.33
N ASN A 75 1.29 9.02 -8.74
CA ASN A 75 2.36 9.13 -7.78
C ASN A 75 2.46 10.54 -7.29
N ASP A 76 3.32 10.76 -6.32
CA ASP A 76 3.52 12.06 -5.66
C ASP A 76 3.86 13.19 -6.65
N SER A 77 4.48 12.84 -7.77
CA SER A 77 4.84 13.82 -8.76
C SER A 77 3.62 14.22 -9.61
N GLY A 78 2.53 13.46 -9.50
CA GLY A 78 1.30 13.84 -10.18
C GLY A 78 1.11 13.12 -11.47
N ARG A 79 1.94 12.16 -11.73
CA ARG A 79 1.85 11.38 -12.93
C ARG A 79 1.11 10.11 -12.67
N ARG A 80 0.12 9.86 -13.48
CA ARG A 80 -0.68 8.68 -13.37
C ARG A 80 0.06 7.57 -14.12
N VAL A 81 0.31 6.50 -13.44
CA VAL A 81 1.09 5.39 -13.95
C VAL A 81 0.30 4.11 -13.77
N LYS A 82 0.90 3.00 -14.07
CA LYS A 82 0.21 1.74 -13.93
C LYS A 82 0.61 1.06 -12.64
N GLU A 83 1.84 1.29 -12.22
CA GLU A 83 2.36 0.65 -11.05
C GLU A 83 3.44 1.49 -10.39
N ALA A 84 3.64 1.26 -9.12
CA ALA A 84 4.64 1.91 -8.34
C ALA A 84 5.23 0.89 -7.39
N GLY A 85 6.46 1.06 -7.03
CA GLY A 85 7.11 0.11 -6.19
C GLY A 85 7.15 0.56 -4.77
N PRO A 86 7.67 -0.26 -3.85
CA PRO A 86 7.74 0.07 -2.43
C PRO A 86 8.56 1.32 -2.16
N SER A 87 8.26 1.96 -1.03
CA SER A 87 8.92 3.19 -0.60
C SER A 87 8.52 4.40 -1.46
N MET A 88 7.43 4.28 -2.21
CA MET A 88 6.97 5.38 -3.03
C MET A 88 5.58 5.82 -2.59
N PRO A 89 5.34 7.15 -2.52
CA PRO A 89 4.04 7.69 -2.22
C PRO A 89 3.18 7.75 -3.48
N VAL A 90 2.01 7.16 -3.42
CA VAL A 90 1.09 7.13 -4.53
C VAL A 90 -0.31 7.24 -4.02
N GLU A 91 -1.19 7.68 -4.87
CA GLU A 91 -2.58 7.75 -4.55
C GLU A 91 -3.29 6.64 -5.26
N ILE A 92 -4.03 5.88 -4.52
CA ILE A 92 -4.82 4.84 -5.09
C ILE A 92 -6.23 5.32 -5.25
N THR A 93 -6.99 4.55 -5.93
CA THR A 93 -8.37 4.82 -6.23
C THR A 93 -9.08 3.50 -6.35
N GLY A 94 -10.39 3.52 -6.37
CA GLY A 94 -11.16 2.31 -6.56
C GLY A 94 -11.48 1.58 -5.28
N LEU A 95 -11.30 2.24 -4.15
CA LEU A 95 -11.66 1.65 -2.87
C LEU A 95 -13.19 1.67 -2.75
N HIS A 96 -13.77 2.71 -3.36
CA HIS A 96 -15.21 3.00 -3.42
C HIS A 96 -15.72 3.35 -2.00
N ASP A 97 -14.79 3.73 -1.17
CA ASP A 97 -15.08 4.18 0.18
C ASP A 97 -14.02 5.19 0.49
N VAL A 98 -14.03 5.76 1.65
CA VAL A 98 -13.12 6.83 1.95
C VAL A 98 -12.26 6.43 3.15
N PRO A 99 -10.96 6.25 2.93
CA PRO A 99 -10.04 5.85 3.99
C PRO A 99 -9.63 7.05 4.85
N GLN A 100 -8.88 6.79 5.88
CA GLN A 100 -8.42 7.80 6.73
C GLN A 100 -6.94 7.95 6.53
N ALA A 101 -6.47 9.13 6.69
CA ALA A 101 -5.06 9.43 6.65
C ALA A 101 -4.39 8.84 7.88
N GLY A 102 -3.24 8.26 7.72
CA GLY A 102 -2.53 7.68 8.83
C GLY A 102 -2.95 6.25 9.09
N ASP A 103 -3.89 5.75 8.29
CA ASP A 103 -4.40 4.40 8.44
C ASP A 103 -3.44 3.46 7.72
N ARG A 104 -3.87 2.26 7.50
CA ARG A 104 -3.00 1.25 7.01
C ARG A 104 -3.66 0.41 5.96
N PHE A 105 -2.87 -0.07 5.05
CA PHE A 105 -3.38 -0.91 4.01
C PHE A 105 -2.41 -2.03 3.75
N MET A 106 -2.90 -3.07 3.24
CA MET A 106 -2.06 -4.17 2.86
C MET A 106 -2.21 -4.36 1.38
N VAL A 107 -1.11 -4.39 0.68
CA VAL A 107 -1.15 -4.58 -0.73
C VAL A 107 -0.79 -6.02 -1.02
N PHE A 108 -1.51 -6.63 -1.91
CA PHE A 108 -1.25 -7.98 -2.31
C PHE A 108 -1.69 -8.19 -3.73
N GLU A 109 -0.85 -8.80 -4.51
CA GLU A 109 -1.14 -9.05 -5.91
C GLU A 109 -2.10 -10.23 -6.02
N ASP A 110 -2.93 -10.18 -7.04
CA ASP A 110 -4.02 -11.15 -7.27
C ASP A 110 -3.46 -12.57 -7.43
N GLU A 111 -2.54 -12.72 -8.37
CA GLU A 111 -1.92 -14.01 -8.64
C GLU A 111 -1.11 -14.49 -7.45
N LYS A 112 -0.51 -13.55 -6.76
CA LYS A 112 0.37 -13.85 -5.66
C LYS A 112 -0.41 -14.32 -4.47
N LYS A 113 -1.54 -13.71 -4.29
CA LYS A 113 -2.49 -14.09 -3.27
C LYS A 113 -2.94 -15.52 -3.53
N ALA A 114 -3.27 -15.80 -4.79
CA ALA A 114 -3.73 -17.11 -5.19
C ALA A 114 -2.62 -18.14 -4.98
N ARG A 115 -1.42 -17.77 -5.38
CA ARG A 115 -0.20 -18.56 -5.28
C ARG A 115 0.10 -18.92 -3.83
N GLN A 116 -0.19 -18.00 -2.93
CA GLN A 116 0.06 -18.18 -1.51
C GLN A 116 -1.01 -19.12 -0.92
N ILE A 117 -2.23 -19.05 -1.45
CA ILE A 117 -3.34 -19.85 -0.96
C ILE A 117 -3.32 -21.30 -1.50
N GLY A 118 -3.25 -21.45 -2.81
CA GLY A 118 -3.27 -22.80 -3.35
C GLY A 118 -3.00 -22.90 -4.84
N GLU A 119 -2.61 -21.81 -5.46
CA GLU A 119 -2.29 -21.86 -6.88
C GLU A 119 -0.86 -22.37 -7.05
N ALA A 120 -0.01 -22.09 -6.04
CA ALA A 120 1.43 -22.43 -6.07
C ALA A 120 2.09 -21.74 -7.24
N ARG A 121 3.26 -22.16 -7.63
CA ARG A 121 3.93 -21.54 -8.75
C ARG A 121 3.29 -21.97 -10.08
N ALA A 122 2.75 -23.18 -10.08
CA ALA A 122 2.04 -23.75 -11.22
C ALA A 122 2.94 -23.98 -12.43
N GLN A 123 3.77 -25.00 -12.33
CA GLN A 123 4.66 -25.39 -13.40
C GLN A 123 5.09 -26.83 -13.17
N ARG A 124 5.61 -27.47 -14.20
CA ARG A 124 6.09 -28.85 -14.14
C ARG A 124 6.84 -29.19 -15.43
N GLN A 125 8.14 -29.25 -15.34
CA GLN A 125 8.96 -29.53 -16.48
C GLN A 125 9.94 -30.60 -16.08
N GLY A 1 25.10 5.13 -5.37
CA GLY A 1 26.48 5.30 -5.78
C GLY A 1 27.34 4.34 -5.02
N SER A 2 28.64 4.44 -5.19
CA SER A 2 29.55 3.59 -4.47
C SER A 2 29.71 4.12 -3.05
N HIS A 3 28.90 3.61 -2.15
CA HIS A 3 28.92 4.06 -0.79
C HIS A 3 29.03 2.89 0.17
N MET A 4 30.26 2.47 0.41
CA MET A 4 30.53 1.47 1.43
C MET A 4 30.89 2.16 2.72
N LEU A 5 30.80 3.49 2.69
CA LEU A 5 31.18 4.36 3.81
C LEU A 5 30.11 4.42 4.90
N ASP A 6 29.18 3.50 4.85
CA ASP A 6 28.18 3.37 5.87
C ASP A 6 28.69 2.36 6.86
N HIS A 7 29.12 2.83 7.99
CA HIS A 7 29.69 1.93 8.97
C HIS A 7 28.71 1.62 10.08
N LEU A 8 27.46 1.97 9.85
CA LEU A 8 26.40 1.66 10.80
C LEU A 8 25.86 0.29 10.49
N LEU A 9 25.81 -0.02 9.20
CA LEU A 9 25.38 -1.31 8.67
C LEU A 9 23.87 -1.50 8.80
N GLU A 10 23.40 -1.81 10.01
CA GLU A 10 22.00 -2.12 10.28
C GLU A 10 21.52 -3.19 9.33
N MET A 11 22.02 -4.40 9.53
CA MET A 11 21.71 -5.47 8.62
C MET A 11 20.34 -6.03 8.85
N ILE A 12 19.39 -5.45 8.17
CA ILE A 12 18.03 -5.91 8.18
C ILE A 12 17.87 -6.80 6.96
N LEU A 13 17.98 -6.17 5.79
CA LEU A 13 17.88 -6.82 4.47
C LEU A 13 16.51 -7.47 4.23
N LEU A 14 16.34 -8.02 3.02
CA LEU A 14 15.12 -8.73 2.61
C LEU A 14 13.93 -7.79 2.54
N VAL A 15 13.73 -7.16 1.41
CA VAL A 15 12.66 -6.18 1.25
C VAL A 15 11.28 -6.83 1.08
N SER A 16 11.22 -8.14 1.13
CA SER A 16 9.94 -8.83 1.11
C SER A 16 9.64 -9.50 2.45
N GLU A 17 10.64 -9.50 3.34
CA GLU A 17 10.48 -10.03 4.69
C GLU A 17 11.30 -9.25 5.68
N MET A 18 10.93 -8.02 5.82
CA MET A 18 11.47 -7.14 6.79
C MET A 18 10.33 -6.83 7.73
N GLU A 19 10.58 -6.20 8.82
CA GLU A 19 9.51 -5.90 9.71
C GLU A 19 9.36 -4.42 9.87
N GLU A 20 8.23 -3.92 9.47
CA GLU A 20 7.88 -2.60 9.82
C GLU A 20 7.00 -2.69 11.02
N LEU A 21 7.57 -2.33 12.12
CA LEU A 21 6.95 -2.51 13.42
C LEU A 21 7.00 -1.24 14.25
N LYS A 22 7.52 -0.18 13.66
CA LYS A 22 7.64 1.08 14.38
C LYS A 22 6.53 2.03 13.95
N ALA A 23 6.19 1.94 12.69
CA ALA A 23 5.11 2.75 12.14
C ALA A 23 3.87 1.87 11.93
N ASN A 24 4.09 0.59 11.81
CA ASN A 24 3.04 -0.36 11.56
C ASN A 24 3.02 -1.43 12.62
N PRO A 25 1.91 -1.59 13.34
CA PRO A 25 1.78 -2.61 14.38
C PRO A 25 1.44 -4.00 13.81
N ASN A 26 1.05 -4.04 12.56
CA ASN A 26 0.56 -5.27 11.93
C ASN A 26 1.69 -6.18 11.49
N ARG A 27 2.91 -5.66 11.58
CA ARG A 27 4.14 -6.41 11.28
C ARG A 27 4.32 -6.79 9.80
N ARG A 28 5.47 -7.41 9.52
CA ARG A 28 5.93 -7.76 8.18
C ARG A 28 5.92 -6.58 7.21
N ALA A 29 5.05 -6.66 6.21
CA ALA A 29 4.99 -5.68 5.18
C ALA A 29 3.58 -5.15 5.04
N VAL A 30 3.39 -3.97 5.54
CA VAL A 30 2.15 -3.22 5.51
C VAL A 30 2.54 -1.76 5.45
N GLY A 31 1.65 -0.89 5.07
CA GLY A 31 2.02 0.49 4.94
C GLY A 31 1.09 1.41 5.66
N THR A 32 1.38 2.67 5.62
CA THR A 32 0.58 3.69 6.22
C THR A 32 0.06 4.66 5.18
N VAL A 33 -1.14 5.15 5.40
CA VAL A 33 -1.76 6.09 4.51
C VAL A 33 -1.32 7.49 4.92
N ILE A 34 -0.93 8.31 3.98
CA ILE A 34 -0.43 9.63 4.30
C ILE A 34 -1.51 10.69 4.24
N GLU A 35 -2.44 10.51 3.34
CA GLU A 35 -3.63 11.34 3.26
C GLU A 35 -4.70 10.58 2.51
N ALA A 36 -5.94 10.82 2.84
CA ALA A 36 -7.03 10.14 2.21
C ALA A 36 -8.19 11.08 2.11
N LYS A 37 -8.78 11.17 0.94
CA LYS A 37 -9.84 12.13 0.71
C LYS A 37 -10.50 11.85 -0.63
N LEU A 38 -11.49 12.60 -0.94
CA LEU A 38 -12.17 12.43 -2.19
C LEU A 38 -11.50 13.26 -3.26
N ASP A 39 -11.61 12.82 -4.46
CA ASP A 39 -11.17 13.59 -5.57
C ASP A 39 -12.29 13.73 -6.53
N LYS A 40 -12.68 14.95 -6.76
CA LYS A 40 -13.80 15.27 -7.63
C LYS A 40 -13.66 14.75 -9.08
N GLY A 41 -12.47 14.43 -9.52
CA GLY A 41 -12.30 13.97 -10.88
C GLY A 41 -11.89 12.52 -10.97
N ARG A 42 -11.03 12.10 -10.07
CA ARG A 42 -10.52 10.73 -10.07
C ARG A 42 -11.41 9.77 -9.30
N GLY A 43 -12.05 10.27 -8.27
CA GLY A 43 -12.88 9.43 -7.44
C GLY A 43 -12.33 9.37 -6.04
N PRO A 44 -12.61 8.33 -5.27
CA PRO A 44 -12.04 8.16 -3.92
C PRO A 44 -10.54 7.88 -4.04
N VAL A 45 -9.73 8.77 -3.51
CA VAL A 45 -8.29 8.63 -3.62
C VAL A 45 -7.64 8.46 -2.26
N ALA A 46 -6.63 7.66 -2.23
CA ALA A 46 -5.90 7.41 -1.03
C ALA A 46 -4.42 7.51 -1.32
N THR A 47 -3.79 8.51 -0.78
CA THR A 47 -2.39 8.69 -0.94
C THR A 47 -1.72 7.91 0.16
N LEU A 48 -0.99 6.94 -0.20
CA LEU A 48 -0.39 6.07 0.75
C LEU A 48 1.07 5.84 0.43
N LEU A 49 1.76 5.21 1.32
CA LEU A 49 3.14 4.84 1.10
C LEU A 49 3.20 3.32 1.02
N VAL A 50 3.37 2.78 -0.17
CA VAL A 50 3.39 1.33 -0.33
C VAL A 50 4.65 0.70 0.28
N GLN A 51 4.45 0.02 1.37
CA GLN A 51 5.50 -0.63 2.10
C GLN A 51 5.27 -2.13 2.03
N ALA A 52 4.06 -2.51 1.65
CA ALA A 52 3.62 -3.89 1.65
C ALA A 52 4.17 -4.69 0.46
N GLY A 53 4.85 -4.02 -0.44
CA GLY A 53 5.44 -4.70 -1.55
C GLY A 53 5.38 -3.90 -2.81
N THR A 54 4.39 -4.12 -3.61
CA THR A 54 4.26 -3.44 -4.87
C THR A 54 2.80 -3.13 -5.12
N LEU A 55 2.52 -1.96 -5.63
CA LEU A 55 1.15 -1.56 -5.89
C LEU A 55 1.00 -1.43 -7.39
N LYS A 56 -0.07 -1.95 -7.93
CA LYS A 56 -0.32 -1.88 -9.35
C LYS A 56 -1.84 -1.78 -9.57
N VAL A 57 -2.24 -1.40 -10.76
CA VAL A 57 -3.63 -1.33 -11.08
C VAL A 57 -4.25 -2.72 -11.20
N GLY A 58 -5.44 -2.85 -10.66
CA GLY A 58 -6.15 -4.09 -10.71
C GLY A 58 -6.00 -4.90 -9.45
N ASP A 59 -5.09 -4.52 -8.56
CA ASP A 59 -4.88 -5.27 -7.33
C ASP A 59 -5.98 -5.01 -6.31
N PRO A 60 -6.56 -6.07 -5.72
CA PRO A 60 -7.49 -5.94 -4.61
C PRO A 60 -6.71 -5.65 -3.33
N ILE A 61 -6.82 -4.45 -2.89
CA ILE A 61 -6.05 -3.95 -1.79
C ILE A 61 -6.95 -3.67 -0.58
N VAL A 62 -6.37 -3.58 0.61
CA VAL A 62 -7.13 -3.32 1.82
C VAL A 62 -6.55 -2.12 2.52
N VAL A 63 -7.30 -1.04 2.60
CA VAL A 63 -6.84 0.19 3.23
C VAL A 63 -7.77 0.53 4.38
N GLY A 64 -7.25 0.44 5.59
CA GLY A 64 -8.05 0.71 6.76
C GLY A 64 -9.13 -0.33 6.92
N THR A 65 -10.36 0.08 6.82
CA THR A 65 -11.48 -0.82 6.91
C THR A 65 -12.14 -1.02 5.54
N THR A 66 -11.53 -0.50 4.51
CA THR A 66 -12.09 -0.62 3.21
C THR A 66 -11.14 -1.31 2.24
N TYR A 67 -11.64 -2.30 1.57
CA TYR A 67 -10.87 -2.96 0.57
C TYR A 67 -11.47 -2.64 -0.76
N GLY A 68 -10.67 -2.66 -1.77
CA GLY A 68 -11.12 -2.32 -3.08
C GLY A 68 -10.13 -2.74 -4.10
N ARG A 69 -10.26 -2.22 -5.27
CA ARG A 69 -9.40 -2.60 -6.35
C ARG A 69 -8.88 -1.36 -7.03
N VAL A 70 -7.58 -1.29 -7.20
CA VAL A 70 -6.91 -0.13 -7.77
C VAL A 70 -7.37 0.14 -9.22
N ARG A 71 -7.89 1.32 -9.45
CA ARG A 71 -8.35 1.75 -10.77
C ARG A 71 -7.23 2.52 -11.48
N ALA A 72 -6.77 3.57 -10.86
CA ALA A 72 -5.72 4.41 -11.40
C ALA A 72 -4.70 4.66 -10.32
N MET A 73 -3.48 4.80 -10.73
CA MET A 73 -2.37 5.01 -9.85
C MET A 73 -1.82 6.39 -10.13
N VAL A 74 -1.87 7.26 -9.19
CA VAL A 74 -1.28 8.58 -9.39
C VAL A 74 -0.15 8.70 -8.40
N ASN A 75 0.96 9.26 -8.78
CA ASN A 75 2.06 9.30 -7.85
C ASN A 75 2.23 10.69 -7.28
N ASP A 76 3.10 10.82 -6.29
CA ASP A 76 3.36 12.09 -5.59
C ASP A 76 3.79 13.22 -6.54
N SER A 77 4.38 12.88 -7.67
CA SER A 77 4.80 13.88 -8.62
C SER A 77 3.59 14.42 -9.42
N GLY A 78 2.45 13.76 -9.30
CA GLY A 78 1.22 14.28 -9.91
C GLY A 78 0.90 13.60 -11.21
N ARG A 79 1.77 12.74 -11.62
CA ARG A 79 1.60 12.01 -12.84
C ARG A 79 0.91 10.71 -12.57
N ARG A 80 0.02 10.35 -13.44
CA ARG A 80 -0.70 9.11 -13.32
C ARG A 80 0.15 8.01 -13.97
N VAL A 81 0.20 6.86 -13.33
CA VAL A 81 1.02 5.74 -13.72
C VAL A 81 0.19 4.47 -13.60
N LYS A 82 0.77 3.31 -13.80
CA LYS A 82 -0.02 2.07 -13.72
C LYS A 82 0.48 1.13 -12.62
N GLU A 83 1.69 1.37 -12.16
CA GLU A 83 2.32 0.54 -11.17
C GLU A 83 3.24 1.41 -10.34
N ALA A 84 3.47 1.01 -9.11
CA ALA A 84 4.31 1.75 -8.20
C ALA A 84 5.13 0.80 -7.34
N GLY A 85 6.39 1.11 -7.21
CA GLY A 85 7.28 0.32 -6.39
C GLY A 85 7.25 0.75 -4.94
N PRO A 86 7.84 -0.04 -4.02
CA PRO A 86 7.82 0.24 -2.59
C PRO A 86 8.54 1.52 -2.21
N SER A 87 8.12 2.08 -1.08
CA SER A 87 8.67 3.29 -0.48
C SER A 87 8.32 4.54 -1.30
N MET A 88 7.34 4.42 -2.17
CA MET A 88 6.88 5.53 -2.95
C MET A 88 5.44 5.88 -2.64
N PRO A 89 5.17 7.17 -2.36
CA PRO A 89 3.81 7.64 -2.14
C PRO A 89 3.01 7.69 -3.42
N VAL A 90 1.87 7.05 -3.40
CA VAL A 90 0.98 7.00 -4.54
C VAL A 90 -0.45 7.11 -4.09
N GLU A 91 -1.27 7.57 -4.98
CA GLU A 91 -2.67 7.75 -4.77
C GLU A 91 -3.42 6.72 -5.56
N ILE A 92 -4.06 5.85 -4.88
CA ILE A 92 -4.84 4.82 -5.51
C ILE A 92 -6.29 5.22 -5.55
N THR A 93 -7.07 4.45 -6.24
CA THR A 93 -8.48 4.65 -6.41
C THR A 93 -9.14 3.30 -6.49
N GLY A 94 -10.44 3.24 -6.31
CA GLY A 94 -11.11 1.96 -6.44
C GLY A 94 -11.57 1.38 -5.11
N LEU A 95 -11.52 2.17 -4.06
CA LEU A 95 -11.98 1.74 -2.77
C LEU A 95 -13.47 1.93 -2.62
N HIS A 96 -14.01 2.89 -3.36
CA HIS A 96 -15.42 3.29 -3.32
C HIS A 96 -15.82 3.77 -1.88
N ASP A 97 -14.81 4.13 -1.09
CA ASP A 97 -14.98 4.68 0.24
C ASP A 97 -13.82 5.61 0.48
N VAL A 98 -13.83 6.30 1.57
CA VAL A 98 -12.78 7.18 1.91
C VAL A 98 -12.06 6.60 3.13
N PRO A 99 -10.82 6.17 2.96
CA PRO A 99 -10.01 5.63 4.04
C PRO A 99 -9.50 6.73 4.97
N GLN A 100 -8.83 6.36 6.02
CA GLN A 100 -8.34 7.32 6.95
C GLN A 100 -6.84 7.53 6.82
N ALA A 101 -6.46 8.78 6.77
CA ALA A 101 -5.08 9.18 6.72
C ALA A 101 -4.41 8.84 8.05
N GLY A 102 -3.33 8.10 7.99
CA GLY A 102 -2.65 7.69 9.19
C GLY A 102 -2.97 6.26 9.53
N ASP A 103 -3.87 5.67 8.77
CA ASP A 103 -4.25 4.29 9.04
C ASP A 103 -3.28 3.34 8.33
N ARG A 104 -3.55 2.08 8.44
CA ARG A 104 -2.70 1.05 7.93
C ARG A 104 -3.39 0.30 6.82
N PHE A 105 -2.64 -0.08 5.84
CA PHE A 105 -3.17 -0.81 4.73
C PHE A 105 -2.25 -1.95 4.36
N MET A 106 -2.78 -2.86 3.63
CA MET A 106 -2.03 -3.97 3.12
C MET A 106 -2.28 -4.08 1.63
N VAL A 107 -1.24 -3.90 0.86
CA VAL A 107 -1.29 -4.12 -0.55
C VAL A 107 -0.65 -5.46 -0.79
N PHE A 108 -1.44 -6.42 -1.10
CA PHE A 108 -0.94 -7.74 -1.25
C PHE A 108 -1.78 -8.54 -2.23
N GLU A 109 -1.13 -9.04 -3.25
CA GLU A 109 -1.74 -10.00 -4.08
C GLU A 109 -0.79 -11.17 -4.18
N ASP A 110 -1.14 -12.15 -4.89
CA ASP A 110 -0.46 -13.40 -4.80
C ASP A 110 -0.67 -14.21 -6.05
N GLU A 111 -1.92 -14.35 -6.40
CA GLU A 111 -2.33 -15.14 -7.50
C GLU A 111 -1.98 -14.52 -8.82
N LYS A 112 -2.01 -13.20 -8.91
CA LYS A 112 -1.64 -12.48 -10.15
C LYS A 112 -0.20 -12.73 -10.53
N LYS A 113 0.64 -12.78 -9.53
CA LYS A 113 2.04 -13.02 -9.72
C LYS A 113 2.23 -14.45 -10.23
N ALA A 114 1.48 -15.36 -9.64
CA ALA A 114 1.53 -16.77 -9.92
C ALA A 114 0.76 -17.13 -11.23
N ARG A 115 -0.20 -16.32 -11.57
CA ARG A 115 -1.09 -16.50 -12.74
C ARG A 115 -0.31 -16.25 -14.01
N GLN A 116 0.70 -15.40 -13.91
CA GLN A 116 1.61 -15.12 -15.02
C GLN A 116 2.42 -16.37 -15.36
N ILE A 117 2.73 -17.13 -14.32
CA ILE A 117 3.44 -18.38 -14.47
C ILE A 117 2.45 -19.44 -14.93
N GLY A 118 1.25 -19.31 -14.45
CA GLY A 118 0.20 -20.19 -14.83
C GLY A 118 -0.17 -21.14 -13.74
N GLU A 119 0.02 -20.75 -12.50
CA GLU A 119 -0.35 -21.64 -11.42
C GLU A 119 -1.49 -21.03 -10.60
N ALA A 120 -1.50 -19.70 -10.52
CA ALA A 120 -2.50 -18.89 -9.80
C ALA A 120 -2.48 -19.13 -8.30
N ARG A 121 -2.99 -20.24 -7.90
CA ARG A 121 -3.10 -20.60 -6.51
C ARG A 121 -1.74 -20.95 -5.91
N ALA A 122 -1.11 -19.98 -5.32
CA ALA A 122 0.12 -20.18 -4.61
C ALA A 122 -0.26 -20.52 -3.17
N GLN A 123 -0.37 -21.78 -2.91
CA GLN A 123 -0.87 -22.26 -1.66
C GLN A 123 0.27 -22.73 -0.76
N ARG A 124 0.25 -22.31 0.48
CA ARG A 124 1.27 -22.64 1.43
C ARG A 124 0.64 -22.74 2.81
N GLN A 125 0.97 -23.77 3.53
CA GLN A 125 0.42 -23.95 4.83
C GLN A 125 1.50 -23.68 5.84
N GLY A 1 21.23 6.50 3.55
CA GLY A 1 22.59 6.84 3.95
C GLY A 1 23.29 7.66 2.92
N SER A 2 24.37 8.34 3.34
CA SER A 2 25.16 9.23 2.50
C SER A 2 24.40 10.54 2.16
N HIS A 3 25.10 11.64 2.26
CA HIS A 3 24.53 12.92 1.94
C HIS A 3 25.23 13.51 0.75
N MET A 4 24.47 14.03 -0.17
CA MET A 4 25.01 14.62 -1.37
C MET A 4 24.71 16.10 -1.38
N LEU A 5 23.44 16.43 -1.12
CA LEU A 5 22.94 17.81 -1.15
C LEU A 5 23.02 18.42 -2.56
N ASP A 6 22.68 19.71 -2.66
CA ASP A 6 22.68 20.51 -3.91
C ASP A 6 21.62 20.05 -4.88
N HIS A 7 21.91 19.02 -5.64
CA HIS A 7 20.95 18.49 -6.57
C HIS A 7 20.11 17.47 -5.83
N LEU A 8 18.96 17.93 -5.34
CA LEU A 8 18.04 17.14 -4.51
C LEU A 8 18.57 16.99 -3.09
N LEU A 9 17.67 16.81 -2.17
CA LEU A 9 18.03 16.71 -0.78
C LEU A 9 17.63 15.34 -0.27
N GLU A 10 18.34 14.87 0.73
CA GLU A 10 18.06 13.57 1.28
C GLU A 10 16.84 13.67 2.19
N MET A 11 15.90 12.78 2.02
CA MET A 11 14.68 12.79 2.80
C MET A 11 14.94 12.19 4.17
N ILE A 12 15.73 11.16 4.19
CA ILE A 12 16.14 10.54 5.42
C ILE A 12 17.43 11.21 5.85
N LEU A 13 17.38 11.95 6.93
CA LEU A 13 18.55 12.69 7.38
C LEU A 13 19.42 11.85 8.28
N LEU A 14 20.59 12.41 8.61
CA LEU A 14 21.60 11.80 9.48
C LEU A 14 22.31 10.64 8.79
N VAL A 15 21.56 9.63 8.46
CA VAL A 15 22.03 8.45 7.76
C VAL A 15 20.84 7.52 7.54
N SER A 16 20.10 7.32 8.60
CA SER A 16 18.93 6.49 8.62
C SER A 16 18.18 6.85 9.88
N GLU A 17 16.88 6.62 9.89
CA GLU A 17 16.11 6.85 11.08
C GLU A 17 16.37 5.72 12.04
N MET A 18 17.18 5.99 13.03
CA MET A 18 17.57 4.99 14.02
C MET A 18 16.36 4.49 14.77
N GLU A 19 15.44 5.37 15.00
CA GLU A 19 14.21 5.04 15.64
C GLU A 19 13.06 5.69 14.91
N GLU A 20 12.17 4.90 14.38
CA GLU A 20 11.00 5.42 13.74
C GLU A 20 9.81 4.50 13.96
N LEU A 21 8.67 5.10 14.19
CA LEU A 21 7.41 4.37 14.27
C LEU A 21 6.65 4.60 12.98
N LYS A 22 7.34 5.29 12.08
CA LYS A 22 6.82 5.67 10.79
C LYS A 22 6.91 4.52 9.80
N ALA A 23 7.62 3.47 10.20
CA ALA A 23 7.81 2.30 9.37
C ALA A 23 6.68 1.30 9.59
N ASN A 24 5.69 1.72 10.39
CA ASN A 24 4.49 0.93 10.73
C ASN A 24 4.84 -0.16 11.75
N PRO A 25 4.11 -0.21 12.89
CA PRO A 25 4.35 -1.19 13.96
C PRO A 25 3.99 -2.64 13.57
N ASN A 26 3.28 -2.80 12.47
CA ASN A 26 2.91 -4.12 11.96
C ASN A 26 4.03 -4.64 11.08
N ARG A 27 3.79 -5.73 10.37
CA ARG A 27 4.78 -6.28 9.46
C ARG A 27 4.92 -5.39 8.24
N ARG A 28 5.86 -5.70 7.37
CA ARG A 28 6.09 -4.90 6.17
C ARG A 28 5.16 -5.32 5.04
N ALA A 29 4.21 -6.19 5.36
CA ALA A 29 3.24 -6.66 4.40
C ALA A 29 2.09 -5.67 4.28
N VAL A 30 2.24 -4.54 4.94
CA VAL A 30 1.28 -3.48 4.93
C VAL A 30 2.01 -2.15 4.81
N GLY A 31 1.27 -1.08 4.79
CA GLY A 31 1.86 0.23 4.71
C GLY A 31 1.03 1.23 5.45
N THR A 32 1.40 2.48 5.38
CA THR A 32 0.67 3.51 6.07
C THR A 32 0.22 4.60 5.07
N VAL A 33 -0.97 5.12 5.25
CA VAL A 33 -1.53 6.15 4.37
C VAL A 33 -1.02 7.52 4.83
N ILE A 34 -0.67 8.39 3.89
CA ILE A 34 -0.17 9.71 4.23
C ILE A 34 -1.28 10.75 4.24
N GLU A 35 -2.15 10.69 3.26
CA GLU A 35 -3.29 11.58 3.16
C GLU A 35 -4.40 10.83 2.46
N ALA A 36 -5.62 11.10 2.82
CA ALA A 36 -6.73 10.42 2.24
C ALA A 36 -7.94 11.31 2.24
N LYS A 37 -8.70 11.29 1.17
CA LYS A 37 -9.89 12.10 1.05
C LYS A 37 -10.65 11.67 -0.20
N LEU A 38 -11.76 12.25 -0.42
CA LEU A 38 -12.57 11.95 -1.56
C LEU A 38 -12.24 12.91 -2.69
N ASP A 39 -12.39 12.46 -3.90
CA ASP A 39 -12.29 13.34 -5.02
C ASP A 39 -13.52 13.19 -5.88
N LYS A 40 -14.14 14.29 -6.21
CA LYS A 40 -15.37 14.31 -7.01
C LYS A 40 -15.15 13.85 -8.46
N GLY A 41 -13.92 13.82 -8.90
CA GLY A 41 -13.64 13.41 -10.25
C GLY A 41 -12.94 12.09 -10.31
N ARG A 42 -11.84 11.98 -9.60
CA ARG A 42 -11.02 10.76 -9.58
C ARG A 42 -11.74 9.66 -8.81
N GLY A 43 -12.54 10.07 -7.86
CA GLY A 43 -13.22 9.15 -7.00
C GLY A 43 -12.52 9.16 -5.68
N PRO A 44 -12.98 8.37 -4.70
CA PRO A 44 -12.25 8.18 -3.45
C PRO A 44 -10.77 7.83 -3.72
N VAL A 45 -9.90 8.68 -3.22
CA VAL A 45 -8.47 8.57 -3.43
C VAL A 45 -7.75 8.37 -2.10
N ALA A 46 -6.56 7.84 -2.17
CA ALA A 46 -5.76 7.61 -0.99
C ALA A 46 -4.29 7.69 -1.34
N THR A 47 -3.61 8.68 -0.84
CA THR A 47 -2.20 8.81 -1.05
C THR A 47 -1.53 8.08 0.06
N LEU A 48 -0.77 7.12 -0.26
CA LEU A 48 -0.20 6.26 0.70
C LEU A 48 1.27 6.01 0.43
N LEU A 49 1.92 5.34 1.34
CA LEU A 49 3.29 4.96 1.16
C LEU A 49 3.31 3.43 1.16
N VAL A 50 3.48 2.83 0.00
CA VAL A 50 3.41 1.38 -0.13
C VAL A 50 4.69 0.70 0.34
N GLN A 51 4.53 -0.20 1.29
CA GLN A 51 5.64 -1.02 1.79
C GLN A 51 5.29 -2.48 1.65
N ALA A 52 3.98 -2.73 1.45
CA ALA A 52 3.43 -4.06 1.39
C ALA A 52 3.97 -4.88 0.23
N GLY A 53 4.55 -4.21 -0.73
CA GLY A 53 5.12 -4.90 -1.82
C GLY A 53 5.32 -4.00 -2.99
N THR A 54 4.35 -3.97 -3.84
CA THR A 54 4.36 -3.17 -5.04
C THR A 54 2.92 -2.81 -5.25
N LEU A 55 2.64 -1.63 -5.69
CA LEU A 55 1.27 -1.27 -5.89
C LEU A 55 1.02 -1.18 -7.37
N LYS A 56 0.14 -2.00 -7.86
CA LYS A 56 -0.16 -2.03 -9.25
C LYS A 56 -1.67 -1.86 -9.45
N VAL A 57 -2.04 -1.34 -10.59
CA VAL A 57 -3.43 -1.23 -10.92
C VAL A 57 -4.02 -2.59 -11.21
N GLY A 58 -5.22 -2.80 -10.73
CA GLY A 58 -5.86 -4.07 -10.89
C GLY A 58 -5.80 -4.90 -9.64
N ASP A 59 -5.02 -4.47 -8.65
CA ASP A 59 -4.89 -5.22 -7.39
C ASP A 59 -6.02 -4.91 -6.43
N PRO A 60 -6.56 -5.94 -5.74
CA PRO A 60 -7.56 -5.76 -4.73
C PRO A 60 -6.89 -5.42 -3.39
N ILE A 61 -7.01 -4.20 -3.02
CA ILE A 61 -6.33 -3.66 -1.87
C ILE A 61 -7.31 -3.38 -0.75
N VAL A 62 -6.79 -3.23 0.43
CA VAL A 62 -7.61 -2.93 1.58
C VAL A 62 -6.99 -1.78 2.37
N VAL A 63 -7.76 -0.75 2.60
CA VAL A 63 -7.30 0.43 3.31
C VAL A 63 -8.24 0.67 4.48
N GLY A 64 -7.69 0.77 5.67
CA GLY A 64 -8.49 1.00 6.83
C GLY A 64 -9.31 -0.22 7.18
N THR A 65 -10.59 -0.17 6.87
CA THR A 65 -11.49 -1.24 7.08
C THR A 65 -12.22 -1.60 5.74
N THR A 66 -11.90 -0.90 4.68
CA THR A 66 -12.57 -1.07 3.42
C THR A 66 -11.62 -1.59 2.33
N TYR A 67 -12.11 -2.42 1.42
CA TYR A 67 -11.29 -2.94 0.36
C TYR A 67 -11.84 -2.52 -1.01
N GLY A 68 -10.99 -2.56 -1.99
CA GLY A 68 -11.36 -2.19 -3.32
C GLY A 68 -10.34 -2.67 -4.30
N ARG A 69 -10.36 -2.16 -5.50
CA ARG A 69 -9.43 -2.59 -6.50
C ARG A 69 -8.89 -1.37 -7.21
N VAL A 70 -7.57 -1.31 -7.32
CA VAL A 70 -6.90 -0.14 -7.83
C VAL A 70 -7.23 0.13 -9.29
N ARG A 71 -7.77 1.29 -9.51
CA ARG A 71 -8.13 1.77 -10.81
C ARG A 71 -6.93 2.43 -11.50
N ALA A 72 -6.42 3.46 -10.87
CA ALA A 72 -5.34 4.25 -11.42
C ALA A 72 -4.33 4.49 -10.34
N MET A 73 -3.15 4.84 -10.75
CA MET A 73 -2.05 5.03 -9.87
C MET A 73 -1.44 6.36 -10.24
N VAL A 74 -1.45 7.27 -9.36
CA VAL A 74 -0.82 8.55 -9.60
C VAL A 74 0.10 8.82 -8.44
N ASN A 75 1.26 9.32 -8.70
CA ASN A 75 2.22 9.47 -7.62
C ASN A 75 2.28 10.88 -7.19
N ASP A 76 3.07 11.14 -6.16
CA ASP A 76 3.23 12.49 -5.56
C ASP A 76 3.56 13.54 -6.62
N SER A 77 4.38 13.15 -7.58
CA SER A 77 4.84 14.08 -8.57
C SER A 77 3.76 14.38 -9.63
N GLY A 78 2.63 13.67 -9.56
CA GLY A 78 1.50 13.99 -10.43
C GLY A 78 1.49 13.16 -11.67
N ARG A 79 2.43 12.26 -11.76
CA ARG A 79 2.52 11.40 -12.90
C ARG A 79 1.70 10.16 -12.67
N ARG A 80 0.88 9.86 -13.64
CA ARG A 80 -0.01 8.72 -13.61
C ARG A 80 0.82 7.54 -14.11
N VAL A 81 0.73 6.42 -13.43
CA VAL A 81 1.53 5.25 -13.75
C VAL A 81 0.65 4.01 -13.66
N LYS A 82 1.21 2.88 -14.01
CA LYS A 82 0.48 1.61 -13.93
C LYS A 82 0.81 0.90 -12.63
N GLU A 83 2.05 1.03 -12.19
CA GLU A 83 2.51 0.43 -10.97
C GLU A 83 3.69 1.17 -10.36
N ALA A 84 3.81 1.08 -9.07
CA ALA A 84 4.85 1.75 -8.33
C ALA A 84 5.44 0.80 -7.30
N GLY A 85 6.70 1.00 -6.98
CA GLY A 85 7.38 0.12 -6.06
C GLY A 85 7.26 0.59 -4.63
N PRO A 86 7.85 -0.15 -3.68
CA PRO A 86 7.76 0.17 -2.27
C PRO A 86 8.59 1.39 -1.90
N SER A 87 8.26 1.97 -0.74
CA SER A 87 8.90 3.16 -0.20
C SER A 87 8.59 4.38 -1.08
N MET A 88 7.50 4.29 -1.82
CA MET A 88 7.11 5.34 -2.70
C MET A 88 5.66 5.77 -2.41
N PRO A 89 5.40 7.10 -2.42
CA PRO A 89 4.06 7.64 -2.22
C PRO A 89 3.25 7.65 -3.51
N VAL A 90 2.09 7.05 -3.47
CA VAL A 90 1.17 7.01 -4.59
C VAL A 90 -0.25 7.13 -4.11
N GLU A 91 -1.08 7.66 -4.95
CA GLU A 91 -2.46 7.82 -4.68
C GLU A 91 -3.23 6.84 -5.54
N ILE A 92 -3.94 5.97 -4.88
CA ILE A 92 -4.71 4.95 -5.54
C ILE A 92 -6.15 5.37 -5.63
N THR A 93 -6.91 4.59 -6.34
CA THR A 93 -8.32 4.81 -6.57
C THR A 93 -9.02 3.48 -6.72
N GLY A 94 -10.30 3.46 -6.47
CA GLY A 94 -11.07 2.24 -6.62
C GLY A 94 -11.46 1.64 -5.30
N LEU A 95 -11.60 2.47 -4.30
CA LEU A 95 -11.97 2.01 -2.99
C LEU A 95 -13.48 2.23 -2.79
N HIS A 96 -13.99 3.29 -3.43
CA HIS A 96 -15.42 3.69 -3.39
C HIS A 96 -15.85 4.03 -1.93
N ASP A 97 -14.88 4.34 -1.11
CA ASP A 97 -15.10 4.65 0.28
C ASP A 97 -14.05 5.64 0.71
N VAL A 98 -14.23 6.23 1.84
CA VAL A 98 -13.35 7.25 2.32
C VAL A 98 -12.28 6.65 3.26
N PRO A 99 -11.00 6.71 2.87
CA PRO A 99 -9.92 6.21 3.69
C PRO A 99 -9.46 7.24 4.72
N GLN A 100 -8.58 6.84 5.59
CA GLN A 100 -8.06 7.73 6.60
C GLN A 100 -6.56 7.84 6.52
N ALA A 101 -6.09 9.05 6.64
CA ALA A 101 -4.68 9.33 6.66
C ALA A 101 -4.09 8.82 7.96
N GLY A 102 -2.93 8.26 7.90
CA GLY A 102 -2.29 7.74 9.09
C GLY A 102 -2.77 6.36 9.45
N ASP A 103 -3.67 5.81 8.65
CA ASP A 103 -4.16 4.46 8.90
C ASP A 103 -3.28 3.50 8.12
N ARG A 104 -3.61 2.27 8.17
CA ARG A 104 -2.82 1.24 7.57
C ARG A 104 -3.57 0.61 6.42
N PHE A 105 -2.84 0.14 5.47
CA PHE A 105 -3.43 -0.52 4.32
C PHE A 105 -2.56 -1.72 3.97
N MET A 106 -3.08 -2.59 3.17
CA MET A 106 -2.37 -3.78 2.74
C MET A 106 -2.45 -3.91 1.23
N VAL A 107 -1.31 -4.15 0.60
CA VAL A 107 -1.24 -4.33 -0.84
C VAL A 107 -0.49 -5.62 -1.16
N PHE A 108 -0.98 -6.36 -2.11
CA PHE A 108 -0.29 -7.50 -2.63
C PHE A 108 -0.35 -7.42 -4.14
N GLU A 109 0.79 -7.44 -4.76
CA GLU A 109 0.89 -7.29 -6.19
C GLU A 109 0.90 -8.65 -6.83
N ASP A 110 1.64 -9.54 -6.21
CA ASP A 110 1.86 -10.92 -6.59
C ASP A 110 2.77 -11.05 -7.78
N GLU A 111 2.21 -10.79 -8.93
CA GLU A 111 2.84 -11.17 -10.15
C GLU A 111 4.04 -10.31 -10.53
N LYS A 112 4.06 -9.06 -10.08
CA LYS A 112 5.24 -8.20 -10.24
C LYS A 112 6.46 -8.87 -9.63
N LYS A 113 6.27 -9.44 -8.46
CA LYS A 113 7.35 -10.13 -7.76
C LYS A 113 7.56 -11.52 -8.30
N ALA A 114 6.46 -12.18 -8.66
CA ALA A 114 6.47 -13.55 -9.13
C ALA A 114 7.42 -13.71 -10.32
N ARG A 115 7.19 -12.93 -11.35
CA ARG A 115 7.97 -13.00 -12.55
C ARG A 115 9.37 -12.40 -12.34
N GLN A 116 9.49 -11.61 -11.32
CA GLN A 116 10.74 -10.96 -11.00
C GLN A 116 11.67 -11.92 -10.25
N ILE A 117 11.08 -12.83 -9.49
CA ILE A 117 11.84 -13.82 -8.74
C ILE A 117 12.10 -15.04 -9.63
N GLY A 118 11.04 -15.58 -10.19
CA GLY A 118 11.21 -16.72 -11.05
C GLY A 118 10.03 -17.65 -11.10
N GLU A 119 8.83 -17.11 -10.95
CA GLU A 119 7.59 -17.92 -11.10
C GLU A 119 7.52 -18.34 -12.56
N ALA A 120 7.90 -17.42 -13.39
CA ALA A 120 7.97 -17.60 -14.80
C ALA A 120 9.30 -17.10 -15.22
N ARG A 121 10.13 -17.94 -15.73
CA ARG A 121 11.45 -17.53 -16.12
C ARG A 121 11.50 -17.41 -17.63
N ALA A 122 11.19 -18.49 -18.29
CA ALA A 122 11.11 -18.52 -19.73
C ALA A 122 9.71 -18.09 -20.12
N GLN A 123 8.72 -18.57 -19.37
CA GLN A 123 7.32 -18.23 -19.60
C GLN A 123 6.50 -18.79 -18.44
N ARG A 124 5.24 -18.44 -18.36
CA ARG A 124 4.40 -18.98 -17.29
C ARG A 124 3.74 -20.27 -17.74
N GLN A 125 3.67 -20.46 -19.06
CA GLN A 125 3.02 -21.59 -19.71
C GLN A 125 1.53 -21.52 -19.49
N GLY A 1 18.50 -9.30 7.01
CA GLY A 1 19.28 -8.28 6.33
C GLY A 1 19.86 -8.85 5.07
N SER A 2 20.78 -8.15 4.48
CA SER A 2 21.39 -8.59 3.25
C SER A 2 22.91 -8.57 3.40
N HIS A 3 23.45 -7.41 3.66
CA HIS A 3 24.87 -7.27 3.82
C HIS A 3 25.18 -7.34 5.31
N MET A 4 25.11 -8.54 5.85
CA MET A 4 25.35 -8.72 7.25
C MET A 4 26.74 -9.24 7.48
N LEU A 5 27.57 -8.39 7.97
CA LEU A 5 28.92 -8.74 8.30
C LEU A 5 29.00 -9.03 9.77
N ASP A 6 30.00 -9.78 10.18
CA ASP A 6 30.17 -10.05 11.61
C ASP A 6 30.82 -8.83 12.25
N HIS A 7 31.51 -8.07 11.42
CA HIS A 7 32.12 -6.84 11.86
C HIS A 7 31.11 -5.72 11.77
N LEU A 8 30.63 -5.33 12.89
CA LEU A 8 29.73 -4.21 13.00
C LEU A 8 30.33 -3.28 14.03
N LEU A 9 30.65 -2.08 13.61
CA LEU A 9 31.27 -1.11 14.50
C LEU A 9 30.20 -0.48 15.38
N GLU A 10 28.98 -0.49 14.87
CA GLU A 10 27.80 0.01 15.54
C GLU A 10 27.83 1.52 15.75
N MET A 11 27.10 2.21 14.91
CA MET A 11 27.02 3.66 14.96
C MET A 11 25.61 4.09 15.27
N ILE A 12 25.47 5.15 16.05
CA ILE A 12 24.19 5.69 16.50
C ILE A 12 23.43 4.64 17.30
N LEU A 13 23.80 4.50 18.55
CA LEU A 13 23.16 3.55 19.42
C LEU A 13 22.14 4.27 20.26
N LEU A 14 20.96 4.36 19.73
CA LEU A 14 19.92 5.06 20.41
C LEU A 14 18.62 4.35 20.10
N VAL A 15 18.18 3.53 21.01
CA VAL A 15 17.00 2.72 20.79
C VAL A 15 15.77 3.32 21.45
N SER A 16 15.99 4.28 22.30
CA SER A 16 14.94 4.91 23.03
C SER A 16 14.27 5.99 22.17
N GLU A 17 13.21 5.62 21.53
CA GLU A 17 12.48 6.52 20.68
C GLU A 17 11.35 7.14 21.48
N MET A 18 10.40 6.29 21.88
CA MET A 18 9.21 6.65 22.68
C MET A 18 8.16 7.45 21.87
N GLU A 19 8.57 7.93 20.72
CA GLU A 19 7.70 8.68 19.85
C GLU A 19 6.77 7.74 19.13
N GLU A 20 5.50 7.97 19.29
CA GLU A 20 4.49 7.11 18.75
C GLU A 20 4.16 7.57 17.34
N LEU A 21 4.54 6.77 16.40
CA LEU A 21 4.43 7.06 14.98
C LEU A 21 3.81 5.84 14.26
N LYS A 22 3.25 4.97 15.07
CA LYS A 22 2.73 3.68 14.65
C LYS A 22 3.80 2.80 14.06
N ALA A 23 4.50 2.11 14.92
CA ALA A 23 5.43 1.12 14.47
C ALA A 23 4.61 -0.06 14.01
N ASN A 24 4.40 -0.11 12.71
CA ASN A 24 3.57 -1.11 12.03
C ASN A 24 3.87 -2.51 12.53
N PRO A 25 2.83 -3.23 13.02
CA PRO A 25 2.99 -4.57 13.57
C PRO A 25 3.53 -5.54 12.52
N ASN A 26 2.90 -5.53 11.36
CA ASN A 26 3.36 -6.37 10.28
C ASN A 26 4.34 -5.57 9.46
N ARG A 27 5.52 -5.41 10.03
CA ARG A 27 6.57 -4.61 9.45
C ARG A 27 6.99 -5.10 8.08
N ARG A 28 6.78 -4.22 7.09
CA ARG A 28 7.07 -4.44 5.67
C ARG A 28 6.05 -5.37 5.01
N ALA A 29 5.00 -5.68 5.72
CA ALA A 29 3.95 -6.51 5.17
C ALA A 29 2.67 -5.69 4.99
N VAL A 30 2.72 -4.47 5.49
CA VAL A 30 1.62 -3.52 5.41
C VAL A 30 2.23 -2.15 5.32
N GLY A 31 1.42 -1.16 5.15
CA GLY A 31 1.91 0.19 5.10
C GLY A 31 0.96 1.12 5.79
N THR A 32 1.28 2.39 5.79
CA THR A 32 0.47 3.37 6.44
C THR A 32 0.06 4.46 5.42
N VAL A 33 -1.18 4.89 5.50
CA VAL A 33 -1.69 5.93 4.63
C VAL A 33 -1.18 7.28 5.10
N ILE A 34 -0.77 8.14 4.19
CA ILE A 34 -0.28 9.43 4.59
C ILE A 34 -1.40 10.44 4.68
N GLU A 35 -2.27 10.44 3.69
CA GLU A 35 -3.43 11.29 3.71
C GLU A 35 -4.51 10.70 2.83
N ALA A 36 -5.73 11.07 3.08
CA ALA A 36 -6.84 10.56 2.32
C ALA A 36 -7.83 11.67 2.09
N LYS A 37 -8.34 11.78 0.88
CA LYS A 37 -9.26 12.86 0.55
C LYS A 37 -9.93 12.57 -0.77
N LEU A 38 -10.80 13.43 -1.16
CA LEU A 38 -11.49 13.28 -2.41
C LEU A 38 -10.72 13.96 -3.51
N ASP A 39 -10.88 13.47 -4.68
CA ASP A 39 -10.39 14.13 -5.83
C ASP A 39 -11.56 14.36 -6.73
N LYS A 40 -11.85 15.61 -7.00
CA LYS A 40 -13.00 15.99 -7.82
C LYS A 40 -13.04 15.35 -9.24
N GLY A 41 -11.91 14.87 -9.72
CA GLY A 41 -11.87 14.30 -11.04
C GLY A 41 -11.77 12.79 -11.02
N ARG A 42 -10.95 12.27 -10.13
CA ARG A 42 -10.70 10.84 -10.06
C ARG A 42 -11.76 10.15 -9.21
N GLY A 43 -12.17 10.82 -8.16
CA GLY A 43 -13.09 10.25 -7.22
C GLY A 43 -12.42 10.07 -5.87
N PRO A 44 -12.78 9.03 -5.11
CA PRO A 44 -12.13 8.73 -3.82
C PRO A 44 -10.67 8.30 -4.02
N VAL A 45 -9.74 9.08 -3.50
CA VAL A 45 -8.34 8.79 -3.61
C VAL A 45 -7.71 8.61 -2.24
N ALA A 46 -6.61 7.95 -2.20
CA ALA A 46 -5.89 7.75 -0.96
C ALA A 46 -4.42 7.83 -1.24
N THR A 47 -3.74 8.73 -0.58
CA THR A 47 -2.33 8.87 -0.77
C THR A 47 -1.65 8.03 0.29
N LEU A 48 -0.91 7.05 -0.12
CA LEU A 48 -0.29 6.19 0.82
C LEU A 48 1.16 5.95 0.47
N LEU A 49 1.87 5.36 1.40
CA LEU A 49 3.25 5.01 1.20
C LEU A 49 3.30 3.48 1.23
N VAL A 50 3.47 2.87 0.08
CA VAL A 50 3.45 1.42 -0.03
C VAL A 50 4.70 0.77 0.58
N GLN A 51 4.48 -0.03 1.62
CA GLN A 51 5.56 -0.72 2.30
C GLN A 51 5.38 -2.22 2.21
N ALA A 52 4.17 -2.64 1.84
CA ALA A 52 3.79 -4.04 1.84
C ALA A 52 4.40 -4.78 0.66
N GLY A 53 4.87 -4.03 -0.31
CA GLY A 53 5.44 -4.60 -1.48
C GLY A 53 5.36 -3.66 -2.64
N THR A 54 4.49 -3.97 -3.54
CA THR A 54 4.36 -3.22 -4.77
C THR A 54 2.89 -2.96 -5.05
N LEU A 55 2.55 -1.75 -5.39
CA LEU A 55 1.17 -1.37 -5.64
C LEU A 55 0.97 -1.32 -7.14
N LYS A 56 -0.01 -2.03 -7.64
CA LYS A 56 -0.28 -2.07 -9.07
C LYS A 56 -1.79 -2.05 -9.31
N VAL A 57 -2.20 -1.41 -10.39
CA VAL A 57 -3.60 -1.30 -10.76
C VAL A 57 -4.21 -2.64 -11.10
N GLY A 58 -5.46 -2.80 -10.78
CA GLY A 58 -6.18 -3.99 -11.14
C GLY A 58 -6.30 -4.96 -10.01
N ASP A 59 -5.44 -4.87 -9.04
CA ASP A 59 -5.47 -5.80 -7.93
C ASP A 59 -6.25 -5.29 -6.75
N PRO A 60 -6.97 -6.20 -6.05
CA PRO A 60 -7.64 -5.88 -4.80
C PRO A 60 -6.64 -5.56 -3.69
N ILE A 61 -6.95 -4.54 -2.96
CA ILE A 61 -6.13 -4.05 -1.87
C ILE A 61 -7.01 -3.84 -0.65
N VAL A 62 -6.41 -3.77 0.52
CA VAL A 62 -7.16 -3.55 1.75
C VAL A 62 -6.64 -2.31 2.44
N VAL A 63 -7.48 -1.30 2.57
CA VAL A 63 -7.12 -0.04 3.21
C VAL A 63 -8.17 0.27 4.25
N GLY A 64 -7.76 0.44 5.50
CA GLY A 64 -8.69 0.76 6.57
C GLY A 64 -9.71 -0.33 6.76
N THR A 65 -9.27 -1.57 6.58
CA THR A 65 -10.11 -2.78 6.64
C THR A 65 -11.24 -2.82 5.57
N THR A 66 -11.20 -1.88 4.65
CA THR A 66 -12.08 -1.89 3.52
C THR A 66 -11.26 -2.37 2.33
N TYR A 67 -11.82 -3.20 1.50
CA TYR A 67 -11.08 -3.69 0.39
C TYR A 67 -11.64 -3.12 -0.89
N GLY A 68 -10.79 -2.90 -1.81
CA GLY A 68 -11.18 -2.36 -3.06
C GLY A 68 -10.23 -2.81 -4.10
N ARG A 69 -10.30 -2.22 -5.24
CA ARG A 69 -9.45 -2.60 -6.33
C ARG A 69 -8.86 -1.34 -6.90
N VAL A 70 -7.59 -1.36 -7.17
CA VAL A 70 -6.91 -0.17 -7.64
C VAL A 70 -7.29 0.13 -9.08
N ARG A 71 -7.90 1.26 -9.30
CA ARG A 71 -8.33 1.62 -10.63
C ARG A 71 -7.20 2.34 -11.37
N ALA A 72 -6.71 3.41 -10.78
CA ALA A 72 -5.65 4.19 -11.37
C ALA A 72 -4.58 4.42 -10.35
N MET A 73 -3.38 4.62 -10.81
CA MET A 73 -2.26 4.85 -9.95
C MET A 73 -1.70 6.19 -10.32
N VAL A 74 -1.66 7.09 -9.41
CA VAL A 74 -1.15 8.41 -9.68
C VAL A 74 -0.18 8.75 -8.58
N ASN A 75 0.93 9.35 -8.92
CA ASN A 75 1.89 9.71 -7.88
C ASN A 75 1.64 11.16 -7.53
N ASP A 76 2.32 11.68 -6.53
CA ASP A 76 2.07 13.05 -6.01
C ASP A 76 2.30 14.15 -7.07
N SER A 77 3.13 13.89 -8.04
CA SER A 77 3.42 14.89 -9.04
C SER A 77 2.29 14.97 -10.10
N GLY A 78 1.48 13.92 -10.19
CA GLY A 78 0.21 14.01 -10.92
C GLY A 78 0.28 13.38 -12.24
N ARG A 79 0.90 12.28 -12.24
CA ARG A 79 1.14 11.48 -13.39
C ARG A 79 0.52 10.11 -13.19
N ARG A 80 -0.14 9.63 -14.21
CA ARG A 80 -0.73 8.33 -14.22
C ARG A 80 0.32 7.25 -14.48
N VAL A 81 0.30 6.22 -13.68
CA VAL A 81 1.14 5.06 -13.83
C VAL A 81 0.30 3.81 -13.61
N LYS A 82 0.89 2.66 -13.75
CA LYS A 82 0.17 1.40 -13.57
C LYS A 82 0.55 0.77 -12.25
N GLU A 83 1.77 0.97 -11.85
CA GLU A 83 2.28 0.42 -10.63
C GLU A 83 3.36 1.31 -10.05
N ALA A 84 3.67 1.09 -8.81
CA ALA A 84 4.68 1.83 -8.11
C ALA A 84 5.39 0.91 -7.16
N GLY A 85 6.65 1.19 -6.90
CA GLY A 85 7.43 0.36 -6.04
C GLY A 85 7.33 0.79 -4.61
N PRO A 86 7.89 0.01 -3.68
CA PRO A 86 7.83 0.32 -2.26
C PRO A 86 8.61 1.57 -1.91
N SER A 87 8.27 2.15 -0.76
CA SER A 87 8.87 3.36 -0.23
C SER A 87 8.49 4.60 -1.06
N MET A 88 7.45 4.45 -1.86
CA MET A 88 7.00 5.52 -2.72
C MET A 88 5.58 5.97 -2.37
N PRO A 89 5.33 7.31 -2.35
CA PRO A 89 4.00 7.86 -2.14
C PRO A 89 3.18 7.84 -3.43
N VAL A 90 2.01 7.25 -3.38
CA VAL A 90 1.11 7.21 -4.52
C VAL A 90 -0.32 7.33 -4.05
N GLU A 91 -1.17 7.74 -4.94
CA GLU A 91 -2.58 7.84 -4.68
C GLU A 91 -3.30 6.80 -5.50
N ILE A 92 -4.01 5.95 -4.82
CA ILE A 92 -4.80 4.93 -5.48
C ILE A 92 -6.23 5.37 -5.56
N THR A 93 -7.00 4.61 -6.26
CA THR A 93 -8.40 4.88 -6.49
C THR A 93 -9.12 3.57 -6.58
N GLY A 94 -10.42 3.60 -6.44
CA GLY A 94 -11.20 2.41 -6.60
C GLY A 94 -11.52 1.71 -5.29
N LEU A 95 -11.20 2.34 -4.16
CA LEU A 95 -11.59 1.77 -2.88
C LEU A 95 -13.09 1.97 -2.71
N HIS A 96 -13.52 3.16 -3.14
CA HIS A 96 -14.91 3.61 -3.18
C HIS A 96 -15.52 3.63 -1.75
N ASP A 97 -14.66 3.87 -0.81
CA ASP A 97 -15.02 4.00 0.58
C ASP A 97 -14.15 5.11 1.10
N VAL A 98 -14.28 5.45 2.35
CA VAL A 98 -13.56 6.57 2.89
C VAL A 98 -12.27 6.09 3.55
N PRO A 99 -11.11 6.40 2.96
CA PRO A 99 -9.85 6.05 3.56
C PRO A 99 -9.49 7.07 4.64
N GLN A 100 -8.56 6.74 5.49
CA GLN A 100 -8.18 7.60 6.53
C GLN A 100 -6.69 7.76 6.58
N ALA A 101 -6.28 8.95 6.84
CA ALA A 101 -4.88 9.27 7.01
C ALA A 101 -4.40 8.70 8.34
N GLY A 102 -3.27 8.03 8.32
CA GLY A 102 -2.75 7.45 9.54
C GLY A 102 -3.29 6.07 9.78
N ASP A 103 -4.12 5.60 8.85
CA ASP A 103 -4.69 4.29 8.94
C ASP A 103 -3.71 3.33 8.28
N ARG A 104 -4.11 2.12 8.14
CA ARG A 104 -3.23 1.12 7.69
C ARG A 104 -3.82 0.36 6.53
N PHE A 105 -2.96 -0.19 5.72
CA PHE A 105 -3.39 -0.93 4.57
C PHE A 105 -2.44 -2.07 4.31
N MET A 106 -2.87 -2.98 3.47
CA MET A 106 -2.08 -4.08 3.03
C MET A 106 -2.21 -4.19 1.52
N VAL A 107 -1.09 -4.15 0.85
CA VAL A 107 -1.03 -4.31 -0.58
C VAL A 107 -0.39 -5.65 -0.86
N PHE A 108 -0.94 -6.38 -1.79
CA PHE A 108 -0.45 -7.70 -2.06
C PHE A 108 0.67 -7.71 -3.08
N GLU A 109 1.78 -8.25 -2.66
CA GLU A 109 2.94 -8.42 -3.49
C GLU A 109 2.88 -9.79 -4.14
N ASP A 110 3.54 -9.94 -5.27
CA ASP A 110 3.47 -11.15 -6.12
C ASP A 110 3.74 -12.46 -5.36
N GLU A 111 4.95 -12.64 -4.86
CA GLU A 111 5.29 -13.88 -4.14
C GLU A 111 4.51 -14.00 -2.84
N LYS A 112 4.31 -12.86 -2.21
CA LYS A 112 3.70 -12.77 -0.91
C LYS A 112 2.25 -13.19 -0.94
N LYS A 113 1.59 -12.83 -2.01
CA LYS A 113 0.23 -13.25 -2.24
C LYS A 113 0.20 -14.70 -2.73
N ALA A 114 1.16 -15.06 -3.60
CA ALA A 114 1.19 -16.41 -4.21
C ALA A 114 1.40 -17.47 -3.14
N ARG A 115 2.22 -17.12 -2.18
CA ARG A 115 2.55 -17.95 -1.05
C ARG A 115 1.28 -18.32 -0.28
N GLN A 116 0.36 -17.35 -0.18
CA GLN A 116 -0.91 -17.54 0.53
C GLN A 116 -1.84 -18.39 -0.33
N ILE A 117 -1.74 -18.19 -1.64
CA ILE A 117 -2.57 -18.88 -2.60
C ILE A 117 -2.28 -20.38 -2.59
N GLY A 118 -1.03 -20.72 -2.44
CA GLY A 118 -0.67 -22.10 -2.42
C GLY A 118 0.76 -22.31 -2.78
N GLU A 119 1.42 -21.26 -3.28
CA GLU A 119 2.80 -21.40 -3.66
C GLU A 119 3.68 -21.12 -2.47
N ALA A 120 3.53 -21.97 -1.51
CA ALA A 120 4.23 -21.88 -0.29
C ALA A 120 5.53 -22.66 -0.35
N ARG A 121 6.41 -22.34 0.56
CA ARG A 121 7.69 -22.98 0.69
C ARG A 121 7.67 -23.80 1.97
N ALA A 122 8.79 -24.36 2.36
CA ALA A 122 8.88 -25.19 3.56
C ALA A 122 9.09 -24.33 4.82
N GLN A 123 8.67 -23.08 4.75
CA GLN A 123 8.72 -22.15 5.86
C GLN A 123 7.42 -21.46 6.03
N ARG A 124 6.74 -21.80 7.07
CA ARG A 124 5.48 -21.21 7.39
C ARG A 124 5.55 -20.71 8.82
N GLN A 125 6.76 -20.53 9.26
CA GLN A 125 7.08 -20.08 10.57
C GLN A 125 8.07 -18.96 10.42
N GLY A 1 -11.33 -16.10 1.48
CA GLY A 1 -11.61 -15.95 0.05
C GLY A 1 -10.47 -15.27 -0.68
N SER A 2 -9.45 -14.85 0.04
CA SER A 2 -8.30 -14.23 -0.54
C SER A 2 -7.06 -14.54 0.31
N HIS A 3 -5.90 -14.33 -0.23
CA HIS A 3 -4.65 -14.61 0.47
C HIS A 3 -3.87 -13.35 0.77
N MET A 4 -4.02 -12.88 2.00
CA MET A 4 -3.37 -11.67 2.47
C MET A 4 -2.49 -11.98 3.68
N LEU A 5 -1.93 -13.21 3.68
CA LEU A 5 -1.00 -13.70 4.72
C LEU A 5 -1.72 -13.86 6.08
N ASP A 6 -3.03 -13.96 6.02
CA ASP A 6 -3.86 -14.10 7.21
C ASP A 6 -3.88 -15.54 7.72
N HIS A 7 -3.95 -16.49 6.79
CA HIS A 7 -4.05 -17.92 7.12
C HIS A 7 -2.82 -18.45 7.88
N LEU A 8 -1.65 -18.36 7.28
CA LEU A 8 -0.43 -18.85 7.86
C LEU A 8 0.60 -17.78 7.76
N LEU A 9 1.52 -17.76 8.68
CA LEU A 9 2.56 -16.76 8.68
C LEU A 9 3.82 -17.36 8.08
N GLU A 10 4.12 -18.57 8.52
CA GLU A 10 5.28 -19.34 8.11
C GLU A 10 6.58 -18.58 8.35
N MET A 11 7.15 -18.04 7.28
CA MET A 11 8.36 -17.27 7.34
C MET A 11 8.32 -16.20 6.28
N ILE A 12 8.27 -14.98 6.70
CA ILE A 12 8.25 -13.88 5.78
C ILE A 12 9.71 -13.52 5.52
N LEU A 13 10.19 -13.91 4.37
CA LEU A 13 11.57 -13.69 4.02
C LEU A 13 11.73 -12.33 3.36
N LEU A 14 12.69 -11.57 3.85
CA LEU A 14 12.97 -10.26 3.30
C LEU A 14 14.43 -10.18 2.91
N VAL A 15 14.68 -10.14 1.62
CA VAL A 15 16.04 -9.96 1.14
C VAL A 15 16.33 -8.48 0.94
N SER A 16 15.33 -7.67 1.16
CA SER A 16 15.44 -6.23 1.01
C SER A 16 15.83 -5.61 2.35
N GLU A 17 16.98 -4.94 2.36
CA GLU A 17 17.54 -4.29 3.53
C GLU A 17 16.54 -3.31 4.15
N MET A 18 16.27 -3.47 5.42
CA MET A 18 15.31 -2.65 6.15
C MET A 18 15.89 -1.27 6.43
N GLU A 19 15.04 -0.26 6.42
CA GLU A 19 15.47 1.09 6.70
C GLU A 19 14.65 1.62 7.88
N GLU A 20 15.30 1.93 8.95
CA GLU A 20 14.62 2.47 10.10
C GLU A 20 14.57 3.98 10.02
N LEU A 21 13.56 4.42 9.35
CA LEU A 21 13.29 5.80 9.09
C LEU A 21 11.89 5.84 8.51
N LYS A 22 11.62 4.84 7.71
CA LYS A 22 10.31 4.68 7.12
C LYS A 22 9.95 3.20 7.11
N ALA A 23 8.95 2.85 7.89
CA ALA A 23 8.47 1.50 8.00
C ALA A 23 7.20 1.50 8.79
N ASN A 24 6.44 0.46 8.62
CA ASN A 24 5.24 0.24 9.38
C ASN A 24 4.97 -1.26 9.39
N PRO A 25 5.30 -1.92 10.49
CA PRO A 25 5.10 -3.34 10.63
C PRO A 25 3.65 -3.73 10.98
N ASN A 26 3.21 -3.39 12.20
CA ASN A 26 1.91 -3.74 12.80
C ASN A 26 1.71 -5.27 12.82
N ARG A 27 1.51 -5.86 11.68
CA ARG A 27 1.42 -7.30 11.58
C ARG A 27 2.64 -7.81 10.83
N ARG A 28 2.53 -7.95 9.53
CA ARG A 28 3.64 -8.36 8.68
C ARG A 28 3.60 -7.51 7.43
N ALA A 29 4.35 -6.41 7.46
CA ALA A 29 4.51 -5.48 6.33
C ALA A 29 3.20 -4.83 5.89
N VAL A 30 3.00 -3.59 6.28
CA VAL A 30 1.85 -2.83 5.91
C VAL A 30 2.30 -1.44 5.55
N GLY A 31 1.41 -0.63 5.10
CA GLY A 31 1.76 0.71 4.78
C GLY A 31 0.87 1.66 5.50
N THR A 32 1.18 2.92 5.43
CA THR A 32 0.39 3.91 6.09
C THR A 32 -0.10 4.92 5.06
N VAL A 33 -1.34 5.34 5.21
CA VAL A 33 -1.90 6.35 4.33
C VAL A 33 -1.50 7.70 4.88
N ILE A 34 -1.05 8.59 4.05
CA ILE A 34 -0.63 9.88 4.52
C ILE A 34 -1.75 10.91 4.48
N GLU A 35 -2.56 10.86 3.43
CA GLU A 35 -3.71 11.73 3.29
C GLU A 35 -4.79 10.97 2.52
N ALA A 36 -6.04 11.23 2.83
CA ALA A 36 -7.13 10.54 2.18
C ALA A 36 -8.37 11.39 2.18
N LYS A 37 -9.02 11.51 1.03
CA LYS A 37 -10.25 12.30 0.91
C LYS A 37 -10.91 11.97 -0.42
N LEU A 38 -12.08 12.51 -0.67
CA LEU A 38 -12.71 12.29 -1.94
C LEU A 38 -12.14 13.26 -2.96
N ASP A 39 -11.97 12.83 -4.12
CA ASP A 39 -11.55 13.68 -5.18
C ASP A 39 -12.71 13.79 -6.13
N LYS A 40 -13.15 14.99 -6.37
CA LYS A 40 -14.28 15.25 -7.25
C LYS A 40 -14.06 14.79 -8.72
N GLY A 41 -12.83 14.55 -9.12
CA GLY A 41 -12.59 14.11 -10.47
C GLY A 41 -11.99 12.72 -10.54
N ARG A 42 -11.14 12.41 -9.59
CA ARG A 42 -10.43 11.13 -9.57
C ARG A 42 -11.14 10.06 -8.72
N GLY A 43 -12.09 10.49 -7.91
CA GLY A 43 -12.80 9.58 -7.04
C GLY A 43 -12.15 9.53 -5.68
N PRO A 44 -12.49 8.58 -4.81
CA PRO A 44 -11.82 8.42 -3.51
C PRO A 44 -10.30 8.23 -3.69
N VAL A 45 -9.53 9.17 -3.18
CA VAL A 45 -8.09 9.14 -3.33
C VAL A 45 -7.42 8.98 -2.00
N ALA A 46 -6.34 8.28 -2.00
CA ALA A 46 -5.55 8.08 -0.83
C ALA A 46 -4.09 8.09 -1.19
N THR A 47 -3.37 9.07 -0.71
CA THR A 47 -1.96 9.09 -0.94
C THR A 47 -1.35 8.28 0.17
N LEU A 48 -0.56 7.36 -0.18
CA LEU A 48 -0.02 6.46 0.77
C LEU A 48 1.42 6.15 0.43
N LEU A 49 2.08 5.51 1.33
CA LEU A 49 3.42 5.05 1.10
C LEU A 49 3.39 3.52 1.22
N VAL A 50 3.55 2.84 0.09
CA VAL A 50 3.46 1.39 0.09
C VAL A 50 4.72 0.72 0.62
N GLN A 51 4.55 -0.09 1.64
CA GLN A 51 5.65 -0.81 2.28
C GLN A 51 5.40 -2.28 2.29
N ALA A 52 4.16 -2.66 2.00
CA ALA A 52 3.72 -4.01 2.15
C ALA A 52 4.13 -4.85 0.98
N GLY A 53 4.43 -4.19 -0.12
CA GLY A 53 4.79 -4.89 -1.30
C GLY A 53 4.80 -4.00 -2.49
N THR A 54 3.97 -4.32 -3.43
CA THR A 54 3.96 -3.68 -4.74
C THR A 54 2.54 -3.27 -5.08
N LEU A 55 2.33 -2.00 -5.30
CA LEU A 55 1.01 -1.50 -5.56
C LEU A 55 0.83 -1.36 -7.06
N LYS A 56 -0.17 -2.00 -7.59
CA LYS A 56 -0.41 -1.95 -9.02
C LYS A 56 -1.90 -1.79 -9.28
N VAL A 57 -2.24 -1.20 -10.41
CA VAL A 57 -3.61 -1.01 -10.81
C VAL A 57 -4.29 -2.31 -11.19
N GLY A 58 -5.54 -2.44 -10.81
CA GLY A 58 -6.32 -3.60 -11.14
C GLY A 58 -6.14 -4.75 -10.17
N ASP A 59 -5.39 -4.53 -9.13
CA ASP A 59 -5.14 -5.58 -8.17
C ASP A 59 -5.86 -5.22 -6.86
N PRO A 60 -6.48 -6.22 -6.19
CA PRO A 60 -7.21 -6.00 -4.93
C PRO A 60 -6.30 -5.52 -3.79
N ILE A 61 -6.77 -4.53 -3.08
CA ILE A 61 -6.04 -3.96 -1.96
C ILE A 61 -6.97 -3.78 -0.79
N VAL A 62 -6.42 -3.62 0.38
CA VAL A 62 -7.21 -3.38 1.57
C VAL A 62 -6.64 -2.18 2.33
N VAL A 63 -7.47 -1.18 2.51
CA VAL A 63 -7.10 0.05 3.18
C VAL A 63 -8.11 0.34 4.27
N GLY A 64 -7.65 0.39 5.51
CA GLY A 64 -8.52 0.68 6.63
C GLY A 64 -9.63 -0.33 6.75
N THR A 65 -9.28 -1.59 6.56
CA THR A 65 -10.19 -2.76 6.56
C THR A 65 -11.21 -2.80 5.40
N THR A 66 -11.26 -1.76 4.60
CA THR A 66 -12.10 -1.73 3.43
C THR A 66 -11.27 -2.25 2.27
N TYR A 67 -11.85 -3.02 1.39
CA TYR A 67 -11.09 -3.54 0.29
C TYR A 67 -11.57 -2.91 -0.99
N GLY A 68 -10.72 -2.89 -1.96
CA GLY A 68 -11.06 -2.31 -3.21
C GLY A 68 -10.13 -2.78 -4.27
N ARG A 69 -10.13 -2.11 -5.37
CA ARG A 69 -9.28 -2.44 -6.47
C ARG A 69 -8.70 -1.14 -6.98
N VAL A 70 -7.42 -1.11 -7.17
CA VAL A 70 -6.77 0.12 -7.60
C VAL A 70 -7.19 0.48 -9.02
N ARG A 71 -7.89 1.57 -9.13
CA ARG A 71 -8.41 2.07 -10.39
C ARG A 71 -7.30 2.77 -11.19
N ALA A 72 -6.71 3.77 -10.60
CA ALA A 72 -5.63 4.51 -11.19
C ALA A 72 -4.57 4.76 -10.15
N MET A 73 -3.35 4.82 -10.59
CA MET A 73 -2.23 5.04 -9.71
C MET A 73 -1.66 6.36 -10.08
N VAL A 74 -1.68 7.30 -9.20
CA VAL A 74 -1.14 8.60 -9.50
C VAL A 74 0.02 8.79 -8.56
N ASN A 75 1.12 9.30 -9.05
CA ASN A 75 2.25 9.43 -8.17
C ASN A 75 2.36 10.85 -7.67
N ASP A 76 3.34 11.12 -6.82
CA ASP A 76 3.57 12.43 -6.18
C ASP A 76 3.65 13.55 -7.20
N SER A 77 4.20 13.26 -8.36
CA SER A 77 4.41 14.27 -9.37
C SER A 77 3.15 14.49 -10.24
N GLY A 78 2.11 13.70 -9.99
CA GLY A 78 0.83 13.96 -10.64
C GLY A 78 0.59 13.09 -11.84
N ARG A 79 1.61 12.44 -12.27
CA ARG A 79 1.53 11.57 -13.42
C ARG A 79 0.88 10.25 -13.04
N ARG A 80 0.00 9.79 -13.88
CA ARG A 80 -0.73 8.59 -13.65
C ARG A 80 0.05 7.40 -14.23
N VAL A 81 0.26 6.40 -13.42
CA VAL A 81 1.06 5.23 -13.77
C VAL A 81 0.25 3.97 -13.57
N LYS A 82 0.90 2.83 -13.76
CA LYS A 82 0.22 1.56 -13.64
C LYS A 82 0.68 0.83 -12.39
N GLU A 83 1.94 0.96 -12.06
CA GLU A 83 2.50 0.21 -10.96
C GLU A 83 3.52 1.05 -10.21
N ALA A 84 3.62 0.81 -8.92
CA ALA A 84 4.55 1.46 -8.07
C ALA A 84 5.15 0.45 -7.11
N GLY A 85 6.42 0.60 -6.85
CA GLY A 85 7.09 -0.31 -5.98
C GLY A 85 7.09 0.20 -4.56
N PRO A 86 7.61 -0.58 -3.61
CA PRO A 86 7.65 -0.17 -2.21
C PRO A 86 8.53 1.04 -2.00
N SER A 87 8.23 1.76 -0.92
CA SER A 87 8.91 2.95 -0.53
C SER A 87 8.61 4.11 -1.48
N MET A 88 7.50 4.00 -2.18
CA MET A 88 7.08 5.04 -3.07
C MET A 88 5.71 5.60 -2.68
N PRO A 89 5.58 6.95 -2.67
CA PRO A 89 4.31 7.60 -2.40
C PRO A 89 3.44 7.61 -3.64
N VAL A 90 2.23 7.13 -3.52
CA VAL A 90 1.28 7.08 -4.61
C VAL A 90 -0.12 7.33 -4.11
N GLU A 91 -0.95 7.81 -4.98
CA GLU A 91 -2.34 8.03 -4.72
C GLU A 91 -3.12 6.98 -5.44
N ILE A 92 -3.80 6.15 -4.71
CA ILE A 92 -4.61 5.14 -5.30
C ILE A 92 -6.03 5.59 -5.35
N THR A 93 -6.82 4.86 -6.07
CA THR A 93 -8.22 5.11 -6.25
C THR A 93 -8.87 3.75 -6.42
N GLY A 94 -10.18 3.69 -6.33
CA GLY A 94 -10.85 2.42 -6.54
C GLY A 94 -11.21 1.70 -5.26
N LEU A 95 -11.13 2.40 -4.14
CA LEU A 95 -11.52 1.81 -2.89
C LEU A 95 -13.04 1.90 -2.76
N HIS A 96 -13.59 2.93 -3.42
CA HIS A 96 -15.03 3.23 -3.46
C HIS A 96 -15.60 3.43 -2.03
N ASP A 97 -14.72 3.83 -1.15
CA ASP A 97 -15.01 4.11 0.24
C ASP A 97 -14.06 5.22 0.62
N VAL A 98 -14.09 5.68 1.83
CA VAL A 98 -13.29 6.81 2.22
C VAL A 98 -12.28 6.37 3.28
N PRO A 99 -11.01 6.24 2.88
CA PRO A 99 -9.97 5.81 3.81
C PRO A 99 -9.57 6.95 4.74
N GLN A 100 -8.79 6.65 5.73
CA GLN A 100 -8.36 7.66 6.66
C GLN A 100 -6.89 7.92 6.53
N ALA A 101 -6.53 9.17 6.63
CA ALA A 101 -5.15 9.54 6.69
C ALA A 101 -4.58 9.03 8.00
N GLY A 102 -3.54 8.25 7.92
CA GLY A 102 -2.98 7.67 9.09
C GLY A 102 -3.47 6.26 9.30
N ASP A 103 -4.31 5.77 8.42
CA ASP A 103 -4.79 4.42 8.57
C ASP A 103 -3.77 3.47 7.97
N ARG A 104 -4.01 2.22 8.13
CA ARG A 104 -3.10 1.23 7.70
C ARG A 104 -3.69 0.48 6.53
N PHE A 105 -2.87 0.14 5.60
CA PHE A 105 -3.30 -0.63 4.48
C PHE A 105 -2.32 -1.74 4.24
N MET A 106 -2.76 -2.75 3.57
CA MET A 106 -1.90 -3.86 3.28
C MET A 106 -2.02 -4.23 1.83
N VAL A 107 -0.89 -4.38 1.21
CA VAL A 107 -0.79 -4.76 -0.17
C VAL A 107 0.07 -6.00 -0.22
N PHE A 108 -0.52 -7.12 -0.48
CA PHE A 108 0.22 -8.35 -0.47
C PHE A 108 0.01 -9.05 -1.77
N GLU A 109 1.07 -9.31 -2.45
CA GLU A 109 1.02 -9.88 -3.75
C GLU A 109 1.80 -11.20 -3.80
N ASP A 110 2.96 -11.18 -3.15
CA ASP A 110 3.97 -12.22 -3.09
C ASP A 110 4.35 -12.75 -4.46
N GLU A 111 3.62 -13.73 -4.94
CA GLU A 111 3.81 -14.44 -6.20
C GLU A 111 4.01 -13.49 -7.37
N LYS A 112 3.20 -12.46 -7.38
CA LYS A 112 3.20 -11.46 -8.44
C LYS A 112 4.53 -10.73 -8.51
N LYS A 113 5.00 -10.30 -7.36
CA LYS A 113 6.28 -9.62 -7.24
C LYS A 113 7.44 -10.59 -7.26
N ALA A 114 7.20 -11.80 -6.79
CA ALA A 114 8.19 -12.85 -6.81
C ALA A 114 8.55 -13.13 -8.26
N ARG A 115 7.54 -13.26 -9.06
CA ARG A 115 7.68 -13.41 -10.52
C ARG A 115 8.45 -12.23 -11.14
N GLN A 116 8.19 -11.02 -10.66
CA GLN A 116 8.87 -9.81 -11.15
C GLN A 116 10.37 -9.87 -10.85
N ILE A 117 10.70 -10.27 -9.62
CA ILE A 117 12.10 -10.36 -9.18
C ILE A 117 12.78 -11.56 -9.84
N GLY A 118 12.05 -12.64 -9.94
CA GLY A 118 12.59 -13.85 -10.49
C GLY A 118 12.64 -14.95 -9.46
N GLU A 119 11.80 -14.82 -8.47
CA GLU A 119 11.72 -15.77 -7.37
C GLU A 119 10.74 -16.88 -7.72
N ALA A 120 9.62 -16.51 -8.27
CA ALA A 120 8.64 -17.47 -8.67
C ALA A 120 8.31 -17.27 -10.11
N ARG A 121 8.98 -17.97 -10.93
CA ARG A 121 8.75 -17.90 -12.34
C ARG A 121 8.25 -19.24 -12.78
N ALA A 122 9.09 -20.21 -12.56
CA ALA A 122 8.84 -21.57 -12.87
C ALA A 122 9.72 -22.37 -11.97
N GLN A 123 9.16 -23.31 -11.26
CA GLN A 123 9.94 -24.13 -10.37
C GLN A 123 10.94 -24.95 -11.16
N ARG A 124 12.13 -25.05 -10.65
CA ARG A 124 13.18 -25.77 -11.29
C ARG A 124 13.83 -26.63 -10.27
N GLN A 125 14.38 -27.71 -10.69
CA GLN A 125 15.04 -28.61 -9.81
C GLN A 125 16.49 -28.68 -10.22
N GLY A 1 28.98 15.91 -17.45
CA GLY A 1 28.96 14.44 -17.55
C GLY A 1 27.79 14.01 -18.37
N SER A 2 27.37 12.77 -18.26
CA SER A 2 26.25 12.32 -19.03
C SER A 2 24.92 12.53 -18.30
N HIS A 3 25.00 12.71 -16.98
CA HIS A 3 23.81 12.97 -16.19
C HIS A 3 23.47 14.45 -16.22
N MET A 4 23.06 14.87 -17.39
CA MET A 4 22.63 16.23 -17.70
C MET A 4 22.08 16.23 -19.11
N LEU A 5 21.59 15.07 -19.52
CA LEU A 5 21.05 14.89 -20.86
C LEU A 5 19.60 14.48 -20.76
N ASP A 6 19.36 13.40 -20.04
CA ASP A 6 18.02 12.89 -19.84
C ASP A 6 17.38 13.69 -18.73
N HIS A 7 16.36 14.48 -19.08
CA HIS A 7 15.70 15.42 -18.17
C HIS A 7 16.72 16.43 -17.66
N LEU A 8 17.11 17.32 -18.54
CA LEU A 8 18.16 18.28 -18.28
C LEU A 8 17.64 19.60 -17.75
N LEU A 9 16.34 19.66 -17.53
CA LEU A 9 15.71 20.86 -17.02
C LEU A 9 16.23 21.17 -15.61
N GLU A 10 15.89 20.32 -14.66
CA GLU A 10 16.32 20.47 -13.30
C GLU A 10 16.33 19.12 -12.57
N MET A 11 16.63 19.12 -11.29
CA MET A 11 16.75 17.88 -10.53
C MET A 11 15.61 17.73 -9.51
N ILE A 12 15.17 16.50 -9.30
CA ILE A 12 14.07 16.18 -8.38
C ILE A 12 14.52 16.40 -6.91
N LEU A 13 13.60 16.87 -6.10
CA LEU A 13 13.88 17.13 -4.70
C LEU A 13 13.58 15.91 -3.84
N LEU A 14 13.74 16.06 -2.55
CA LEU A 14 13.46 15.00 -1.63
C LEU A 14 11.99 15.05 -1.29
N VAL A 15 11.48 13.96 -0.79
CA VAL A 15 10.07 13.85 -0.44
C VAL A 15 9.93 14.03 1.09
N SER A 16 11.03 14.48 1.70
CA SER A 16 11.16 14.71 3.13
C SER A 16 11.16 13.37 3.87
N GLU A 17 12.34 12.90 4.21
CA GLU A 17 12.48 11.62 4.87
C GLU A 17 12.29 11.74 6.36
N MET A 18 12.60 12.95 6.89
CA MET A 18 12.38 13.30 8.30
C MET A 18 13.17 12.38 9.25
N GLU A 19 12.89 12.48 10.53
CA GLU A 19 13.40 11.55 11.50
C GLU A 19 12.20 11.04 12.31
N GLU A 20 11.92 9.75 12.17
CA GLU A 20 10.72 9.10 12.71
C GLU A 20 9.44 9.70 12.09
N LEU A 21 8.64 8.85 11.53
CA LEU A 21 7.49 9.32 10.80
C LEU A 21 6.17 8.87 11.41
N LYS A 22 6.25 7.95 12.41
CA LYS A 22 5.06 7.42 13.11
C LYS A 22 4.03 6.87 12.13
N ALA A 23 4.50 6.33 11.04
CA ALA A 23 3.62 5.87 10.00
C ALA A 23 2.95 4.57 10.36
N ASN A 24 3.73 3.57 10.61
CA ASN A 24 3.17 2.27 10.81
C ASN A 24 3.95 1.54 11.89
N PRO A 25 3.26 0.84 12.80
CA PRO A 25 3.91 0.06 13.86
C PRO A 25 4.72 -1.14 13.34
N ASN A 26 4.43 -1.57 12.13
CA ASN A 26 5.13 -2.71 11.55
C ASN A 26 5.86 -2.31 10.28
N ARG A 27 5.08 -1.78 9.31
CA ARG A 27 5.60 -1.23 8.04
C ARG A 27 6.24 -2.33 7.13
N ARG A 28 5.95 -3.59 7.39
CA ARG A 28 6.56 -4.65 6.59
C ARG A 28 5.60 -5.27 5.57
N ALA A 29 4.46 -5.75 6.03
CA ALA A 29 3.49 -6.39 5.16
C ALA A 29 2.30 -5.47 4.95
N VAL A 30 2.44 -4.25 5.43
CA VAL A 30 1.41 -3.24 5.35
C VAL A 30 2.08 -1.90 5.18
N GLY A 31 1.29 -0.90 4.93
CA GLY A 31 1.79 0.43 4.80
C GLY A 31 0.82 1.39 5.40
N THR A 32 1.13 2.65 5.34
CA THR A 32 0.29 3.66 5.91
C THR A 32 -0.06 4.71 4.87
N VAL A 33 -1.25 5.20 4.98
CA VAL A 33 -1.74 6.25 4.12
C VAL A 33 -1.19 7.55 4.65
N ILE A 34 -0.66 8.38 3.80
CA ILE A 34 -0.11 9.64 4.24
C ILE A 34 -1.19 10.71 4.28
N GLU A 35 -2.07 10.68 3.30
CA GLU A 35 -3.20 11.56 3.26
C GLU A 35 -4.28 10.92 2.40
N ALA A 36 -5.51 11.14 2.74
CA ALA A 36 -6.61 10.56 2.00
C ALA A 36 -7.75 11.49 2.11
N LYS A 37 -8.56 11.55 1.07
CA LYS A 37 -9.69 12.46 1.05
C LYS A 37 -10.51 12.19 -0.21
N LEU A 38 -11.59 12.88 -0.35
CA LEU A 38 -12.41 12.76 -1.52
C LEU A 38 -11.88 13.67 -2.61
N ASP A 39 -12.04 13.28 -3.81
CA ASP A 39 -11.66 14.10 -4.93
C ASP A 39 -12.81 14.26 -5.87
N LYS A 40 -13.07 15.47 -6.24
CA LYS A 40 -14.16 15.83 -7.14
C LYS A 40 -13.84 15.45 -8.59
N GLY A 41 -12.59 15.17 -8.85
CA GLY A 41 -12.16 14.83 -10.18
C GLY A 41 -12.20 13.32 -10.43
N ARG A 42 -11.46 12.57 -9.65
CA ARG A 42 -11.33 11.12 -9.89
C ARG A 42 -12.32 10.32 -9.04
N GLY A 43 -12.46 10.70 -7.79
CA GLY A 43 -13.29 9.97 -6.88
C GLY A 43 -12.58 9.79 -5.56
N PRO A 44 -12.62 8.60 -4.95
CA PRO A 44 -11.91 8.35 -3.69
C PRO A 44 -10.41 8.21 -3.94
N VAL A 45 -9.62 9.12 -3.40
CA VAL A 45 -8.18 9.08 -3.57
C VAL A 45 -7.46 8.94 -2.23
N ALA A 46 -6.40 8.20 -2.23
CA ALA A 46 -5.61 7.98 -1.05
C ALA A 46 -4.14 8.00 -1.40
N THR A 47 -3.45 8.98 -0.92
CA THR A 47 -2.04 9.07 -1.13
C THR A 47 -1.40 8.25 -0.03
N LEU A 48 -0.67 7.28 -0.39
CA LEU A 48 -0.12 6.38 0.55
C LEU A 48 1.34 6.07 0.26
N LEU A 49 1.96 5.36 1.16
CA LEU A 49 3.33 4.93 1.00
C LEU A 49 3.32 3.39 1.05
N VAL A 50 3.52 2.77 -0.10
CA VAL A 50 3.46 1.30 -0.20
C VAL A 50 4.70 0.63 0.38
N GLN A 51 4.46 -0.23 1.36
CA GLN A 51 5.52 -1.00 1.99
C GLN A 51 5.23 -2.48 1.95
N ALA A 52 3.98 -2.81 1.68
CA ALA A 52 3.51 -4.19 1.70
C ALA A 52 4.01 -5.01 0.51
N GLY A 53 4.62 -4.34 -0.45
CA GLY A 53 5.15 -5.03 -1.57
C GLY A 53 5.29 -4.15 -2.77
N THR A 54 4.33 -4.20 -3.62
CA THR A 54 4.33 -3.44 -4.84
C THR A 54 2.90 -3.04 -5.10
N LEU A 55 2.68 -1.84 -5.55
CA LEU A 55 1.34 -1.41 -5.78
C LEU A 55 1.17 -1.27 -7.27
N LYS A 56 0.31 -2.08 -7.82
CA LYS A 56 0.06 -2.08 -9.22
C LYS A 56 -1.45 -2.05 -9.43
N VAL A 57 -1.87 -1.55 -10.55
CA VAL A 57 -3.28 -1.47 -10.86
C VAL A 57 -3.90 -2.84 -11.14
N GLY A 58 -5.14 -2.98 -10.75
CA GLY A 58 -5.87 -4.17 -10.98
C GLY A 58 -5.88 -5.10 -9.79
N ASP A 59 -5.09 -4.82 -8.80
CA ASP A 59 -5.04 -5.70 -7.62
C ASP A 59 -5.90 -5.20 -6.50
N PRO A 60 -6.38 -6.13 -5.62
CA PRO A 60 -7.20 -5.76 -4.51
C PRO A 60 -6.38 -5.32 -3.30
N ILE A 61 -6.80 -4.26 -2.72
CA ILE A 61 -6.15 -3.66 -1.59
C ILE A 61 -7.12 -3.47 -0.46
N VAL A 62 -6.64 -3.50 0.75
CA VAL A 62 -7.48 -3.26 1.88
C VAL A 62 -6.92 -2.08 2.67
N VAL A 63 -7.74 -1.07 2.84
CA VAL A 63 -7.36 0.11 3.56
C VAL A 63 -8.19 0.18 4.82
N GLY A 64 -7.53 -0.06 5.93
CA GLY A 64 -8.17 -0.08 7.20
C GLY A 64 -9.12 -1.24 7.36
N THR A 65 -10.34 -1.00 7.00
CA THR A 65 -11.38 -1.97 7.09
C THR A 65 -11.96 -2.28 5.71
N THR A 66 -11.75 -1.40 4.76
CA THR A 66 -12.42 -1.53 3.49
C THR A 66 -11.46 -2.01 2.41
N TYR A 67 -11.92 -2.92 1.59
CA TYR A 67 -11.12 -3.41 0.52
C TYR A 67 -11.71 -3.03 -0.83
N GLY A 68 -10.87 -2.84 -1.77
CA GLY A 68 -11.26 -2.46 -3.10
C GLY A 68 -10.20 -2.88 -4.06
N ARG A 69 -10.24 -2.38 -5.25
CA ARG A 69 -9.27 -2.73 -6.24
C ARG A 69 -8.64 -1.47 -6.80
N VAL A 70 -7.36 -1.53 -7.07
CA VAL A 70 -6.63 -0.38 -7.56
C VAL A 70 -7.01 -0.10 -8.98
N ARG A 71 -7.66 1.00 -9.20
CA ARG A 71 -8.10 1.35 -10.52
C ARG A 71 -6.99 2.13 -11.25
N ALA A 72 -6.60 3.26 -10.69
CA ALA A 72 -5.58 4.09 -11.27
C ALA A 72 -4.53 4.35 -10.25
N MET A 73 -3.34 4.50 -10.72
CA MET A 73 -2.23 4.74 -9.88
C MET A 73 -1.74 6.11 -10.23
N VAL A 74 -1.77 6.98 -9.32
CA VAL A 74 -1.28 8.29 -9.53
C VAL A 74 -0.20 8.45 -8.52
N ASN A 75 0.71 9.32 -8.72
CA ASN A 75 1.71 9.52 -7.72
C ASN A 75 1.48 10.83 -7.02
N ASP A 76 2.35 11.19 -6.11
CA ASP A 76 2.23 12.43 -5.35
C ASP A 76 2.51 13.64 -6.24
N SER A 77 3.30 13.40 -7.29
CA SER A 77 3.72 14.44 -8.21
C SER A 77 2.61 14.72 -9.27
N GLY A 78 1.63 13.83 -9.35
CA GLY A 78 0.52 14.03 -10.23
C GLY A 78 0.57 13.24 -11.51
N ARG A 79 1.53 12.39 -11.63
CA ARG A 79 1.67 11.57 -12.82
C ARG A 79 0.88 10.29 -12.61
N ARG A 80 0.22 9.83 -13.65
CA ARG A 80 -0.61 8.66 -13.56
C ARG A 80 0.18 7.50 -14.16
N VAL A 81 0.30 6.44 -13.42
CA VAL A 81 1.12 5.32 -13.80
C VAL A 81 0.33 4.03 -13.62
N LYS A 82 0.95 2.90 -13.84
CA LYS A 82 0.26 1.64 -13.69
C LYS A 82 0.85 0.79 -12.55
N GLU A 83 2.10 1.04 -12.19
CA GLU A 83 2.80 0.18 -11.27
C GLU A 83 3.90 0.97 -10.56
N ALA A 84 4.03 0.75 -9.25
CA ALA A 84 5.02 1.42 -8.43
C ALA A 84 5.54 0.51 -7.34
N GLY A 85 6.80 0.68 -6.98
CA GLY A 85 7.44 -0.15 -5.99
C GLY A 85 7.40 0.46 -4.60
N PRO A 86 7.97 -0.22 -3.59
CA PRO A 86 7.93 0.24 -2.19
C PRO A 86 8.77 1.49 -1.94
N SER A 87 8.47 2.17 -0.84
CA SER A 87 9.13 3.41 -0.42
C SER A 87 8.86 4.54 -1.43
N MET A 88 7.71 4.45 -2.04
CA MET A 88 7.27 5.44 -2.98
C MET A 88 5.86 5.86 -2.67
N PRO A 89 5.61 7.17 -2.62
CA PRO A 89 4.28 7.69 -2.42
C PRO A 89 3.45 7.64 -3.70
N VAL A 90 2.32 7.01 -3.60
CA VAL A 90 1.39 6.91 -4.70
C VAL A 90 0.00 7.11 -4.20
N GLU A 91 -0.85 7.48 -5.07
CA GLU A 91 -2.20 7.78 -4.78
C GLU A 91 -3.08 6.86 -5.59
N ILE A 92 -3.79 6.01 -4.89
CA ILE A 92 -4.63 5.01 -5.52
C ILE A 92 -6.06 5.48 -5.59
N THR A 93 -6.84 4.73 -6.31
CA THR A 93 -8.24 4.98 -6.51
C THR A 93 -8.93 3.63 -6.66
N GLY A 94 -10.23 3.59 -6.47
CA GLY A 94 -10.95 2.34 -6.66
C GLY A 94 -11.36 1.67 -5.37
N LEU A 95 -11.16 2.33 -4.24
CA LEU A 95 -11.57 1.76 -2.95
C LEU A 95 -13.10 1.79 -2.83
N HIS A 96 -13.70 2.81 -3.47
CA HIS A 96 -15.15 3.04 -3.52
C HIS A 96 -15.71 3.32 -2.10
N ASP A 97 -14.84 3.75 -1.23
CA ASP A 97 -15.18 4.11 0.13
C ASP A 97 -14.22 5.21 0.50
N VAL A 98 -14.31 5.73 1.69
CA VAL A 98 -13.50 6.84 2.06
C VAL A 98 -12.38 6.41 3.04
N PRO A 99 -11.12 6.45 2.58
CA PRO A 99 -9.99 6.10 3.41
C PRO A 99 -9.56 7.28 4.27
N GLN A 100 -8.82 7.02 5.33
CA GLN A 100 -8.40 8.02 6.20
C GLN A 100 -6.90 8.17 6.13
N ALA A 101 -6.45 9.35 6.33
CA ALA A 101 -5.03 9.65 6.40
C ALA A 101 -4.49 9.08 7.69
N GLY A 102 -3.43 8.32 7.61
CA GLY A 102 -2.86 7.72 8.80
C GLY A 102 -3.37 6.32 9.02
N ASP A 103 -4.24 5.86 8.13
CA ASP A 103 -4.78 4.52 8.22
C ASP A 103 -3.76 3.54 7.72
N ARG A 104 -4.11 2.31 7.77
CA ARG A 104 -3.20 1.27 7.42
C ARG A 104 -3.75 0.42 6.32
N PHE A 105 -2.97 0.20 5.32
CA PHE A 105 -3.42 -0.57 4.21
C PHE A 105 -2.50 -1.74 4.00
N MET A 106 -3.06 -2.75 3.46
CA MET A 106 -2.32 -3.94 3.13
C MET A 106 -2.46 -4.19 1.65
N VAL A 107 -1.36 -4.13 0.97
CA VAL A 107 -1.33 -4.46 -0.41
C VAL A 107 -1.06 -5.95 -0.52
N PHE A 108 -2.05 -6.66 -0.93
CA PHE A 108 -1.93 -8.07 -1.02
C PHE A 108 -2.03 -8.53 -2.44
N GLU A 109 -1.59 -9.74 -2.67
CA GLU A 109 -1.50 -10.34 -3.97
C GLU A 109 -0.43 -9.68 -4.82
N ASP A 110 -0.85 -8.96 -5.88
CA ASP A 110 0.04 -8.36 -6.89
C ASP A 110 0.81 -9.40 -7.69
N GLU A 111 1.51 -10.26 -6.98
CA GLU A 111 2.32 -11.33 -7.52
C GLU A 111 1.54 -12.27 -8.39
N LYS A 112 0.29 -12.57 -8.00
CA LYS A 112 -0.48 -13.56 -8.74
C LYS A 112 -0.74 -13.08 -10.14
N LYS A 113 -1.22 -11.86 -10.25
CA LYS A 113 -1.47 -11.28 -11.55
C LYS A 113 -0.17 -11.04 -12.27
N ALA A 114 0.87 -10.67 -11.53
CA ALA A 114 2.16 -10.37 -12.11
C ALA A 114 2.74 -11.61 -12.78
N ARG A 115 2.88 -12.67 -12.03
CA ARG A 115 3.46 -13.94 -12.50
C ARG A 115 2.68 -14.52 -13.67
N GLN A 116 1.36 -14.42 -13.61
CA GLN A 116 0.52 -14.93 -14.67
C GLN A 116 0.67 -14.13 -15.96
N ILE A 117 1.07 -12.87 -15.82
CA ILE A 117 1.44 -12.06 -16.99
C ILE A 117 2.85 -12.49 -17.43
N GLY A 118 3.76 -12.50 -16.48
CA GLY A 118 5.12 -12.86 -16.74
C GLY A 118 6.06 -12.30 -15.69
N GLU A 119 5.53 -11.38 -14.86
CA GLU A 119 6.20 -10.71 -13.71
C GLU A 119 7.42 -9.85 -14.14
N ALA A 120 7.70 -9.80 -15.40
CA ALA A 120 8.88 -9.13 -15.85
C ALA A 120 8.60 -7.75 -16.37
N ARG A 121 8.01 -7.71 -17.56
CA ARG A 121 7.71 -6.49 -18.31
C ARG A 121 8.97 -5.74 -18.73
N ALA A 122 9.66 -5.19 -17.75
CA ALA A 122 10.87 -4.43 -17.92
C ALA A 122 11.47 -4.17 -16.56
N GLN A 123 10.73 -3.46 -15.72
CA GLN A 123 11.19 -3.18 -14.38
C GLN A 123 10.08 -3.38 -13.36
N ARG A 124 10.23 -4.42 -12.56
CA ARG A 124 9.42 -4.68 -11.38
C ARG A 124 9.89 -5.96 -10.77
N GLN A 125 9.69 -6.09 -9.52
CA GLN A 125 9.97 -7.32 -8.83
C GLN A 125 8.68 -7.88 -8.27
N GLY A 1 -0.89 4.96 29.33
CA GLY A 1 -1.07 6.04 30.28
C GLY A 1 -0.97 5.55 31.70
N SER A 2 -0.49 6.40 32.58
CA SER A 2 -0.35 6.05 33.97
C SER A 2 -1.59 6.53 34.72
N HIS A 3 -2.23 5.65 35.45
CA HIS A 3 -3.40 5.97 36.23
C HIS A 3 -3.14 5.58 37.68
N MET A 4 -3.17 4.29 37.88
CA MET A 4 -3.03 3.55 39.15
C MET A 4 -3.58 2.20 38.81
N LEU A 5 -4.80 2.22 38.39
CA LEU A 5 -5.47 1.09 37.83
C LEU A 5 -5.65 1.43 36.38
N ASP A 6 -4.98 0.66 35.56
CA ASP A 6 -4.79 0.93 34.12
C ASP A 6 -6.04 1.29 33.35
N HIS A 7 -7.19 0.72 33.74
CA HIS A 7 -8.50 0.99 33.12
C HIS A 7 -8.63 0.31 31.77
N LEU A 8 -7.64 0.48 30.93
CA LEU A 8 -7.60 -0.18 29.66
C LEU A 8 -7.16 -1.62 29.88
N LEU A 9 -7.62 -2.52 29.02
CA LEU A 9 -7.38 -3.97 29.12
C LEU A 9 -8.25 -4.61 30.23
N GLU A 10 -8.61 -3.81 31.21
CA GLU A 10 -9.53 -4.21 32.26
C GLU A 10 -10.92 -3.94 31.71
N MET A 11 -11.79 -4.95 31.75
CA MET A 11 -13.10 -4.94 31.05
C MET A 11 -12.86 -5.10 29.56
N ILE A 12 -13.93 -5.23 28.79
CA ILE A 12 -13.83 -5.51 27.36
C ILE A 12 -13.19 -6.88 27.20
N LEU A 13 -14.01 -7.88 27.12
CA LEU A 13 -13.54 -9.26 27.12
C LEU A 13 -12.95 -9.69 25.78
N LEU A 14 -12.61 -8.72 24.98
CA LEU A 14 -12.01 -8.93 23.68
C LEU A 14 -10.51 -8.61 23.73
N VAL A 15 -9.93 -8.69 24.95
CA VAL A 15 -8.48 -8.48 25.23
C VAL A 15 -8.07 -7.00 25.22
N SER A 16 -8.63 -6.25 24.28
CA SER A 16 -8.30 -4.86 23.99
C SER A 16 -7.03 -4.83 23.14
N GLU A 17 -7.17 -4.35 21.94
CA GLU A 17 -6.09 -4.34 21.01
C GLU A 17 -5.25 -3.11 21.20
N MET A 18 -4.07 -3.12 20.66
CA MET A 18 -3.21 -1.98 20.73
C MET A 18 -3.49 -1.10 19.52
N GLU A 19 -4.49 -0.27 19.64
CA GLU A 19 -4.86 0.58 18.57
C GLU A 19 -4.02 1.84 18.62
N GLU A 20 -3.25 2.03 17.61
CA GLU A 20 -2.41 3.18 17.50
C GLU A 20 -3.13 4.22 16.67
N LEU A 21 -2.79 5.46 16.87
CA LEU A 21 -3.45 6.53 16.14
C LEU A 21 -2.43 7.39 15.43
N LYS A 22 -1.18 7.29 15.82
CA LYS A 22 -0.17 8.14 15.26
C LYS A 22 1.01 7.36 14.67
N ALA A 23 1.18 6.16 15.10
CA ALA A 23 2.23 5.34 14.62
C ALA A 23 1.64 4.15 13.91
N ASN A 24 2.49 3.37 13.36
CA ASN A 24 2.13 2.17 12.65
C ASN A 24 2.86 1.00 13.30
N PRO A 25 2.12 0.13 14.01
CA PRO A 25 2.70 -1.00 14.71
C PRO A 25 2.97 -2.23 13.82
N ASN A 26 2.55 -2.17 12.57
CA ASN A 26 2.73 -3.30 11.67
C ASN A 26 3.52 -2.83 10.45
N ARG A 27 4.38 -1.84 10.73
CA ARG A 27 5.24 -1.07 9.76
C ARG A 27 6.23 -1.94 8.91
N ARG A 28 5.97 -3.19 8.78
CA ARG A 28 6.82 -4.10 8.04
C ARG A 28 6.01 -4.92 7.03
N ALA A 29 4.71 -5.00 7.23
CA ALA A 29 3.88 -5.79 6.35
C ALA A 29 2.77 -4.94 5.75
N VAL A 30 2.79 -3.66 6.07
CA VAL A 30 1.78 -2.75 5.63
C VAL A 30 2.42 -1.40 5.44
N GLY A 31 1.71 -0.52 4.83
CA GLY A 31 2.16 0.83 4.70
C GLY A 31 1.24 1.73 5.45
N THR A 32 1.46 2.99 5.40
CA THR A 32 0.60 3.89 6.11
C THR A 32 -0.02 4.88 5.12
N VAL A 33 -1.27 5.21 5.33
CA VAL A 33 -1.95 6.18 4.50
C VAL A 33 -1.58 7.56 5.02
N ILE A 34 -1.25 8.46 4.15
CA ILE A 34 -0.82 9.78 4.58
C ILE A 34 -1.97 10.78 4.61
N GLU A 35 -2.88 10.64 3.67
CA GLU A 35 -4.07 11.46 3.60
C GLU A 35 -5.12 10.71 2.81
N ALA A 36 -6.36 10.92 3.14
CA ALA A 36 -7.43 10.25 2.46
C ALA A 36 -8.63 11.15 2.33
N LYS A 37 -9.14 11.29 1.13
CA LYS A 37 -10.26 12.19 0.85
C LYS A 37 -10.69 12.01 -0.60
N LEU A 38 -11.69 12.72 -0.98
CA LEU A 38 -12.20 12.66 -2.33
C LEU A 38 -11.35 13.50 -3.29
N ASP A 39 -11.34 13.11 -4.51
CA ASP A 39 -10.82 13.91 -5.57
C ASP A 39 -11.87 13.96 -6.66
N LYS A 40 -12.10 15.11 -7.20
CA LYS A 40 -13.14 15.27 -8.22
C LYS A 40 -12.72 14.74 -9.59
N GLY A 41 -11.43 14.55 -9.80
CA GLY A 41 -10.96 14.13 -11.09
C GLY A 41 -10.53 12.68 -11.12
N ARG A 42 -9.94 12.23 -10.04
CA ARG A 42 -9.45 10.86 -9.94
C ARG A 42 -10.48 9.97 -9.25
N GLY A 43 -11.28 10.56 -8.39
CA GLY A 43 -12.28 9.82 -7.66
C GLY A 43 -11.90 9.72 -6.21
N PRO A 44 -12.28 8.66 -5.52
CA PRO A 44 -11.89 8.47 -4.13
C PRO A 44 -10.39 8.21 -4.06
N VAL A 45 -9.65 9.10 -3.43
CA VAL A 45 -8.21 8.98 -3.42
C VAL A 45 -7.66 8.75 -2.04
N ALA A 46 -6.74 7.88 -1.96
CA ALA A 46 -6.03 7.64 -0.77
C ALA A 46 -4.58 7.76 -1.09
N THR A 47 -3.97 8.77 -0.56
CA THR A 47 -2.59 8.96 -0.78
C THR A 47 -1.89 8.20 0.30
N LEU A 48 -1.05 7.32 -0.07
CA LEU A 48 -0.42 6.45 0.85
C LEU A 48 1.03 6.23 0.51
N LEU A 49 1.73 5.59 1.41
CA LEU A 49 3.10 5.23 1.18
C LEU A 49 3.17 3.69 1.25
N VAL A 50 3.33 3.05 0.10
CA VAL A 50 3.34 1.59 0.05
C VAL A 50 4.66 1.00 0.58
N GLN A 51 4.54 0.16 1.60
CA GLN A 51 5.70 -0.47 2.21
C GLN A 51 5.60 -1.98 2.13
N ALA A 52 4.42 -2.47 1.82
CA ALA A 52 4.15 -3.90 1.86
C ALA A 52 4.60 -4.60 0.60
N GLY A 53 5.02 -3.83 -0.37
CA GLY A 53 5.46 -4.41 -1.61
C GLY A 53 5.38 -3.45 -2.75
N THR A 54 4.48 -3.71 -3.64
CA THR A 54 4.36 -2.93 -4.86
C THR A 54 2.87 -2.74 -5.14
N LEU A 55 2.47 -1.57 -5.59
CA LEU A 55 1.07 -1.26 -5.77
C LEU A 55 0.81 -1.09 -7.27
N LYS A 56 -0.17 -1.81 -7.79
CA LYS A 56 -0.50 -1.77 -9.20
C LYS A 56 -2.02 -1.72 -9.38
N VAL A 57 -2.46 -1.11 -10.46
CA VAL A 57 -3.86 -0.99 -10.78
C VAL A 57 -4.49 -2.33 -11.14
N GLY A 58 -5.73 -2.48 -10.79
CA GLY A 58 -6.47 -3.66 -11.12
C GLY A 58 -6.33 -4.74 -10.08
N ASP A 59 -5.54 -4.49 -9.07
CA ASP A 59 -5.30 -5.51 -8.06
C ASP A 59 -6.09 -5.16 -6.81
N PRO A 60 -6.70 -6.16 -6.14
CA PRO A 60 -7.46 -5.93 -4.91
C PRO A 60 -6.56 -5.65 -3.70
N ILE A 61 -6.93 -4.65 -2.96
CA ILE A 61 -6.19 -4.18 -1.81
C ILE A 61 -7.09 -4.12 -0.59
N VAL A 62 -6.48 -3.87 0.55
CA VAL A 62 -7.18 -3.66 1.79
C VAL A 62 -6.52 -2.50 2.56
N VAL A 63 -7.32 -1.50 2.85
CA VAL A 63 -6.85 -0.32 3.56
C VAL A 63 -7.71 -0.16 4.81
N GLY A 64 -7.12 -0.47 5.95
CA GLY A 64 -7.88 -0.46 7.18
C GLY A 64 -8.98 -1.49 7.14
N THR A 65 -10.19 -1.05 7.25
CA THR A 65 -11.32 -1.93 7.18
C THR A 65 -12.01 -1.86 5.81
N THR A 66 -11.51 -0.98 4.96
CA THR A 66 -12.10 -0.81 3.66
C THR A 66 -11.21 -1.47 2.59
N TYR A 67 -11.80 -2.28 1.77
CA TYR A 67 -11.05 -2.97 0.75
C TYR A 67 -11.64 -2.66 -0.61
N GLY A 68 -10.92 -3.00 -1.64
CA GLY A 68 -11.39 -2.74 -2.97
C GLY A 68 -10.34 -3.05 -3.97
N ARG A 69 -10.52 -2.57 -5.16
CA ARG A 69 -9.59 -2.79 -6.22
C ARG A 69 -9.00 -1.44 -6.62
N VAL A 70 -7.73 -1.42 -6.97
CA VAL A 70 -7.09 -0.19 -7.40
C VAL A 70 -7.53 0.13 -8.82
N ARG A 71 -8.07 1.30 -9.02
CA ARG A 71 -8.54 1.68 -10.33
C ARG A 71 -7.44 2.44 -11.09
N ALA A 72 -7.00 3.54 -10.53
CA ALA A 72 -5.99 4.39 -11.15
C ALA A 72 -4.88 4.63 -10.18
N MET A 73 -3.70 4.78 -10.71
CA MET A 73 -2.52 5.02 -9.92
C MET A 73 -1.95 6.34 -10.31
N VAL A 74 -1.90 7.25 -9.41
CA VAL A 74 -1.25 8.52 -9.67
C VAL A 74 -0.23 8.71 -8.58
N ASN A 75 0.98 8.95 -8.93
CA ASN A 75 2.00 9.02 -7.92
C ASN A 75 2.23 10.46 -7.52
N ASP A 76 3.08 10.66 -6.53
CA ASP A 76 3.39 11.99 -5.95
C ASP A 76 3.94 12.99 -6.99
N SER A 77 4.52 12.48 -8.07
CA SER A 77 5.03 13.34 -9.12
C SER A 77 3.87 13.87 -9.99
N GLY A 78 2.73 13.21 -9.87
CA GLY A 78 1.54 13.65 -10.58
C GLY A 78 1.41 12.99 -11.90
N ARG A 79 1.87 11.78 -11.95
CA ARG A 79 1.86 11.03 -13.15
C ARG A 79 0.99 9.84 -12.95
N ARG A 80 0.06 9.68 -13.84
CA ARG A 80 -0.87 8.60 -13.82
C ARG A 80 -0.15 7.41 -14.45
N VAL A 81 -0.08 6.34 -13.72
CA VAL A 81 0.68 5.19 -14.13
C VAL A 81 -0.11 3.93 -13.86
N LYS A 82 0.49 2.80 -14.07
CA LYS A 82 -0.16 1.53 -13.83
C LYS A 82 0.26 0.98 -12.48
N GLU A 83 1.48 1.23 -12.10
CA GLU A 83 2.00 0.70 -10.86
C GLU A 83 3.05 1.60 -10.26
N ALA A 84 3.36 1.35 -9.03
CA ALA A 84 4.36 2.08 -8.29
C ALA A 84 5.02 1.15 -7.31
N GLY A 85 6.26 1.43 -7.01
CA GLY A 85 7.03 0.57 -6.15
C GLY A 85 7.03 1.05 -4.73
N PRO A 86 7.72 0.33 -3.83
CA PRO A 86 7.77 0.67 -2.41
C PRO A 86 8.52 1.97 -2.17
N SER A 87 8.30 2.54 -0.99
CA SER A 87 8.88 3.82 -0.53
C SER A 87 8.39 5.04 -1.33
N MET A 88 7.44 4.83 -2.21
CA MET A 88 6.89 5.89 -3.02
C MET A 88 5.47 6.25 -2.57
N PRO A 89 5.14 7.56 -2.48
CA PRO A 89 3.80 8.02 -2.17
C PRO A 89 2.93 8.01 -3.43
N VAL A 90 1.81 7.36 -3.34
CA VAL A 90 0.90 7.27 -4.46
C VAL A 90 -0.53 7.46 -4.02
N GLU A 91 -1.33 7.89 -4.93
CA GLU A 91 -2.74 8.06 -4.72
C GLU A 91 -3.46 6.97 -5.46
N ILE A 92 -4.11 6.13 -4.72
CA ILE A 92 -4.89 5.07 -5.29
C ILE A 92 -6.33 5.50 -5.36
N THR A 93 -7.09 4.74 -6.06
CA THR A 93 -8.48 4.99 -6.28
C THR A 93 -9.15 3.66 -6.47
N GLY A 94 -10.45 3.62 -6.42
CA GLY A 94 -11.15 2.39 -6.70
C GLY A 94 -11.88 1.82 -5.52
N LEU A 95 -11.55 2.29 -4.32
CA LEU A 95 -12.20 1.84 -3.11
C LEU A 95 -13.68 2.24 -3.10
N HIS A 96 -13.93 3.45 -3.57
CA HIS A 96 -15.25 4.11 -3.58
C HIS A 96 -15.76 4.31 -2.14
N ASP A 97 -14.85 4.25 -1.23
CA ASP A 97 -15.08 4.48 0.17
C ASP A 97 -13.89 5.23 0.67
N VAL A 98 -13.96 5.77 1.83
CA VAL A 98 -12.90 6.60 2.30
C VAL A 98 -12.13 5.93 3.45
N PRO A 99 -10.84 5.70 3.26
CA PRO A 99 -9.95 5.18 4.28
C PRO A 99 -9.47 6.28 5.21
N GLN A 100 -8.72 5.95 6.22
CA GLN A 100 -8.25 6.96 7.13
C GLN A 100 -6.82 7.33 6.88
N ALA A 101 -6.53 8.60 6.98
CA ALA A 101 -5.16 9.06 7.01
C ALA A 101 -4.53 8.56 8.30
N GLY A 102 -3.44 7.85 8.20
CA GLY A 102 -2.83 7.27 9.35
C GLY A 102 -3.20 5.81 9.50
N ASP A 103 -4.03 5.30 8.58
CA ASP A 103 -4.44 3.91 8.67
C ASP A 103 -3.38 3.03 8.04
N ARG A 104 -3.60 1.75 8.11
CA ARG A 104 -2.66 0.78 7.67
C ARG A 104 -3.25 -0.04 6.56
N PHE A 105 -2.57 -0.08 5.48
CA PHE A 105 -3.04 -0.84 4.34
C PHE A 105 -2.03 -1.89 3.98
N MET A 106 -2.50 -2.98 3.48
CA MET A 106 -1.64 -4.08 3.13
C MET A 106 -1.76 -4.32 1.65
N VAL A 107 -0.63 -4.33 0.99
CA VAL A 107 -0.60 -4.54 -0.43
C VAL A 107 0.29 -5.69 -0.78
N PHE A 108 -0.33 -6.75 -1.16
CA PHE A 108 0.35 -7.89 -1.68
C PHE A 108 -0.31 -8.12 -3.00
N GLU A 109 0.46 -8.13 -4.05
CA GLU A 109 -0.14 -8.23 -5.35
C GLU A 109 -0.67 -9.63 -5.64
N ASP A 110 -1.89 -9.65 -6.11
CA ASP A 110 -2.63 -10.85 -6.47
C ASP A 110 -1.93 -11.57 -7.57
N GLU A 111 -1.47 -10.80 -8.54
CA GLU A 111 -0.76 -11.37 -9.65
C GLU A 111 0.64 -11.82 -9.24
N LYS A 112 1.12 -11.37 -8.09
CA LYS A 112 2.38 -11.86 -7.53
C LYS A 112 2.14 -13.19 -6.90
N LYS A 113 1.00 -13.31 -6.26
CA LYS A 113 0.54 -14.58 -5.71
C LYS A 113 0.44 -15.58 -6.86
N ALA A 114 -0.19 -15.14 -7.92
CA ALA A 114 -0.34 -15.93 -9.13
C ALA A 114 1.03 -16.29 -9.72
N ARG A 115 1.90 -15.31 -9.81
CA ARG A 115 3.25 -15.45 -10.37
C ARG A 115 4.06 -16.50 -9.58
N GLN A 116 3.95 -16.45 -8.26
CA GLN A 116 4.70 -17.36 -7.40
C GLN A 116 4.12 -18.78 -7.39
N ILE A 117 2.80 -18.89 -7.49
CA ILE A 117 2.16 -20.19 -7.50
C ILE A 117 2.28 -20.82 -8.90
N GLY A 118 2.32 -19.98 -9.90
CA GLY A 118 2.42 -20.44 -11.25
C GLY A 118 1.11 -20.32 -11.98
N GLU A 119 0.32 -19.33 -11.62
CA GLU A 119 -0.97 -19.11 -12.23
C GLU A 119 -0.84 -18.05 -13.32
N ALA A 120 0.17 -17.23 -13.17
CA ALA A 120 0.42 -16.15 -14.09
C ALA A 120 1.47 -16.55 -15.08
N ARG A 121 1.58 -15.79 -16.14
CA ARG A 121 2.57 -16.06 -17.15
C ARG A 121 3.88 -15.34 -16.86
N ALA A 122 4.80 -16.04 -16.22
CA ALA A 122 6.11 -15.49 -15.91
C ALA A 122 7.09 -15.86 -17.01
N GLN A 123 6.61 -16.64 -17.94
CA GLN A 123 7.37 -17.10 -19.06
C GLN A 123 6.48 -17.07 -20.29
N ARG A 124 7.10 -17.00 -21.45
CA ARG A 124 6.39 -17.03 -22.70
C ARG A 124 6.15 -18.45 -23.09
N GLN A 125 4.99 -18.71 -23.58
CA GLN A 125 4.62 -20.03 -23.96
C GLN A 125 4.35 -20.03 -25.45
N GLY A 1 22.43 -14.50 15.50
CA GLY A 1 22.85 -15.88 15.59
C GLY A 1 24.35 -15.98 15.67
N SER A 2 24.96 -16.57 14.67
CA SER A 2 26.40 -16.72 14.63
C SER A 2 27.09 -15.39 14.34
N HIS A 3 26.39 -14.50 13.65
CA HIS A 3 26.92 -13.18 13.38
C HIS A 3 26.10 -12.16 14.13
N MET A 4 26.43 -12.02 15.40
CA MET A 4 25.74 -11.11 16.35
C MET A 4 24.23 -11.27 16.39
N LEU A 5 23.51 -10.36 15.75
CA LEU A 5 22.08 -10.34 15.86
C LEU A 5 21.38 -10.43 14.53
N ASP A 6 20.34 -11.19 14.50
CA ASP A 6 19.47 -11.37 13.33
C ASP A 6 18.05 -11.43 13.81
N HIS A 7 17.90 -11.10 15.11
CA HIS A 7 16.65 -11.26 15.85
C HIS A 7 16.31 -12.72 15.93
N LEU A 8 16.88 -13.38 16.92
CA LEU A 8 16.75 -14.82 17.04
C LEU A 8 15.34 -15.20 17.46
N LEU A 9 14.53 -15.49 16.49
CA LEU A 9 13.17 -15.89 16.70
C LEU A 9 12.97 -17.29 16.20
N GLU A 10 12.54 -18.15 17.08
CA GLU A 10 12.38 -19.55 16.76
C GLU A 10 11.08 -19.79 16.00
N MET A 11 10.01 -19.20 16.47
CA MET A 11 8.72 -19.41 15.85
C MET A 11 8.25 -18.08 15.29
N ILE A 12 8.28 -17.96 13.98
CA ILE A 12 7.87 -16.74 13.27
C ILE A 12 6.66 -17.13 12.39
N LEU A 13 5.95 -18.14 12.87
CA LEU A 13 4.84 -18.79 12.18
C LEU A 13 5.34 -19.65 11.03
N LEU A 14 4.48 -20.38 10.41
CA LEU A 14 4.92 -21.31 9.42
C LEU A 14 4.52 -20.91 8.01
N VAL A 15 5.38 -20.15 7.34
CA VAL A 15 5.22 -19.96 5.90
C VAL A 15 5.83 -21.18 5.21
N SER A 16 6.76 -21.78 5.97
CA SER A 16 7.41 -23.02 5.69
C SER A 16 8.36 -23.03 4.52
N GLU A 17 7.83 -23.26 3.37
CA GLU A 17 8.66 -23.55 2.22
C GLU A 17 7.92 -23.32 0.91
N MET A 18 8.62 -23.63 -0.18
CA MET A 18 8.16 -23.53 -1.58
C MET A 18 8.04 -22.09 -2.02
N GLU A 19 6.97 -21.45 -1.68
CA GLU A 19 6.76 -20.10 -2.11
C GLU A 19 6.95 -19.15 -0.97
N GLU A 20 7.68 -18.11 -1.20
CA GLU A 20 7.84 -17.07 -0.22
C GLU A 20 6.57 -16.26 -0.21
N LEU A 21 6.22 -15.70 0.91
CA LEU A 21 4.97 -15.03 1.01
C LEU A 21 5.16 -13.63 1.53
N LYS A 22 5.63 -12.77 0.68
CA LYS A 22 5.73 -11.40 1.02
C LYS A 22 4.66 -10.62 0.31
N ALA A 23 4.14 -9.65 1.02
CA ALA A 23 3.12 -8.72 0.63
C ALA A 23 2.81 -8.01 1.92
N ASN A 24 1.75 -7.26 2.02
CA ASN A 24 1.49 -6.57 3.29
C ASN A 24 0.87 -7.45 4.46
N PRO A 25 0.38 -8.72 4.27
CA PRO A 25 0.01 -9.63 5.41
C PRO A 25 1.22 -10.02 6.31
N ASN A 26 2.17 -9.15 6.39
CA ASN A 26 3.38 -9.37 7.12
C ASN A 26 3.24 -8.73 8.50
N ARG A 27 3.95 -9.25 9.48
CA ARG A 27 3.81 -8.81 10.89
C ARG A 27 4.63 -7.57 11.25
N ARG A 28 4.96 -6.79 10.25
CA ARG A 28 5.67 -5.53 10.43
C ARG A 28 5.59 -4.71 9.15
N ALA A 29 5.47 -5.38 8.04
CA ALA A 29 5.39 -4.71 6.77
C ALA A 29 3.95 -4.61 6.25
N VAL A 30 3.51 -3.38 6.14
CA VAL A 30 2.23 -2.90 5.60
C VAL A 30 2.49 -1.52 5.15
N GLY A 31 1.52 -0.88 4.66
CA GLY A 31 1.69 0.41 4.19
C GLY A 31 0.93 1.32 5.01
N THR A 32 1.12 2.54 4.78
CA THR A 32 0.48 3.55 5.53
C THR A 32 -0.13 4.58 4.63
N VAL A 33 -1.26 5.06 5.00
CA VAL A 33 -1.90 6.10 4.24
C VAL A 33 -1.40 7.40 4.78
N ILE A 34 -0.97 8.28 3.93
CA ILE A 34 -0.42 9.53 4.39
C ILE A 34 -1.49 10.60 4.49
N GLU A 35 -2.40 10.60 3.56
CA GLU A 35 -3.53 11.52 3.56
C GLU A 35 -4.67 10.89 2.78
N ALA A 36 -5.87 11.26 3.07
CA ALA A 36 -7.01 10.70 2.39
C ALA A 36 -8.01 11.81 2.13
N LYS A 37 -8.63 11.80 0.95
CA LYS A 37 -9.61 12.83 0.60
C LYS A 37 -10.33 12.48 -0.68
N LEU A 38 -11.24 13.32 -1.03
CA LEU A 38 -12.04 13.16 -2.22
C LEU A 38 -11.32 13.81 -3.40
N ASP A 39 -11.53 13.28 -4.54
CA ASP A 39 -11.04 13.88 -5.73
C ASP A 39 -12.20 13.99 -6.73
N LYS A 40 -12.38 15.17 -7.28
CA LYS A 40 -13.47 15.42 -8.24
C LYS A 40 -13.27 14.68 -9.58
N GLY A 41 -12.06 14.31 -9.87
CA GLY A 41 -11.76 13.68 -11.13
C GLY A 41 -11.55 12.19 -11.00
N ARG A 42 -10.86 11.81 -9.95
CA ARG A 42 -10.52 10.42 -9.74
C ARG A 42 -11.52 9.71 -8.82
N GLY A 43 -12.22 10.46 -8.03
CA GLY A 43 -13.15 9.89 -7.06
C GLY A 43 -12.48 9.80 -5.72
N PRO A 44 -12.97 8.95 -4.80
CA PRO A 44 -12.30 8.73 -3.50
C PRO A 44 -10.85 8.27 -3.70
N VAL A 45 -9.91 9.08 -3.24
CA VAL A 45 -8.51 8.78 -3.38
C VAL A 45 -7.86 8.65 -2.03
N ALA A 46 -6.81 7.91 -1.99
CA ALA A 46 -6.04 7.74 -0.80
C ALA A 46 -4.59 7.83 -1.15
N THR A 47 -3.93 8.81 -0.63
CA THR A 47 -2.54 8.98 -0.85
C THR A 47 -1.84 8.13 0.18
N LEU A 48 -1.14 7.17 -0.25
CA LEU A 48 -0.53 6.25 0.64
C LEU A 48 0.92 5.97 0.28
N LEU A 49 1.59 5.28 1.16
CA LEU A 49 2.96 4.93 0.98
C LEU A 49 3.05 3.40 1.09
N VAL A 50 3.28 2.74 -0.04
CA VAL A 50 3.37 1.27 -0.06
C VAL A 50 4.69 0.80 0.52
N GLN A 51 4.59 -0.03 1.55
CA GLN A 51 5.78 -0.48 2.20
C GLN A 51 5.98 -1.99 2.20
N ALA A 52 4.95 -2.85 2.02
CA ALA A 52 5.33 -4.27 2.12
C ALA A 52 5.60 -4.95 0.79
N GLY A 53 5.29 -4.30 -0.30
CA GLY A 53 5.49 -4.95 -1.55
C GLY A 53 5.46 -4.02 -2.71
N THR A 54 4.44 -4.13 -3.49
CA THR A 54 4.29 -3.36 -4.71
C THR A 54 2.83 -3.09 -4.95
N LEU A 55 2.51 -1.89 -5.35
CA LEU A 55 1.14 -1.52 -5.59
C LEU A 55 0.98 -1.40 -7.09
N LYS A 56 -0.02 -2.00 -7.65
CA LYS A 56 -0.23 -1.95 -9.08
C LYS A 56 -1.72 -1.95 -9.39
N VAL A 57 -2.07 -1.35 -10.50
CA VAL A 57 -3.44 -1.21 -10.92
C VAL A 57 -4.10 -2.53 -11.27
N GLY A 58 -5.37 -2.60 -11.00
CA GLY A 58 -6.16 -3.71 -11.40
C GLY A 58 -6.36 -4.72 -10.32
N ASP A 59 -5.56 -4.68 -9.30
CA ASP A 59 -5.70 -5.70 -8.27
C ASP A 59 -6.23 -5.16 -6.96
N PRO A 60 -6.91 -6.03 -6.17
CA PRO A 60 -7.45 -5.69 -4.87
C PRO A 60 -6.38 -5.31 -3.84
N ILE A 61 -6.75 -4.42 -2.97
CA ILE A 61 -5.92 -3.90 -1.90
C ILE A 61 -6.79 -3.66 -0.68
N VAL A 62 -6.22 -3.61 0.51
CA VAL A 62 -7.00 -3.37 1.73
C VAL A 62 -6.47 -2.12 2.42
N VAL A 63 -7.31 -1.12 2.55
CA VAL A 63 -6.94 0.14 3.19
C VAL A 63 -7.84 0.42 4.38
N GLY A 64 -7.30 0.27 5.56
CA GLY A 64 -8.07 0.52 6.74
C GLY A 64 -9.14 -0.52 6.95
N THR A 65 -10.36 -0.10 6.81
CA THR A 65 -11.51 -0.94 7.00
C THR A 65 -12.14 -1.35 5.67
N THR A 66 -11.62 -0.84 4.59
CA THR A 66 -12.21 -1.08 3.31
C THR A 66 -11.17 -1.64 2.34
N TYR A 67 -11.58 -2.55 1.52
CA TYR A 67 -10.72 -3.07 0.52
C TYR A 67 -11.34 -2.74 -0.82
N GLY A 68 -10.54 -2.65 -1.82
CA GLY A 68 -11.03 -2.30 -3.11
C GLY A 68 -10.05 -2.71 -4.16
N ARG A 69 -10.20 -2.18 -5.33
CA ARG A 69 -9.33 -2.53 -6.44
C ARG A 69 -8.77 -1.25 -7.01
N VAL A 70 -7.49 -1.24 -7.31
CA VAL A 70 -6.83 -0.04 -7.79
C VAL A 70 -7.23 0.27 -9.22
N ARG A 71 -7.97 1.34 -9.37
CA ARG A 71 -8.45 1.76 -10.66
C ARG A 71 -7.37 2.57 -11.41
N ALA A 72 -6.82 3.55 -10.75
CA ALA A 72 -5.79 4.39 -11.32
C ALA A 72 -4.73 4.61 -10.29
N MET A 73 -3.52 4.68 -10.75
CA MET A 73 -2.40 4.91 -9.90
C MET A 73 -1.83 6.24 -10.29
N VAL A 74 -1.84 7.17 -9.41
CA VAL A 74 -1.27 8.45 -9.68
C VAL A 74 -0.31 8.73 -8.57
N ASN A 75 0.93 9.04 -8.87
CA ASN A 75 1.90 9.18 -7.82
C ASN A 75 1.88 10.60 -7.29
N ASP A 76 2.69 10.86 -6.29
CA ASP A 76 2.77 12.17 -5.62
C ASP A 76 2.97 13.35 -6.57
N SER A 77 3.66 13.15 -7.69
CA SER A 77 3.93 14.25 -8.60
C SER A 77 2.66 14.59 -9.41
N GLY A 78 1.80 13.60 -9.58
CA GLY A 78 0.54 13.85 -10.28
C GLY A 78 0.63 13.37 -11.66
N ARG A 79 1.29 12.27 -11.74
CA ARG A 79 1.63 11.62 -12.94
C ARG A 79 0.98 10.25 -12.87
N ARG A 80 0.24 9.92 -13.87
CA ARG A 80 -0.54 8.69 -13.88
C ARG A 80 0.39 7.53 -14.26
N VAL A 81 0.35 6.49 -13.48
CA VAL A 81 1.23 5.34 -13.67
C VAL A 81 0.44 4.06 -13.51
N LYS A 82 1.09 2.94 -13.61
CA LYS A 82 0.40 1.66 -13.53
C LYS A 82 0.78 0.91 -12.27
N GLU A 83 1.97 1.15 -11.77
CA GLU A 83 2.42 0.49 -10.57
C GLU A 83 3.39 1.36 -9.82
N ALA A 84 3.69 0.99 -8.61
CA ALA A 84 4.59 1.69 -7.77
C ALA A 84 5.31 0.72 -6.88
N GLY A 85 6.60 0.88 -6.78
CA GLY A 85 7.39 0.07 -5.92
C GLY A 85 7.34 0.59 -4.50
N PRO A 86 7.96 -0.10 -3.56
CA PRO A 86 7.91 0.30 -2.16
C PRO A 86 8.65 1.61 -1.89
N SER A 87 8.25 2.26 -0.81
CA SER A 87 8.80 3.53 -0.35
C SER A 87 8.26 4.71 -1.19
N MET A 88 7.41 4.40 -2.16
CA MET A 88 6.85 5.41 -3.03
C MET A 88 5.44 5.81 -2.62
N PRO A 89 5.17 7.14 -2.57
CA PRO A 89 3.85 7.65 -2.30
C PRO A 89 2.99 7.72 -3.56
N VAL A 90 1.83 7.12 -3.50
CA VAL A 90 0.89 7.09 -4.61
C VAL A 90 -0.52 7.25 -4.12
N GLU A 91 -1.36 7.72 -4.98
CA GLU A 91 -2.75 7.82 -4.70
C GLU A 91 -3.47 6.78 -5.49
N ILE A 92 -4.12 5.91 -4.80
CA ILE A 92 -4.87 4.86 -5.42
C ILE A 92 -6.31 5.26 -5.48
N THR A 93 -7.08 4.50 -6.20
CA THR A 93 -8.47 4.73 -6.37
C THR A 93 -9.15 3.40 -6.49
N GLY A 94 -10.41 3.39 -6.19
CA GLY A 94 -11.21 2.21 -6.34
C GLY A 94 -11.60 1.58 -5.03
N LEU A 95 -11.59 2.36 -3.98
CA LEU A 95 -12.11 1.90 -2.73
C LEU A 95 -13.58 2.19 -2.69
N HIS A 96 -13.94 3.35 -3.25
CA HIS A 96 -15.30 3.85 -3.33
C HIS A 96 -15.89 4.03 -1.91
N ASP A 97 -15.01 4.15 -0.93
CA ASP A 97 -15.40 4.29 0.46
C ASP A 97 -14.46 5.34 1.06
N VAL A 98 -14.63 5.63 2.32
CA VAL A 98 -13.84 6.64 2.99
C VAL A 98 -12.55 6.04 3.62
N PRO A 99 -11.37 6.44 3.12
CA PRO A 99 -10.10 6.01 3.67
C PRO A 99 -9.65 6.90 4.84
N GLN A 100 -8.64 6.46 5.56
CA GLN A 100 -8.13 7.21 6.69
C GLN A 100 -6.64 7.38 6.62
N ALA A 101 -6.20 8.59 6.81
CA ALA A 101 -4.79 8.93 6.88
C ALA A 101 -4.19 8.40 8.17
N GLY A 102 -3.03 7.79 8.09
CA GLY A 102 -2.37 7.26 9.24
C GLY A 102 -2.75 5.83 9.50
N ASP A 103 -3.68 5.31 8.71
CA ASP A 103 -4.12 3.94 8.90
C ASP A 103 -3.18 3.02 8.19
N ARG A 104 -3.44 1.76 8.26
CA ARG A 104 -2.58 0.79 7.69
C ARG A 104 -3.24 0.18 6.49
N PHE A 105 -2.46 -0.07 5.50
CA PHE A 105 -2.99 -0.74 4.36
C PHE A 105 -2.11 -1.91 4.02
N MET A 106 -2.70 -2.83 3.41
CA MET A 106 -2.12 -4.04 3.02
C MET A 106 -2.27 -4.24 1.51
N VAL A 107 -1.14 -4.29 0.84
CA VAL A 107 -1.04 -4.57 -0.56
C VAL A 107 -0.98 -6.08 -0.74
N PHE A 108 -1.59 -6.57 -1.78
CA PHE A 108 -1.53 -7.97 -2.09
C PHE A 108 -0.45 -8.24 -3.12
N GLU A 109 -0.16 -9.49 -3.26
CA GLU A 109 0.82 -9.98 -4.18
C GLU A 109 0.29 -9.92 -5.62
N ASP A 110 1.14 -9.51 -6.51
CA ASP A 110 0.82 -9.35 -7.93
C ASP A 110 0.44 -10.68 -8.56
N GLU A 111 1.23 -11.70 -8.26
CA GLU A 111 1.00 -13.04 -8.78
C GLU A 111 -0.12 -13.80 -8.04
N LYS A 112 -0.66 -13.20 -6.97
CA LYS A 112 -1.69 -13.85 -6.11
C LYS A 112 -2.90 -14.25 -6.92
N LYS A 113 -3.20 -13.44 -7.89
CA LYS A 113 -4.31 -13.71 -8.80
C LYS A 113 -4.07 -15.03 -9.52
N ALA A 114 -2.88 -15.13 -10.09
CA ALA A 114 -2.40 -16.33 -10.76
C ALA A 114 -2.33 -17.49 -9.77
N ARG A 115 -1.81 -17.18 -8.58
CA ARG A 115 -1.69 -18.09 -7.45
C ARG A 115 -3.02 -18.79 -7.20
N GLN A 116 -4.05 -17.98 -7.04
CA GLN A 116 -5.39 -18.46 -6.78
C GLN A 116 -5.92 -19.35 -7.90
N ILE A 117 -5.63 -18.98 -9.13
CA ILE A 117 -6.13 -19.70 -10.28
C ILE A 117 -5.39 -21.01 -10.49
N GLY A 118 -4.07 -20.95 -10.58
CA GLY A 118 -3.34 -22.15 -10.85
C GLY A 118 -1.92 -22.20 -10.33
N GLU A 119 -1.39 -21.09 -9.86
CA GLU A 119 0.02 -21.06 -9.47
C GLU A 119 0.25 -21.43 -8.00
N ALA A 120 -0.75 -22.00 -7.38
CA ALA A 120 -0.62 -22.46 -6.02
C ALA A 120 -0.56 -23.96 -5.98
N ARG A 121 -1.69 -24.56 -6.32
CA ARG A 121 -1.91 -26.00 -6.34
C ARG A 121 -1.58 -26.70 -5.02
N ALA A 122 -0.33 -27.07 -4.81
CA ALA A 122 0.05 -27.72 -3.59
C ALA A 122 0.41 -26.69 -2.53
N GLN A 123 0.84 -25.53 -2.97
CA GLN A 123 1.24 -24.49 -2.05
C GLN A 123 0.09 -23.51 -1.83
N ARG A 124 -0.78 -23.84 -0.89
CA ARG A 124 -1.91 -22.99 -0.53
C ARG A 124 -2.46 -23.35 0.83
N GLN A 125 -1.55 -23.62 1.74
CA GLN A 125 -1.93 -23.93 3.11
C GLN A 125 -2.00 -22.63 3.88
N GLY A 1 0.19 -20.84 53.74
CA GLY A 1 -0.90 -20.45 52.85
C GLY A 1 -0.37 -20.12 51.49
N SER A 2 -0.94 -19.13 50.86
CA SER A 2 -0.57 -18.73 49.55
C SER A 2 0.60 -17.73 49.57
N HIS A 3 1.78 -18.23 49.24
CA HIS A 3 2.99 -17.44 49.18
C HIS A 3 3.28 -17.01 47.72
N MET A 4 2.48 -17.55 46.80
CA MET A 4 2.62 -17.34 45.36
C MET A 4 3.85 -18.04 44.81
N LEU A 5 3.61 -18.97 43.93
CA LEU A 5 4.67 -19.77 43.35
C LEU A 5 5.33 -19.00 42.21
N ASP A 6 4.66 -17.93 41.76
CA ASP A 6 5.14 -17.01 40.71
C ASP A 6 5.38 -17.77 39.41
N HIS A 7 4.29 -18.04 38.72
CA HIS A 7 4.31 -18.88 37.51
C HIS A 7 3.06 -18.64 36.66
N LEU A 8 2.42 -17.52 36.86
CA LEU A 8 1.15 -17.25 36.21
C LEU A 8 1.04 -15.79 35.77
N LEU A 9 2.17 -15.18 35.52
CA LEU A 9 2.20 -13.80 35.14
C LEU A 9 2.10 -13.63 33.63
N GLU A 10 3.16 -14.02 32.91
CA GLU A 10 3.26 -13.94 31.43
C GLU A 10 2.90 -12.56 30.87
N MET A 11 1.62 -12.34 30.61
CA MET A 11 1.16 -11.10 30.01
C MET A 11 1.21 -9.98 31.04
N ILE A 12 1.03 -10.34 32.30
CA ILE A 12 1.05 -9.37 33.39
C ILE A 12 2.39 -9.44 34.13
N LEU A 13 3.38 -10.06 33.48
CA LEU A 13 4.74 -10.15 34.03
C LEU A 13 5.37 -8.78 33.97
N LEU A 14 4.84 -8.01 33.09
CA LEU A 14 5.26 -6.68 32.85
C LEU A 14 4.68 -5.76 33.92
N VAL A 15 5.48 -5.45 34.92
CA VAL A 15 5.05 -4.53 35.99
C VAL A 15 4.93 -3.12 35.41
N SER A 16 5.72 -2.88 34.41
CA SER A 16 5.67 -1.67 33.66
C SER A 16 5.24 -2.04 32.24
N GLU A 17 4.42 -1.21 31.66
CA GLU A 17 3.93 -1.43 30.32
C GLU A 17 5.08 -1.30 29.35
N MET A 18 5.31 -2.32 28.58
CA MET A 18 6.40 -2.33 27.64
C MET A 18 6.00 -1.68 26.35
N GLU A 19 6.23 -0.42 26.24
CA GLU A 19 6.03 0.26 25.01
C GLU A 19 7.37 0.51 24.39
N GLU A 20 7.38 0.44 23.12
CA GLU A 20 8.55 0.64 22.33
C GLU A 20 8.38 2.00 21.69
N LEU A 21 9.32 2.42 20.84
CA LEU A 21 9.19 3.68 20.09
C LEU A 21 8.00 3.60 19.15
N LYS A 22 7.51 2.37 18.99
CA LYS A 22 6.28 2.03 18.38
C LYS A 22 6.29 2.21 16.88
N ALA A 23 6.51 1.11 16.21
CA ALA A 23 6.51 1.05 14.78
C ALA A 23 5.12 0.62 14.37
N ASN A 24 5.00 0.12 13.18
CA ASN A 24 3.73 -0.36 12.69
C ASN A 24 3.73 -1.90 12.71
N PRO A 25 3.12 -2.50 13.76
CA PRO A 25 3.10 -3.94 13.96
C PRO A 25 1.80 -4.58 13.46
N ASN A 26 1.09 -3.88 12.64
CA ASN A 26 -0.17 -4.38 12.12
C ASN A 26 0.09 -5.34 10.98
N ARG A 27 -0.09 -6.62 11.25
CA ARG A 27 -0.03 -7.73 10.27
C ARG A 27 1.38 -8.06 9.75
N ARG A 28 2.22 -7.03 9.60
CA ARG A 28 3.59 -7.10 9.04
C ARG A 28 3.52 -7.12 7.51
N ALA A 29 4.30 -6.22 6.91
CA ALA A 29 4.31 -5.98 5.46
C ALA A 29 3.03 -5.30 5.05
N VAL A 30 2.91 -4.09 5.52
CA VAL A 30 1.77 -3.23 5.34
C VAL A 30 2.29 -1.84 5.14
N GLY A 31 1.43 -0.89 4.97
CA GLY A 31 1.86 0.46 4.83
C GLY A 31 0.98 1.39 5.61
N THR A 32 1.32 2.66 5.61
CA THR A 32 0.52 3.64 6.28
C THR A 32 0.07 4.70 5.25
N VAL A 33 -1.15 5.17 5.38
CA VAL A 33 -1.71 6.15 4.49
C VAL A 33 -1.28 7.54 4.95
N ILE A 34 -0.93 8.41 4.04
CA ILE A 34 -0.48 9.73 4.42
C ILE A 34 -1.62 10.74 4.40
N GLU A 35 -2.49 10.62 3.42
CA GLU A 35 -3.66 11.47 3.33
C GLU A 35 -4.74 10.72 2.56
N ALA A 36 -5.98 10.99 2.89
CA ALA A 36 -7.09 10.30 2.25
C ALA A 36 -8.33 11.18 2.27
N LYS A 37 -8.96 11.30 1.12
CA LYS A 37 -10.13 12.16 0.96
C LYS A 37 -10.69 11.95 -0.44
N LEU A 38 -11.75 12.61 -0.75
CA LEU A 38 -12.33 12.52 -2.07
C LEU A 38 -11.58 13.41 -3.04
N ASP A 39 -11.54 13.03 -4.27
CA ASP A 39 -11.02 13.89 -5.29
C ASP A 39 -12.06 13.99 -6.37
N LYS A 40 -12.48 15.19 -6.67
CA LYS A 40 -13.50 15.45 -7.66
C LYS A 40 -13.14 15.00 -9.10
N GLY A 41 -11.87 14.76 -9.37
CA GLY A 41 -11.49 14.35 -10.71
C GLY A 41 -11.04 12.91 -10.76
N ARG A 42 -10.25 12.50 -9.79
CA ARG A 42 -9.69 11.15 -9.75
C ARG A 42 -10.67 10.14 -9.12
N GLY A 43 -11.47 10.62 -8.18
CA GLY A 43 -12.40 9.75 -7.48
C GLY A 43 -12.01 9.67 -6.01
N PRO A 44 -12.42 8.64 -5.27
CA PRO A 44 -11.97 8.46 -3.89
C PRO A 44 -10.48 8.14 -3.89
N VAL A 45 -9.69 9.01 -3.32
CA VAL A 45 -8.25 8.87 -3.38
C VAL A 45 -7.64 8.65 -2.02
N ALA A 46 -6.55 7.97 -2.04
CA ALA A 46 -5.78 7.72 -0.86
C ALA A 46 -4.33 7.79 -1.23
N THR A 47 -3.66 8.78 -0.74
CA THR A 47 -2.26 8.93 -0.97
C THR A 47 -1.60 8.17 0.14
N LEU A 48 -0.79 7.24 -0.19
CA LEU A 48 -0.22 6.38 0.77
C LEU A 48 1.24 6.10 0.46
N LEU A 49 1.90 5.44 1.36
CA LEU A 49 3.26 5.04 1.15
C LEU A 49 3.28 3.51 1.17
N VAL A 50 3.44 2.91 -0.02
CA VAL A 50 3.40 1.45 -0.14
C VAL A 50 4.64 0.79 0.41
N GLN A 51 4.45 -0.04 1.41
CA GLN A 51 5.54 -0.76 2.05
C GLN A 51 5.28 -2.26 2.01
N ALA A 52 4.05 -2.60 1.70
CA ALA A 52 3.59 -3.97 1.76
C ALA A 52 4.07 -4.81 0.58
N GLY A 53 4.54 -4.16 -0.45
CA GLY A 53 4.99 -4.87 -1.61
C GLY A 53 5.19 -3.94 -2.75
N THR A 54 4.24 -3.93 -3.64
CA THR A 54 4.27 -3.11 -4.83
C THR A 54 2.83 -2.72 -5.05
N LEU A 55 2.57 -1.54 -5.50
CA LEU A 55 1.21 -1.17 -5.73
C LEU A 55 0.99 -1.11 -7.23
N LYS A 56 -0.04 -1.76 -7.67
CA LYS A 56 -0.29 -1.93 -9.07
C LYS A 56 -1.78 -1.75 -9.34
N VAL A 57 -2.12 -1.24 -10.52
CA VAL A 57 -3.50 -1.08 -10.89
C VAL A 57 -4.15 -2.42 -11.15
N GLY A 58 -5.38 -2.53 -10.75
CA GLY A 58 -6.10 -3.76 -10.93
C GLY A 58 -5.87 -4.73 -9.81
N ASP A 59 -5.13 -4.34 -8.81
CA ASP A 59 -4.88 -5.23 -7.70
C ASP A 59 -5.88 -4.95 -6.61
N PRO A 60 -6.55 -5.99 -6.06
CA PRO A 60 -7.42 -5.85 -4.91
C PRO A 60 -6.61 -5.49 -3.68
N ILE A 61 -6.93 -4.41 -3.06
CA ILE A 61 -6.18 -3.90 -1.93
C ILE A 61 -7.10 -3.64 -0.75
N VAL A 62 -6.54 -3.51 0.43
CA VAL A 62 -7.32 -3.22 1.62
C VAL A 62 -6.71 -2.03 2.36
N VAL A 63 -7.51 -1.01 2.55
CA VAL A 63 -7.09 0.24 3.19
C VAL A 63 -8.15 0.64 4.19
N GLY A 64 -7.75 0.84 5.44
CA GLY A 64 -8.67 1.28 6.48
C GLY A 64 -9.76 0.26 6.72
N THR A 65 -9.37 -1.02 6.69
CA THR A 65 -10.23 -2.15 6.88
C THR A 65 -11.31 -2.29 5.74
N THR A 66 -11.18 -1.51 4.69
CA THR A 66 -12.08 -1.60 3.55
C THR A 66 -11.27 -2.11 2.35
N TYR A 67 -11.80 -3.02 1.54
CA TYR A 67 -11.03 -3.48 0.41
C TYR A 67 -11.66 -3.02 -0.90
N GLY A 68 -10.83 -2.85 -1.88
CA GLY A 68 -11.26 -2.40 -3.17
C GLY A 68 -10.26 -2.82 -4.22
N ARG A 69 -10.32 -2.24 -5.38
CA ARG A 69 -9.41 -2.60 -6.43
C ARG A 69 -8.88 -1.32 -7.06
N VAL A 70 -7.57 -1.24 -7.18
CA VAL A 70 -6.91 -0.03 -7.68
C VAL A 70 -7.34 0.29 -9.11
N ARG A 71 -8.04 1.40 -9.26
CA ARG A 71 -8.55 1.83 -10.55
C ARG A 71 -7.43 2.53 -11.32
N ALA A 72 -6.84 3.53 -10.73
CA ALA A 72 -5.79 4.27 -11.33
C ALA A 72 -4.69 4.46 -10.32
N MET A 73 -3.49 4.60 -10.80
CA MET A 73 -2.36 4.81 -9.95
C MET A 73 -1.84 6.16 -10.26
N VAL A 74 -1.86 7.01 -9.31
CA VAL A 74 -1.36 8.33 -9.48
C VAL A 74 -0.20 8.46 -8.54
N ASN A 75 0.88 9.03 -8.97
CA ASN A 75 2.03 9.13 -8.08
C ASN A 75 2.07 10.51 -7.48
N ASP A 76 3.08 10.76 -6.66
CA ASP A 76 3.23 12.04 -5.94
C ASP A 76 3.24 13.26 -6.87
N SER A 77 3.71 13.09 -8.09
CA SER A 77 3.77 14.21 -9.02
C SER A 77 2.37 14.53 -9.54
N GLY A 78 1.49 13.54 -9.54
CA GLY A 78 0.13 13.75 -10.00
C GLY A 78 -0.06 13.24 -11.39
N ARG A 79 0.68 12.23 -11.72
CA ARG A 79 0.66 11.65 -13.03
C ARG A 79 0.16 10.23 -12.91
N ARG A 80 -0.59 9.80 -13.89
CA ARG A 80 -1.12 8.46 -13.96
C ARG A 80 -0.03 7.47 -14.37
N VAL A 81 0.09 6.42 -13.62
CA VAL A 81 1.01 5.34 -13.87
C VAL A 81 0.24 4.04 -13.64
N LYS A 82 0.88 2.91 -13.77
CA LYS A 82 0.18 1.65 -13.59
C LYS A 82 0.70 0.87 -12.40
N GLU A 83 1.93 1.12 -12.03
CA GLU A 83 2.56 0.34 -11.00
C GLU A 83 3.68 1.15 -10.36
N ALA A 84 3.85 0.99 -9.07
CA ALA A 84 4.88 1.68 -8.32
C ALA A 84 5.42 0.78 -7.24
N GLY A 85 6.69 0.92 -6.95
CA GLY A 85 7.34 0.06 -6.01
C GLY A 85 7.30 0.60 -4.59
N PRO A 86 7.82 -0.16 -3.62
CA PRO A 86 7.80 0.21 -2.21
C PRO A 86 8.62 1.47 -1.90
N SER A 87 8.31 2.05 -0.74
CA SER A 87 8.93 3.26 -0.22
C SER A 87 8.58 4.48 -1.09
N MET A 88 7.55 4.35 -1.89
CA MET A 88 7.14 5.41 -2.78
C MET A 88 5.71 5.86 -2.51
N PRO A 89 5.50 7.19 -2.45
CA PRO A 89 4.16 7.77 -2.31
C PRO A 89 3.34 7.64 -3.60
N VAL A 90 2.17 7.07 -3.48
CA VAL A 90 1.25 6.95 -4.58
C VAL A 90 -0.15 7.15 -4.08
N GLU A 91 -1.02 7.49 -4.97
CA GLU A 91 -2.37 7.75 -4.68
C GLU A 91 -3.23 6.82 -5.50
N ILE A 92 -3.95 5.96 -4.82
CA ILE A 92 -4.77 4.97 -5.45
C ILE A 92 -6.21 5.41 -5.48
N THR A 93 -7.02 4.65 -6.18
CA THR A 93 -8.42 4.89 -6.36
C THR A 93 -9.11 3.54 -6.50
N GLY A 94 -10.42 3.52 -6.42
CA GLY A 94 -11.15 2.27 -6.60
C GLY A 94 -11.49 1.55 -5.31
N LEU A 95 -11.43 2.27 -4.21
CA LEU A 95 -11.82 1.69 -2.95
C LEU A 95 -13.34 1.78 -2.81
N HIS A 96 -13.88 2.86 -3.37
CA HIS A 96 -15.31 3.20 -3.40
C HIS A 96 -15.82 3.47 -1.97
N ASP A 97 -14.89 3.78 -1.12
CA ASP A 97 -15.16 4.13 0.24
C ASP A 97 -14.11 5.16 0.57
N VAL A 98 -14.10 5.68 1.75
CA VAL A 98 -13.19 6.74 2.08
C VAL A 98 -12.31 6.31 3.26
N PRO A 99 -11.02 6.08 3.00
CA PRO A 99 -10.08 5.65 4.02
C PRO A 99 -9.56 6.85 4.82
N GLN A 100 -8.77 6.61 5.83
CA GLN A 100 -8.27 7.69 6.64
C GLN A 100 -6.76 7.77 6.60
N ALA A 101 -6.27 8.98 6.72
CA ALA A 101 -4.87 9.25 6.80
C ALA A 101 -4.34 8.74 8.13
N GLY A 102 -3.16 8.19 8.13
CA GLY A 102 -2.61 7.67 9.35
C GLY A 102 -3.08 6.28 9.64
N ASP A 103 -3.92 5.74 8.76
CA ASP A 103 -4.39 4.39 8.96
C ASP A 103 -3.46 3.45 8.22
N ARG A 104 -3.74 2.20 8.27
CA ARG A 104 -2.88 1.22 7.72
C ARG A 104 -3.56 0.49 6.59
N PHE A 105 -2.80 0.13 5.62
CA PHE A 105 -3.30 -0.62 4.51
C PHE A 105 -2.38 -1.78 4.24
N MET A 106 -2.88 -2.77 3.57
CA MET A 106 -2.11 -3.94 3.28
C MET A 106 -2.25 -4.31 1.83
N VAL A 107 -1.14 -4.28 1.15
CA VAL A 107 -1.09 -4.64 -0.24
C VAL A 107 -0.30 -5.94 -0.35
N PHE A 108 -0.98 -6.99 -0.61
CA PHE A 108 -0.34 -8.25 -0.80
C PHE A 108 -0.29 -8.44 -2.28
N GLU A 109 0.87 -8.60 -2.83
CA GLU A 109 0.95 -8.62 -4.25
C GLU A 109 1.05 -10.04 -4.77
N ASP A 110 0.52 -10.25 -5.95
CA ASP A 110 0.51 -11.56 -6.55
C ASP A 110 1.57 -11.72 -7.62
N GLU A 111 1.62 -10.76 -8.54
CA GLU A 111 2.54 -10.81 -9.68
C GLU A 111 4.01 -10.65 -9.25
N LYS A 112 4.18 -10.16 -8.03
CA LYS A 112 5.48 -10.10 -7.36
C LYS A 112 5.99 -11.51 -7.18
N LYS A 113 5.13 -12.34 -6.63
CA LYS A 113 5.43 -13.75 -6.40
C LYS A 113 5.63 -14.44 -7.72
N ALA A 114 4.78 -14.10 -8.69
CA ALA A 114 4.84 -14.67 -10.05
C ALA A 114 6.24 -14.58 -10.63
N ARG A 115 6.77 -13.40 -10.63
CA ARG A 115 8.12 -13.15 -11.11
C ARG A 115 9.18 -13.95 -10.32
N GLN A 116 8.99 -14.05 -9.02
CA GLN A 116 9.91 -14.79 -8.14
C GLN A 116 9.87 -16.29 -8.42
N ILE A 117 8.67 -16.82 -8.52
CA ILE A 117 8.45 -18.24 -8.73
C ILE A 117 8.88 -18.64 -10.13
N GLY A 118 8.72 -17.73 -11.06
CA GLY A 118 9.05 -18.02 -12.43
C GLY A 118 7.80 -18.21 -13.23
N GLU A 119 6.74 -17.56 -12.80
CA GLU A 119 5.46 -17.62 -13.46
C GLU A 119 5.50 -16.58 -14.58
N ALA A 120 6.07 -15.41 -14.22
CA ALA A 120 6.29 -14.29 -15.15
C ALA A 120 4.97 -13.73 -15.72
N ARG A 121 5.10 -12.80 -16.65
CA ARG A 121 3.98 -12.20 -17.34
C ARG A 121 4.49 -11.58 -18.62
N ALA A 122 3.62 -11.29 -19.53
CA ALA A 122 4.02 -10.71 -20.78
C ALA A 122 4.05 -9.19 -20.69
N GLN A 123 5.22 -8.65 -20.50
CA GLN A 123 5.41 -7.22 -20.44
C GLN A 123 5.32 -6.65 -21.85
N ARG A 124 4.79 -5.46 -21.98
CA ARG A 124 4.65 -4.83 -23.28
C ARG A 124 4.76 -3.33 -23.12
N GLN A 125 5.09 -2.91 -21.90
CA GLN A 125 5.16 -1.51 -21.50
C GLN A 125 3.81 -0.83 -21.65
N GLY A 1 31.25 8.99 11.27
CA GLY A 1 30.83 9.50 9.98
C GLY A 1 30.42 8.39 9.05
N SER A 2 30.79 8.49 7.81
CA SER A 2 30.46 7.48 6.83
C SER A 2 31.46 7.52 5.71
N HIS A 3 31.48 6.45 4.91
CA HIS A 3 32.38 6.32 3.76
C HIS A 3 33.83 6.29 4.20
N MET A 4 34.05 5.61 5.31
CA MET A 4 35.40 5.48 5.86
C MET A 4 35.81 4.03 5.85
N LEU A 5 34.90 3.18 6.27
CA LEU A 5 35.13 1.74 6.33
C LEU A 5 33.97 1.09 5.64
N ASP A 6 33.48 1.83 4.67
CA ASP A 6 32.30 1.49 3.92
C ASP A 6 32.70 1.33 2.48
N HIS A 7 31.76 1.49 1.59
CA HIS A 7 32.00 1.40 0.17
C HIS A 7 31.25 2.52 -0.49
N LEU A 8 31.80 3.07 -1.55
CA LEU A 8 31.13 4.13 -2.27
C LEU A 8 30.03 3.55 -3.12
N LEU A 9 28.83 3.89 -2.80
CA LEU A 9 27.71 3.39 -3.55
C LEU A 9 26.94 4.53 -4.20
N GLU A 10 26.60 5.55 -3.40
CA GLU A 10 25.78 6.71 -3.81
C GLU A 10 24.34 6.26 -4.06
N MET A 11 23.45 6.72 -3.20
CA MET A 11 22.06 6.27 -3.14
C MET A 11 22.01 4.83 -2.73
N ILE A 12 22.10 4.64 -1.46
CA ILE A 12 22.10 3.33 -0.88
C ILE A 12 20.71 2.74 -0.98
N LEU A 13 20.65 1.55 -1.52
CA LEU A 13 19.42 0.83 -1.66
C LEU A 13 18.87 0.52 -0.30
N LEU A 14 17.58 0.70 -0.16
CA LEU A 14 16.85 0.49 1.08
C LEU A 14 17.15 1.63 2.05
N VAL A 15 16.11 2.36 2.44
CA VAL A 15 16.22 3.51 3.33
C VAL A 15 16.67 3.08 4.76
N SER A 16 16.64 1.77 5.01
CA SER A 16 17.05 1.12 6.27
C SER A 16 16.03 1.35 7.40
N GLU A 17 15.03 2.17 7.10
CA GLU A 17 13.91 2.51 8.00
C GLU A 17 14.42 3.29 9.22
N MET A 18 14.18 4.57 9.18
CA MET A 18 14.62 5.48 10.22
C MET A 18 13.51 6.53 10.41
N GLU A 19 12.32 6.15 10.00
CA GLU A 19 11.23 7.10 9.85
C GLU A 19 10.13 6.87 10.88
N GLU A 20 9.48 7.94 11.30
CA GLU A 20 8.38 7.81 12.21
C GLU A 20 7.09 7.55 11.47
N LEU A 21 6.90 6.31 11.17
CA LEU A 21 5.73 5.85 10.47
C LEU A 21 5.15 4.66 11.22
N LYS A 22 5.56 4.53 12.46
CA LYS A 22 5.17 3.42 13.29
C LYS A 22 3.87 3.75 14.01
N ALA A 23 2.79 3.42 13.35
CA ALA A 23 1.44 3.58 13.86
C ALA A 23 0.60 2.50 13.20
N ASN A 24 1.26 1.43 12.87
CA ASN A 24 0.66 0.39 12.06
C ASN A 24 1.09 -0.99 12.56
N PRO A 25 0.31 -1.58 13.46
CA PRO A 25 0.57 -2.92 14.00
C PRO A 25 -0.31 -3.98 13.33
N ASN A 26 -0.83 -3.65 12.17
CA ASN A 26 -1.83 -4.46 11.51
C ASN A 26 -1.36 -5.86 11.14
N ARG A 27 -0.42 -5.98 10.24
CA ARG A 27 0.06 -7.29 9.86
C ARG A 27 1.58 -7.36 9.89
N ARG A 28 2.23 -6.95 8.80
CA ARG A 28 3.69 -6.98 8.72
C ARG A 28 4.10 -6.30 7.44
N ALA A 29 3.81 -6.93 6.32
CA ALA A 29 4.06 -6.32 5.04
C ALA A 29 2.87 -5.45 4.71
N VAL A 30 2.90 -4.24 5.20
CA VAL A 30 1.81 -3.31 5.08
C VAL A 30 2.35 -1.92 4.86
N GLY A 31 1.48 -0.97 4.72
CA GLY A 31 1.88 0.39 4.58
C GLY A 31 0.93 1.28 5.31
N THR A 32 1.27 2.52 5.47
CA THR A 32 0.44 3.46 6.17
C THR A 32 0.03 4.58 5.20
N VAL A 33 -1.20 5.04 5.32
CA VAL A 33 -1.73 6.07 4.43
C VAL A 33 -1.20 7.44 4.86
N ILE A 34 -0.79 8.26 3.92
CA ILE A 34 -0.26 9.58 4.25
C ILE A 34 -1.37 10.62 4.32
N GLU A 35 -2.30 10.55 3.39
CA GLU A 35 -3.44 11.43 3.37
C GLU A 35 -4.54 10.79 2.55
N ALA A 36 -5.76 11.04 2.88
CA ALA A 36 -6.87 10.48 2.15
C ALA A 36 -7.94 11.50 2.07
N LYS A 37 -8.65 11.54 0.96
CA LYS A 37 -9.69 12.53 0.78
C LYS A 37 -10.50 12.22 -0.46
N LEU A 38 -11.52 12.98 -0.70
CA LEU A 38 -12.28 12.86 -1.90
C LEU A 38 -11.58 13.66 -2.97
N ASP A 39 -11.57 13.19 -4.14
CA ASP A 39 -11.01 13.97 -5.18
C ASP A 39 -12.07 14.23 -6.19
N LYS A 40 -12.35 15.49 -6.41
CA LYS A 40 -13.35 15.93 -7.36
C LYS A 40 -13.13 15.41 -8.80
N GLY A 41 -11.94 14.94 -9.12
CA GLY A 41 -11.69 14.42 -10.45
C GLY A 41 -11.38 12.93 -10.43
N ARG A 42 -10.60 12.51 -9.47
CA ARG A 42 -10.18 11.11 -9.40
C ARG A 42 -11.18 10.25 -8.60
N GLY A 43 -12.06 10.88 -7.85
CA GLY A 43 -13.02 10.16 -7.04
C GLY A 43 -12.45 9.91 -5.66
N PRO A 44 -12.96 8.94 -4.91
CA PRO A 44 -12.37 8.56 -3.62
C PRO A 44 -10.92 8.10 -3.81
N VAL A 45 -9.99 8.83 -3.23
CA VAL A 45 -8.58 8.55 -3.38
C VAL A 45 -7.92 8.33 -2.03
N ALA A 46 -6.75 7.77 -2.07
CA ALA A 46 -5.96 7.58 -0.90
C ALA A 46 -4.49 7.68 -1.25
N THR A 47 -3.85 8.70 -0.77
CA THR A 47 -2.45 8.90 -0.99
C THR A 47 -1.75 8.11 0.10
N LEU A 48 -0.99 7.15 -0.28
CA LEU A 48 -0.40 6.27 0.65
C LEU A 48 1.07 6.06 0.37
N LEU A 49 1.75 5.37 1.26
CA LEU A 49 3.14 5.04 1.07
C LEU A 49 3.22 3.52 1.07
N VAL A 50 3.41 2.94 -0.10
CA VAL A 50 3.42 1.48 -0.23
C VAL A 50 4.71 0.86 0.31
N GLN A 51 4.54 -0.02 1.27
CA GLN A 51 5.66 -0.72 1.87
C GLN A 51 5.46 -2.22 1.77
N ALA A 52 4.23 -2.62 1.46
CA ALA A 52 3.84 -4.02 1.44
C ALA A 52 4.43 -4.74 0.23
N GLY A 53 4.92 -3.97 -0.70
CA GLY A 53 5.52 -4.53 -1.85
C GLY A 53 5.42 -3.63 -3.02
N THR A 54 4.54 -3.96 -3.90
CA THR A 54 4.41 -3.25 -5.14
C THR A 54 2.95 -2.92 -5.32
N LEU A 55 2.65 -1.72 -5.74
CA LEU A 55 1.30 -1.34 -5.92
C LEU A 55 1.06 -1.17 -7.40
N LYS A 56 0.10 -1.87 -7.91
CA LYS A 56 -0.20 -1.85 -9.32
C LYS A 56 -1.72 -1.72 -9.50
N VAL A 57 -2.12 -1.23 -10.65
CA VAL A 57 -3.53 -1.19 -10.99
C VAL A 57 -4.05 -2.62 -11.19
N GLY A 58 -5.11 -2.94 -10.48
CA GLY A 58 -5.64 -4.28 -10.51
C GLY A 58 -5.42 -5.00 -9.19
N ASP A 59 -4.60 -4.40 -8.33
CA ASP A 59 -4.33 -4.96 -7.00
C ASP A 59 -5.51 -4.84 -6.09
N PRO A 60 -5.88 -5.94 -5.43
CA PRO A 60 -6.87 -5.91 -4.39
C PRO A 60 -6.23 -5.40 -3.10
N ILE A 61 -6.63 -4.25 -2.69
CA ILE A 61 -6.03 -3.59 -1.56
C ILE A 61 -6.97 -3.55 -0.40
N VAL A 62 -6.43 -3.56 0.79
CA VAL A 62 -7.22 -3.49 1.99
C VAL A 62 -6.74 -2.30 2.79
N VAL A 63 -7.59 -1.32 2.96
CA VAL A 63 -7.23 -0.12 3.70
C VAL A 63 -8.19 0.05 4.90
N GLY A 64 -7.62 -0.01 6.09
CA GLY A 64 -8.38 0.16 7.30
C GLY A 64 -9.43 -0.91 7.50
N THR A 65 -10.64 -0.60 7.12
CA THR A 65 -11.75 -1.49 7.25
C THR A 65 -12.35 -1.85 5.87
N THR A 66 -11.87 -1.20 4.83
CA THR A 66 -12.44 -1.37 3.51
C THR A 66 -11.44 -2.04 2.56
N TYR A 67 -11.91 -2.85 1.65
CA TYR A 67 -11.05 -3.43 0.65
C TYR A 67 -11.56 -3.00 -0.71
N GLY A 68 -10.69 -3.00 -1.68
CA GLY A 68 -11.08 -2.63 -3.01
C GLY A 68 -10.06 -3.04 -4.01
N ARG A 69 -10.19 -2.55 -5.21
CA ARG A 69 -9.25 -2.85 -6.25
C ARG A 69 -8.77 -1.56 -6.87
N VAL A 70 -7.47 -1.45 -7.04
CA VAL A 70 -6.87 -0.26 -7.59
C VAL A 70 -7.29 -0.06 -9.03
N ARG A 71 -7.90 1.06 -9.29
CA ARG A 71 -8.36 1.40 -10.60
C ARG A 71 -7.28 2.19 -11.34
N ALA A 72 -6.78 3.22 -10.72
CA ALA A 72 -5.75 4.04 -11.30
C ALA A 72 -4.70 4.31 -10.28
N MET A 73 -3.52 4.48 -10.75
CA MET A 73 -2.39 4.75 -9.92
C MET A 73 -1.90 6.11 -10.27
N VAL A 74 -1.94 7.00 -9.34
CA VAL A 74 -1.40 8.32 -9.56
C VAL A 74 -0.33 8.50 -8.53
N ASN A 75 0.75 9.12 -8.87
CA ASN A 75 1.80 9.26 -7.87
C ASN A 75 1.88 10.69 -7.40
N ASP A 76 2.73 10.94 -6.41
CA ASP A 76 2.91 12.28 -5.80
C ASP A 76 3.31 13.36 -6.82
N SER A 77 3.94 12.95 -7.92
CA SER A 77 4.34 13.86 -8.97
C SER A 77 3.12 14.25 -9.84
N GLY A 78 2.02 13.54 -9.65
CA GLY A 78 0.79 13.89 -10.35
C GLY A 78 0.66 13.11 -11.62
N ARG A 79 1.53 12.17 -11.80
CA ARG A 79 1.53 11.34 -12.98
C ARG A 79 0.81 10.06 -12.70
N ARG A 80 -0.10 9.73 -13.57
CA ARG A 80 -0.87 8.53 -13.50
C ARG A 80 -0.06 7.44 -14.20
N VAL A 81 0.11 6.32 -13.54
CA VAL A 81 0.94 5.23 -14.02
C VAL A 81 0.21 3.91 -13.83
N LYS A 82 0.90 2.83 -14.11
CA LYS A 82 0.35 1.49 -13.97
C LYS A 82 0.76 0.85 -12.66
N GLU A 83 1.97 1.13 -12.25
CA GLU A 83 2.56 0.44 -11.11
C GLU A 83 3.65 1.30 -10.48
N ALA A 84 3.85 1.12 -9.18
CA ALA A 84 4.88 1.82 -8.43
C ALA A 84 5.46 0.87 -7.39
N GLY A 85 6.72 1.08 -7.07
CA GLY A 85 7.42 0.23 -6.13
C GLY A 85 7.35 0.77 -4.71
N PRO A 86 7.96 0.06 -3.73
CA PRO A 86 7.87 0.43 -2.32
C PRO A 86 8.65 1.68 -1.96
N SER A 87 8.29 2.24 -0.80
CA SER A 87 8.89 3.45 -0.24
C SER A 87 8.52 4.68 -1.09
N MET A 88 7.49 4.55 -1.88
CA MET A 88 7.06 5.60 -2.75
C MET A 88 5.61 5.99 -2.48
N PRO A 89 5.34 7.31 -2.39
CA PRO A 89 3.99 7.81 -2.21
C PRO A 89 3.19 7.79 -3.51
N VAL A 90 2.03 7.16 -3.46
CA VAL A 90 1.12 7.07 -4.58
C VAL A 90 -0.31 7.21 -4.09
N GLU A 91 -1.16 7.58 -4.97
CA GLU A 91 -2.55 7.77 -4.68
C GLU A 91 -3.33 6.79 -5.53
N ILE A 92 -4.02 5.91 -4.86
CA ILE A 92 -4.78 4.89 -5.52
C ILE A 92 -6.22 5.31 -5.60
N THR A 93 -6.97 4.59 -6.38
CA THR A 93 -8.36 4.83 -6.59
C THR A 93 -9.06 3.52 -6.79
N GLY A 94 -10.35 3.55 -6.72
CA GLY A 94 -11.14 2.38 -6.94
C GLY A 94 -11.54 1.70 -5.66
N LEU A 95 -11.48 2.43 -4.58
CA LEU A 95 -11.90 1.91 -3.31
C LEU A 95 -13.41 2.11 -3.19
N HIS A 96 -13.84 3.27 -3.69
CA HIS A 96 -15.24 3.70 -3.71
C HIS A 96 -15.80 3.86 -2.27
N ASP A 97 -14.89 4.05 -1.36
CA ASP A 97 -15.22 4.19 0.05
C ASP A 97 -14.33 5.28 0.59
N VAL A 98 -14.44 5.61 1.85
CA VAL A 98 -13.73 6.73 2.40
C VAL A 98 -12.64 6.27 3.37
N PRO A 99 -11.36 6.36 2.96
CA PRO A 99 -10.25 5.99 3.82
C PRO A 99 -9.82 7.17 4.73
N GLN A 100 -8.89 6.91 5.61
CA GLN A 100 -8.40 7.92 6.52
C GLN A 100 -6.89 8.02 6.46
N ALA A 101 -6.39 9.22 6.62
CA ALA A 101 -4.96 9.46 6.69
C ALA A 101 -4.40 8.82 7.96
N GLY A 102 -3.36 8.03 7.82
CA GLY A 102 -2.81 7.38 8.99
C GLY A 102 -3.32 5.97 9.15
N ASP A 103 -4.19 5.54 8.23
CA ASP A 103 -4.76 4.21 8.31
C ASP A 103 -3.76 3.16 7.87
N ARG A 104 -4.16 1.93 7.92
CA ARG A 104 -3.29 0.83 7.66
C ARG A 104 -3.77 0.15 6.43
N PHE A 105 -2.89 -0.07 5.52
CA PHE A 105 -3.29 -0.75 4.33
C PHE A 105 -2.34 -1.86 4.00
N MET A 106 -2.79 -2.79 3.23
CA MET A 106 -1.96 -3.83 2.75
C MET A 106 -2.14 -3.98 1.26
N VAL A 107 -1.05 -4.10 0.56
CA VAL A 107 -1.04 -4.27 -0.86
C VAL A 107 -0.37 -5.59 -1.16
N PHE A 108 -1.14 -6.54 -1.56
CA PHE A 108 -0.64 -7.86 -1.88
C PHE A 108 -1.52 -8.48 -2.93
N GLU A 109 -0.94 -8.85 -4.02
CA GLU A 109 -1.66 -9.54 -5.05
C GLU A 109 -1.26 -11.01 -5.04
N ASP A 110 -2.22 -11.86 -5.25
CA ASP A 110 -2.00 -13.31 -5.27
C ASP A 110 -1.17 -13.69 -6.49
N GLU A 111 -1.44 -13.03 -7.61
CA GLU A 111 -0.70 -13.26 -8.85
C GLU A 111 0.74 -12.77 -8.73
N LYS A 112 0.99 -11.86 -7.80
CA LYS A 112 2.33 -11.34 -7.53
C LYS A 112 3.16 -12.45 -6.92
N LYS A 113 2.52 -13.13 -6.00
CA LYS A 113 3.08 -14.31 -5.34
C LYS A 113 3.35 -15.39 -6.38
N ALA A 114 2.36 -15.59 -7.25
CA ALA A 114 2.44 -16.54 -8.34
C ALA A 114 3.62 -16.18 -9.27
N ARG A 115 3.74 -14.91 -9.58
CA ARG A 115 4.82 -14.39 -10.43
C ARG A 115 6.19 -14.60 -9.79
N GLN A 116 6.25 -14.51 -8.46
CA GLN A 116 7.49 -14.71 -7.73
C GLN A 116 7.98 -16.14 -7.94
N ILE A 117 7.04 -17.08 -7.97
CA ILE A 117 7.35 -18.45 -8.30
C ILE A 117 7.68 -18.50 -9.79
N GLY A 118 6.89 -17.79 -10.55
CA GLY A 118 7.05 -17.71 -11.97
C GLY A 118 5.85 -18.24 -12.69
N GLU A 119 4.78 -18.50 -11.95
CA GLU A 119 3.60 -19.16 -12.48
C GLU A 119 2.90 -18.34 -13.56
N ALA A 120 2.89 -17.04 -13.38
CA ALA A 120 2.21 -16.12 -14.29
C ALA A 120 2.96 -15.98 -15.62
N ARG A 121 4.18 -16.44 -15.66
CA ARG A 121 4.98 -16.30 -16.83
C ARG A 121 5.61 -17.62 -17.26
N ALA A 122 5.03 -18.72 -16.82
CA ALA A 122 5.58 -20.04 -17.17
C ALA A 122 4.60 -20.88 -17.97
N GLN A 123 3.38 -20.43 -18.06
CA GLN A 123 2.36 -21.18 -18.75
C GLN A 123 1.90 -20.38 -19.95
N ARG A 124 1.38 -21.03 -20.95
CA ARG A 124 0.81 -20.37 -22.08
C ARG A 124 -0.20 -21.27 -22.73
N GLN A 125 -1.25 -20.69 -23.21
CA GLN A 125 -2.24 -21.43 -23.93
C GLN A 125 -2.23 -20.92 -25.36
N GLY A 1 10.51 1.37 33.53
CA GLY A 1 11.32 1.15 32.33
C GLY A 1 10.55 0.39 31.28
N SER A 2 11.16 0.20 30.12
CA SER A 2 10.52 -0.55 29.05
C SER A 2 10.66 -2.04 29.31
N HIS A 3 11.74 -2.39 30.01
CA HIS A 3 12.02 -3.74 30.45
C HIS A 3 12.14 -4.76 29.34
N MET A 4 13.32 -4.85 28.79
CA MET A 4 13.65 -5.88 27.84
C MET A 4 13.72 -7.19 28.60
N LEU A 5 12.77 -8.08 28.30
CA LEU A 5 12.52 -9.33 29.04
C LEU A 5 11.77 -9.05 30.33
N ASP A 6 11.06 -10.05 30.85
CA ASP A 6 10.25 -9.85 32.05
C ASP A 6 11.13 -9.74 33.29
N HIS A 7 12.07 -10.64 33.40
CA HIS A 7 13.02 -10.64 34.49
C HIS A 7 14.41 -10.88 33.94
N LEU A 8 15.39 -10.24 34.56
CA LEU A 8 16.79 -10.21 34.10
C LEU A 8 16.86 -9.53 32.74
N LEU A 9 16.87 -8.22 32.79
CA LEU A 9 16.79 -7.38 31.64
C LEU A 9 18.12 -7.15 30.94
N GLU A 10 18.03 -6.63 29.75
CA GLU A 10 19.18 -6.21 28.98
C GLU A 10 19.56 -4.81 29.39
N MET A 11 20.82 -4.50 29.38
CA MET A 11 21.27 -3.19 29.75
C MET A 11 21.11 -2.23 28.58
N ILE A 12 21.35 -2.73 27.39
CA ILE A 12 21.25 -1.89 26.21
C ILE A 12 21.02 -2.75 24.96
N LEU A 13 20.29 -2.21 24.02
CA LEU A 13 20.03 -2.88 22.77
C LEU A 13 21.14 -2.48 21.81
N LEU A 14 21.39 -3.30 20.82
CA LEU A 14 22.44 -3.01 19.87
C LEU A 14 21.97 -2.00 18.82
N VAL A 15 22.91 -1.49 18.05
CA VAL A 15 22.64 -0.42 17.08
C VAL A 15 21.80 -0.86 15.89
N SER A 16 21.74 -2.14 15.64
CA SER A 16 20.88 -2.63 14.61
C SER A 16 19.48 -2.76 15.18
N GLU A 17 18.71 -1.74 14.98
CA GLU A 17 17.39 -1.62 15.51
C GLU A 17 16.43 -2.68 14.97
N MET A 18 15.87 -3.42 15.89
CA MET A 18 14.83 -4.37 15.59
C MET A 18 13.50 -3.65 15.88
N GLU A 19 13.63 -2.58 16.62
CA GLU A 19 12.56 -1.71 17.00
C GLU A 19 12.56 -0.52 16.04
N GLU A 20 11.49 -0.36 15.31
CA GLU A 20 11.37 0.71 14.35
C GLU A 20 9.90 1.11 14.35
N LEU A 21 9.62 2.38 14.19
CA LEU A 21 8.25 2.85 14.25
C LEU A 21 8.06 4.12 13.39
N LYS A 22 9.07 4.50 12.62
CA LYS A 22 8.97 5.72 11.82
C LYS A 22 8.35 5.45 10.48
N ALA A 23 8.72 4.35 9.91
CA ALA A 23 8.23 4.00 8.61
C ALA A 23 6.84 3.47 8.65
N ASN A 24 6.55 2.66 9.63
CA ASN A 24 5.25 2.05 9.75
C ASN A 24 4.88 1.91 11.22
N PRO A 25 3.65 2.26 11.60
CA PRO A 25 3.18 2.17 12.99
C PRO A 25 2.83 0.74 13.44
N ASN A 26 2.90 -0.22 12.54
CA ASN A 26 2.55 -1.60 12.86
C ASN A 26 3.78 -2.48 12.57
N ARG A 27 3.84 -3.65 13.16
CA ARG A 27 4.96 -4.59 12.95
C ARG A 27 4.71 -5.43 11.68
N ARG A 28 3.46 -5.44 11.22
CA ARG A 28 3.07 -6.22 10.05
C ARG A 28 3.61 -5.62 8.75
N ALA A 29 3.53 -6.38 7.68
CA ALA A 29 3.93 -5.90 6.39
C ALA A 29 2.75 -5.20 5.76
N VAL A 30 2.71 -3.91 5.95
CA VAL A 30 1.65 -3.07 5.51
C VAL A 30 2.24 -1.74 5.15
N GLY A 31 1.45 -0.85 4.70
CA GLY A 31 1.89 0.47 4.39
C GLY A 31 1.06 1.45 5.15
N THR A 32 1.45 2.68 5.16
CA THR A 32 0.71 3.66 5.87
C THR A 32 0.15 4.67 4.89
N VAL A 33 -1.08 5.09 5.10
CA VAL A 33 -1.68 6.11 4.28
C VAL A 33 -1.19 7.46 4.78
N ILE A 34 -0.77 8.31 3.89
CA ILE A 34 -0.23 9.59 4.31
C ILE A 34 -1.30 10.67 4.38
N GLU A 35 -2.20 10.65 3.41
CA GLU A 35 -3.32 11.56 3.38
C GLU A 35 -4.41 10.96 2.54
N ALA A 36 -5.63 11.33 2.79
CA ALA A 36 -6.74 10.81 2.06
C ALA A 36 -7.77 11.88 1.95
N LYS A 37 -8.48 11.91 0.85
CA LYS A 37 -9.47 12.92 0.61
C LYS A 37 -10.32 12.48 -0.55
N LEU A 38 -11.33 13.22 -0.87
CA LEU A 38 -12.10 12.90 -2.04
C LEU A 38 -11.56 13.72 -3.17
N ASP A 39 -11.60 13.22 -4.33
CA ASP A 39 -11.34 14.08 -5.38
C ASP A 39 -12.44 14.00 -6.37
N LYS A 40 -13.02 15.12 -6.62
CA LYS A 40 -14.11 15.30 -7.56
C LYS A 40 -13.69 14.89 -8.98
N GLY A 41 -12.39 14.92 -9.22
CA GLY A 41 -11.86 14.66 -10.50
C GLY A 41 -11.21 13.28 -10.59
N ARG A 42 -10.32 13.00 -9.66
CA ARG A 42 -9.57 11.73 -9.63
C ARG A 42 -10.46 10.59 -9.11
N GLY A 43 -11.44 10.93 -8.31
CA GLY A 43 -12.32 9.93 -7.74
C GLY A 43 -12.04 9.76 -6.26
N PRO A 44 -12.51 8.67 -5.63
CA PRO A 44 -12.16 8.36 -4.25
C PRO A 44 -10.69 7.98 -4.20
N VAL A 45 -9.91 8.78 -3.52
CA VAL A 45 -8.47 8.63 -3.55
C VAL A 45 -7.87 8.48 -2.17
N ALA A 46 -6.66 8.00 -2.15
CA ALA A 46 -5.90 7.85 -0.93
C ALA A 46 -4.43 7.88 -1.26
N THR A 47 -3.74 8.90 -0.78
CA THR A 47 -2.33 9.02 -0.99
C THR A 47 -1.65 8.19 0.08
N LEU A 48 -0.91 7.23 -0.30
CA LEU A 48 -0.34 6.32 0.62
C LEU A 48 1.11 6.03 0.29
N LEU A 49 1.75 5.30 1.16
CA LEU A 49 3.12 4.90 0.97
C LEU A 49 3.15 3.36 1.03
N VAL A 50 3.36 2.73 -0.12
CA VAL A 50 3.38 1.27 -0.20
C VAL A 50 4.66 0.69 0.39
N GLN A 51 4.49 -0.13 1.41
CA GLN A 51 5.64 -0.70 2.10
C GLN A 51 5.58 -2.22 2.10
N ALA A 52 4.40 -2.76 1.80
CA ALA A 52 4.16 -4.19 1.94
C ALA A 52 4.45 -4.90 0.65
N GLY A 53 4.89 -4.17 -0.33
CA GLY A 53 5.22 -4.78 -1.55
C GLY A 53 5.22 -3.79 -2.65
N THR A 54 4.48 -4.08 -3.64
CA THR A 54 4.42 -3.28 -4.82
C THR A 54 2.94 -3.03 -5.12
N LEU A 55 2.61 -1.81 -5.41
CA LEU A 55 1.23 -1.45 -5.63
C LEU A 55 1.04 -1.29 -7.11
N LYS A 56 0.00 -1.85 -7.64
CA LYS A 56 -0.26 -1.74 -9.04
C LYS A 56 -1.78 -1.75 -9.26
N VAL A 57 -2.19 -1.26 -10.41
CA VAL A 57 -3.56 -1.27 -10.80
C VAL A 57 -4.05 -2.68 -11.05
N GLY A 58 -5.22 -2.98 -10.55
CA GLY A 58 -5.77 -4.29 -10.72
C GLY A 58 -5.55 -5.20 -9.53
N ASP A 59 -4.85 -4.71 -8.53
CA ASP A 59 -4.64 -5.51 -7.32
C ASP A 59 -5.72 -5.21 -6.30
N PRO A 60 -6.34 -6.24 -5.69
CA PRO A 60 -7.31 -6.04 -4.64
C PRO A 60 -6.64 -5.77 -3.29
N ILE A 61 -6.70 -4.56 -2.90
CA ILE A 61 -6.07 -4.06 -1.70
C ILE A 61 -7.05 -4.01 -0.54
N VAL A 62 -6.53 -3.72 0.63
CA VAL A 62 -7.32 -3.51 1.81
C VAL A 62 -6.75 -2.34 2.61
N VAL A 63 -7.58 -1.37 2.87
CA VAL A 63 -7.22 -0.17 3.60
C VAL A 63 -8.16 -0.04 4.78
N GLY A 64 -7.64 -0.20 5.97
CA GLY A 64 -8.47 -0.18 7.14
C GLY A 64 -9.49 -1.30 7.14
N THR A 65 -10.75 -0.93 7.12
CA THR A 65 -11.82 -1.86 7.09
C THR A 65 -12.36 -2.02 5.63
N THR A 66 -11.83 -1.25 4.72
CA THR A 66 -12.32 -1.26 3.36
C THR A 66 -11.40 -2.04 2.42
N TYR A 67 -11.97 -2.86 1.56
CA TYR A 67 -11.21 -3.55 0.57
C TYR A 67 -11.64 -2.98 -0.77
N GLY A 68 -10.86 -3.18 -1.78
CA GLY A 68 -11.21 -2.71 -3.08
C GLY A 68 -10.18 -3.12 -4.06
N ARG A 69 -10.24 -2.60 -5.22
CA ARG A 69 -9.26 -2.94 -6.22
C ARG A 69 -8.73 -1.67 -6.82
N VAL A 70 -7.45 -1.61 -7.03
CA VAL A 70 -6.84 -0.39 -7.54
C VAL A 70 -7.28 -0.09 -8.96
N ARG A 71 -7.94 1.03 -9.10
CA ARG A 71 -8.42 1.52 -10.38
C ARG A 71 -7.28 2.18 -11.16
N ALA A 72 -6.71 3.21 -10.60
CA ALA A 72 -5.66 3.96 -11.24
C ALA A 72 -4.70 4.39 -10.18
N MET A 73 -3.51 4.72 -10.59
CA MET A 73 -2.48 5.06 -9.69
C MET A 73 -2.03 6.46 -10.05
N VAL A 74 -1.87 7.28 -9.07
CA VAL A 74 -1.35 8.60 -9.25
C VAL A 74 -0.06 8.63 -8.47
N ASN A 75 0.95 9.27 -8.95
CA ASN A 75 2.20 9.28 -8.20
C ASN A 75 2.39 10.60 -7.49
N ASP A 76 3.50 10.72 -6.76
CA ASP A 76 3.84 11.91 -5.96
C ASP A 76 3.83 13.22 -6.78
N SER A 77 4.12 13.11 -8.06
CA SER A 77 4.14 14.26 -8.93
C SER A 77 2.75 14.57 -9.55
N GLY A 78 1.77 13.69 -9.31
CA GLY A 78 0.39 13.99 -9.74
C GLY A 78 0.06 13.43 -11.09
N ARG A 79 0.98 12.69 -11.66
CA ARG A 79 0.80 12.10 -12.96
C ARG A 79 0.26 10.70 -12.83
N ARG A 80 -0.37 10.24 -13.88
CA ARG A 80 -0.97 8.92 -13.96
C ARG A 80 0.10 7.85 -14.13
N VAL A 81 0.00 6.80 -13.35
CA VAL A 81 0.87 5.66 -13.44
C VAL A 81 0.05 4.40 -13.22
N LYS A 82 0.66 3.25 -13.34
CA LYS A 82 -0.06 2.00 -13.15
C LYS A 82 0.62 1.11 -12.12
N GLU A 83 1.92 1.26 -12.02
CA GLU A 83 2.73 0.45 -11.13
C GLU A 83 3.52 1.36 -10.20
N ALA A 84 3.64 0.96 -8.96
CA ALA A 84 4.37 1.72 -7.98
C ALA A 84 5.19 0.82 -7.10
N GLY A 85 6.48 1.11 -7.02
CA GLY A 85 7.37 0.33 -6.22
C GLY A 85 7.32 0.75 -4.77
N PRO A 86 7.79 -0.11 -3.85
CA PRO A 86 7.78 0.19 -2.41
C PRO A 86 8.58 1.43 -2.06
N SER A 87 8.14 2.07 -0.98
CA SER A 87 8.73 3.28 -0.44
C SER A 87 8.38 4.53 -1.26
N MET A 88 7.55 4.36 -2.27
CA MET A 88 7.13 5.47 -3.10
C MET A 88 5.70 5.92 -2.76
N PRO A 89 5.46 7.25 -2.66
CA PRO A 89 4.12 7.78 -2.41
C PRO A 89 3.27 7.73 -3.67
N VAL A 90 2.13 7.15 -3.56
CA VAL A 90 1.19 7.06 -4.65
C VAL A 90 -0.20 7.21 -4.13
N GLU A 91 -1.09 7.56 -4.99
CA GLU A 91 -2.45 7.72 -4.63
C GLU A 91 -3.27 6.73 -5.43
N ILE A 92 -4.03 5.94 -4.72
CA ILE A 92 -4.84 4.89 -5.29
C ILE A 92 -6.27 5.35 -5.45
N THR A 93 -7.03 4.52 -6.10
CA THR A 93 -8.43 4.71 -6.35
C THR A 93 -9.02 3.32 -6.45
N GLY A 94 -10.33 3.20 -6.32
CA GLY A 94 -10.93 1.89 -6.49
C GLY A 94 -11.53 1.33 -5.22
N LEU A 95 -11.57 2.11 -4.18
CA LEU A 95 -12.18 1.69 -2.95
C LEU A 95 -13.65 2.06 -2.95
N HIS A 96 -13.93 3.26 -3.46
CA HIS A 96 -15.26 3.87 -3.46
C HIS A 96 -15.82 4.01 -2.03
N ASP A 97 -14.94 3.99 -1.07
CA ASP A 97 -15.28 4.15 0.31
C ASP A 97 -14.42 5.27 0.84
N VAL A 98 -14.54 5.58 2.08
CA VAL A 98 -13.82 6.68 2.66
C VAL A 98 -12.52 6.15 3.30
N PRO A 99 -11.37 6.47 2.72
CA PRO A 99 -10.10 6.08 3.28
C PRO A 99 -9.66 7.11 4.33
N GLN A 100 -8.82 6.70 5.25
CA GLN A 100 -8.40 7.59 6.30
C GLN A 100 -6.91 7.77 6.30
N ALA A 101 -6.51 9.01 6.43
CA ALA A 101 -5.10 9.36 6.48
C ALA A 101 -4.49 8.87 7.78
N GLY A 102 -3.44 8.10 7.66
CA GLY A 102 -2.76 7.58 8.83
C GLY A 102 -3.15 6.16 9.13
N ASP A 103 -4.03 5.58 8.32
CA ASP A 103 -4.41 4.19 8.57
C ASP A 103 -3.37 3.28 7.95
N ARG A 104 -3.58 2.02 8.12
CA ARG A 104 -2.69 0.99 7.70
C ARG A 104 -3.34 0.26 6.55
N PHE A 105 -2.65 0.07 5.48
CA PHE A 105 -3.21 -0.66 4.38
C PHE A 105 -2.29 -1.78 4.01
N MET A 106 -2.81 -2.78 3.45
CA MET A 106 -2.00 -3.86 3.00
C MET A 106 -2.18 -3.98 1.52
N VAL A 107 -1.09 -4.00 0.79
CA VAL A 107 -1.18 -4.15 -0.62
C VAL A 107 -1.20 -5.64 -0.90
N PHE A 108 -2.20 -6.07 -1.58
CA PHE A 108 -2.37 -7.45 -1.80
C PHE A 108 -2.56 -7.66 -3.27
N GLU A 109 -1.71 -8.46 -3.83
CA GLU A 109 -1.74 -8.74 -5.22
C GLU A 109 -2.23 -10.15 -5.37
N ASP A 110 -2.00 -10.72 -6.49
CA ASP A 110 -2.43 -12.06 -6.73
C ASP A 110 -1.28 -12.90 -7.16
N GLU A 111 -0.77 -12.61 -8.36
CA GLU A 111 0.27 -13.41 -9.00
C GLU A 111 1.50 -13.66 -8.16
N LYS A 112 1.88 -12.72 -7.33
CA LYS A 112 3.09 -12.89 -6.53
C LYS A 112 2.91 -13.94 -5.46
N LYS A 113 1.79 -13.89 -4.80
CA LYS A 113 1.49 -14.86 -3.79
C LYS A 113 0.97 -16.15 -4.39
N ALA A 114 0.31 -16.03 -5.55
CA ALA A 114 -0.28 -17.17 -6.23
C ALA A 114 0.80 -18.09 -6.74
N ARG A 115 1.86 -17.50 -7.27
CA ARG A 115 3.01 -18.25 -7.80
C ARG A 115 3.63 -19.08 -6.70
N GLN A 116 3.73 -18.48 -5.53
CA GLN A 116 4.33 -19.11 -4.37
C GLN A 116 3.44 -20.27 -3.86
N ILE A 117 2.14 -20.14 -4.07
CA ILE A 117 1.19 -21.15 -3.63
C ILE A 117 1.06 -22.30 -4.63
N GLY A 118 0.82 -22.00 -5.89
CA GLY A 118 0.56 -23.05 -6.85
C GLY A 118 0.56 -22.58 -8.27
N GLU A 119 0.43 -21.28 -8.49
CA GLU A 119 0.44 -20.70 -9.84
C GLU A 119 1.90 -20.55 -10.31
N ALA A 120 2.58 -21.64 -10.31
CA ALA A 120 3.92 -21.69 -10.79
C ALA A 120 4.03 -22.77 -11.79
N ARG A 121 4.38 -22.40 -12.97
CA ARG A 121 4.59 -23.34 -14.01
C ARG A 121 6.00 -23.86 -13.94
N ALA A 122 6.11 -24.96 -13.22
CA ALA A 122 7.37 -25.56 -12.89
C ALA A 122 8.02 -26.24 -14.07
N GLN A 123 8.88 -25.53 -14.71
CA GLN A 123 9.67 -26.07 -15.77
C GLN A 123 11.08 -25.65 -15.49
N ARG A 124 11.75 -26.45 -14.71
CA ARG A 124 13.08 -26.15 -14.28
C ARG A 124 13.82 -27.42 -13.95
N GLN A 125 14.87 -27.65 -14.65
CA GLN A 125 15.69 -28.79 -14.38
C GLN A 125 17.06 -28.32 -13.96
N GLY A 1 6.21 12.60 39.65
CA GLY A 1 5.64 12.23 38.36
C GLY A 1 4.25 11.70 38.55
N SER A 2 3.40 11.95 37.60
CA SER A 2 2.02 11.56 37.68
C SER A 2 1.80 10.11 37.26
N HIS A 3 2.77 9.51 36.55
CA HIS A 3 2.60 8.10 36.20
C HIS A 3 2.90 7.23 37.41
N MET A 4 3.85 7.70 38.23
CA MET A 4 4.26 7.05 39.50
C MET A 4 4.87 5.67 39.30
N LEU A 5 5.25 5.06 40.40
CA LEU A 5 5.76 3.70 40.40
C LEU A 5 4.85 2.82 41.25
N ASP A 6 3.60 3.24 41.31
CA ASP A 6 2.55 2.56 42.09
C ASP A 6 2.30 1.19 41.51
N HIS A 7 2.10 1.17 40.23
CA HIS A 7 1.92 -0.02 39.43
C HIS A 7 2.56 0.24 38.08
N LEU A 8 3.63 -0.47 37.80
CA LEU A 8 4.35 -0.31 36.54
C LEU A 8 3.68 -1.13 35.47
N LEU A 9 3.60 -2.41 35.71
CA LEU A 9 2.91 -3.33 34.83
C LEU A 9 1.92 -4.07 35.68
N GLU A 10 2.48 -4.88 36.56
CA GLU A 10 1.79 -5.63 37.60
C GLU A 10 0.48 -6.30 37.19
N MET A 11 0.59 -7.56 36.88
CA MET A 11 -0.52 -8.35 36.41
C MET A 11 -1.36 -8.89 37.56
N ILE A 12 -1.36 -8.18 38.70
CA ILE A 12 -2.22 -8.53 39.82
C ILE A 12 -3.67 -8.39 39.35
N LEU A 13 -3.90 -7.35 38.58
CA LEU A 13 -5.12 -7.14 37.84
C LEU A 13 -4.68 -6.91 36.41
N LEU A 14 -5.36 -7.48 35.47
CA LEU A 14 -4.96 -7.35 34.08
C LEU A 14 -5.52 -6.07 33.49
N VAL A 15 -4.67 -5.08 33.32
CA VAL A 15 -5.09 -3.84 32.71
C VAL A 15 -5.34 -4.10 31.23
N SER A 16 -4.33 -4.66 30.58
CA SER A 16 -4.40 -5.06 29.18
C SER A 16 -4.73 -3.88 28.26
N GLU A 17 -3.74 -3.14 27.89
CA GLU A 17 -3.93 -2.05 26.98
C GLU A 17 -3.95 -2.63 25.57
N MET A 18 -2.78 -3.12 25.13
CA MET A 18 -2.55 -3.79 23.83
C MET A 18 -3.29 -3.09 22.68
N GLU A 19 -2.69 -2.07 22.17
CA GLU A 19 -3.32 -1.23 21.18
C GLU A 19 -2.42 -1.01 20.01
N GLU A 20 -3.00 -0.60 18.89
CA GLU A 20 -2.21 -0.07 17.81
C GLU A 20 -1.70 1.24 18.32
N LEU A 21 -0.44 1.29 18.57
CA LEU A 21 0.16 2.40 19.23
C LEU A 21 0.66 3.35 18.19
N LYS A 22 0.84 2.81 17.01
CA LYS A 22 1.26 3.59 15.91
C LYS A 22 0.25 3.46 14.78
N ALA A 23 0.28 2.32 14.14
CA ALA A 23 -0.59 1.96 13.04
C ALA A 23 -0.20 0.57 12.59
N ASN A 24 -1.21 -0.26 12.39
CA ASN A 24 -1.09 -1.67 11.98
C ASN A 24 -0.85 -2.56 13.18
N PRO A 25 -1.69 -3.59 13.37
CA PRO A 25 -1.50 -4.53 14.47
C PRO A 25 -0.26 -5.40 14.25
N ASN A 26 -0.12 -5.87 13.04
CA ASN A 26 1.00 -6.69 12.67
C ASN A 26 1.74 -6.02 11.55
N ARG A 27 2.77 -5.29 11.91
CA ARG A 27 3.60 -4.61 10.94
C ARG A 27 4.55 -5.60 10.27
N ARG A 28 4.13 -6.14 9.16
CA ARG A 28 4.93 -7.04 8.36
C ARG A 28 5.00 -6.51 6.94
N ALA A 29 4.03 -6.88 6.14
CA ALA A 29 3.92 -6.36 4.80
C ALA A 29 2.64 -5.58 4.71
N VAL A 30 2.66 -4.40 5.27
CA VAL A 30 1.54 -3.51 5.39
C VAL A 30 2.07 -2.12 5.35
N GLY A 31 1.22 -1.15 5.18
CA GLY A 31 1.68 0.20 5.10
C GLY A 31 0.78 1.17 5.80
N THR A 32 1.11 2.41 5.67
CA THR A 32 0.39 3.50 6.27
C THR A 32 -0.01 4.54 5.22
N VAL A 33 -1.17 5.14 5.41
CA VAL A 33 -1.68 6.14 4.50
C VAL A 33 -1.15 7.50 4.93
N ILE A 34 -0.67 8.29 3.99
CA ILE A 34 -0.11 9.58 4.31
C ILE A 34 -1.18 10.66 4.28
N GLU A 35 -2.07 10.59 3.31
CA GLU A 35 -3.22 11.49 3.23
C GLU A 35 -4.29 10.84 2.39
N ALA A 36 -5.53 11.12 2.66
CA ALA A 36 -6.61 10.56 1.89
C ALA A 36 -7.72 11.56 1.79
N LYS A 37 -8.45 11.52 0.69
CA LYS A 37 -9.53 12.47 0.45
C LYS A 37 -10.29 12.03 -0.80
N LEU A 38 -11.32 12.73 -1.14
CA LEU A 38 -12.02 12.43 -2.36
C LEU A 38 -11.50 13.34 -3.45
N ASP A 39 -11.46 12.86 -4.62
CA ASP A 39 -11.10 13.69 -5.74
C ASP A 39 -12.22 13.63 -6.72
N LYS A 40 -12.78 14.76 -7.01
CA LYS A 40 -13.90 14.86 -7.93
C LYS A 40 -13.66 14.28 -9.35
N GLY A 41 -12.41 14.08 -9.74
CA GLY A 41 -12.12 13.52 -11.05
C GLY A 41 -11.62 12.08 -10.97
N ARG A 42 -10.74 11.83 -10.02
CA ARG A 42 -10.13 10.50 -9.84
C ARG A 42 -11.06 9.56 -9.08
N GLY A 43 -11.81 10.11 -8.15
CA GLY A 43 -12.72 9.32 -7.35
C GLY A 43 -12.23 9.28 -5.92
N PRO A 44 -12.44 8.18 -5.21
CA PRO A 44 -11.93 8.03 -3.86
C PRO A 44 -10.44 7.75 -3.92
N VAL A 45 -9.64 8.65 -3.40
CA VAL A 45 -8.22 8.53 -3.52
C VAL A 45 -7.57 8.35 -2.17
N ALA A 46 -6.44 7.72 -2.16
CA ALA A 46 -5.68 7.53 -0.96
C ALA A 46 -4.21 7.60 -1.28
N THR A 47 -3.56 8.61 -0.79
CA THR A 47 -2.16 8.77 -0.98
C THR A 47 -1.49 7.98 0.13
N LEU A 48 -0.79 7.00 -0.24
CA LEU A 48 -0.19 6.14 0.71
C LEU A 48 1.25 5.88 0.36
N LEU A 49 1.94 5.22 1.24
CA LEU A 49 3.30 4.82 0.97
C LEU A 49 3.28 3.30 0.93
N VAL A 50 3.40 2.71 -0.26
CA VAL A 50 3.32 1.27 -0.38
C VAL A 50 4.49 0.58 0.30
N GLN A 51 4.14 -0.15 1.32
CA GLN A 51 5.08 -0.83 2.16
C GLN A 51 4.75 -2.31 2.18
N ALA A 52 3.56 -2.64 1.70
CA ALA A 52 3.03 -3.97 1.73
C ALA A 52 3.50 -4.79 0.54
N GLY A 53 4.30 -4.18 -0.31
CA GLY A 53 4.80 -4.87 -1.45
C GLY A 53 4.82 -3.97 -2.63
N THR A 54 4.05 -4.29 -3.59
CA THR A 54 4.01 -3.60 -4.84
C THR A 54 2.58 -3.15 -5.06
N LEU A 55 2.39 -1.99 -5.64
CA LEU A 55 1.05 -1.51 -5.83
C LEU A 55 0.89 -1.20 -7.30
N LYS A 56 -0.04 -1.85 -7.93
CA LYS A 56 -0.27 -1.65 -9.33
C LYS A 56 -1.78 -1.61 -9.58
N VAL A 57 -2.18 -1.07 -10.71
CA VAL A 57 -3.57 -1.03 -11.09
C VAL A 57 -4.13 -2.42 -11.32
N GLY A 58 -5.26 -2.69 -10.72
CA GLY A 58 -5.88 -3.97 -10.84
C GLY A 58 -5.68 -4.85 -9.64
N ASP A 59 -4.89 -4.38 -8.69
CA ASP A 59 -4.64 -5.16 -7.47
C ASP A 59 -5.67 -4.85 -6.42
N PRO A 60 -6.03 -5.84 -5.59
CA PRO A 60 -6.93 -5.63 -4.47
C PRO A 60 -6.17 -5.04 -3.27
N ILE A 61 -6.72 -4.02 -2.70
CA ILE A 61 -6.10 -3.34 -1.60
C ILE A 61 -7.04 -3.26 -0.42
N VAL A 62 -6.53 -3.44 0.78
CA VAL A 62 -7.33 -3.40 1.98
C VAL A 62 -6.87 -2.24 2.85
N VAL A 63 -7.68 -1.23 3.00
CA VAL A 63 -7.33 -0.08 3.79
C VAL A 63 -8.54 0.45 4.51
N GLY A 64 -8.35 0.82 5.75
CA GLY A 64 -9.45 1.29 6.54
C GLY A 64 -10.41 0.19 6.84
N THR A 65 -9.88 -1.04 6.84
CA THR A 65 -10.60 -2.31 7.02
C THR A 65 -11.61 -2.58 5.86
N THR A 66 -11.57 -1.74 4.86
CA THR A 66 -12.36 -1.88 3.67
C THR A 66 -11.43 -2.33 2.54
N TYR A 67 -11.90 -3.13 1.62
CA TYR A 67 -11.03 -3.49 0.54
C TYR A 67 -11.67 -3.11 -0.79
N GLY A 68 -10.83 -2.85 -1.74
CA GLY A 68 -11.24 -2.47 -3.05
C GLY A 68 -10.19 -2.84 -4.05
N ARG A 69 -10.27 -2.30 -5.23
CA ARG A 69 -9.33 -2.62 -6.27
C ARG A 69 -8.81 -1.36 -6.91
N VAL A 70 -7.52 -1.31 -7.15
CA VAL A 70 -6.86 -0.13 -7.71
C VAL A 70 -7.30 0.12 -9.15
N ARG A 71 -7.81 1.31 -9.40
CA ARG A 71 -8.26 1.67 -10.73
C ARG A 71 -7.17 2.52 -11.43
N ALA A 72 -6.69 3.54 -10.76
CA ALA A 72 -5.66 4.42 -11.29
C ALA A 72 -4.62 4.68 -10.24
N MET A 73 -3.43 4.96 -10.68
CA MET A 73 -2.29 5.20 -9.84
C MET A 73 -1.76 6.58 -10.16
N VAL A 74 -1.70 7.44 -9.19
CA VAL A 74 -1.16 8.77 -9.41
C VAL A 74 -0.11 9.01 -8.34
N ASN A 75 0.92 9.76 -8.62
CA ASN A 75 1.91 10.05 -7.59
C ASN A 75 1.77 11.51 -7.18
N ASP A 76 2.59 11.97 -6.23
CA ASP A 76 2.52 13.36 -5.70
C ASP A 76 2.71 14.40 -6.79
N SER A 77 3.52 14.06 -7.78
CA SER A 77 3.86 15.00 -8.82
C SER A 77 2.72 15.10 -9.86
N GLY A 78 1.73 14.22 -9.73
CA GLY A 78 0.55 14.35 -10.55
C GLY A 78 0.58 13.46 -11.74
N ARG A 79 1.70 12.84 -11.95
CA ARG A 79 1.84 11.92 -13.05
C ARG A 79 1.08 10.65 -12.74
N ARG A 80 0.10 10.39 -13.54
CA ARG A 80 -0.70 9.21 -13.42
C ARG A 80 0.08 8.08 -14.09
N VAL A 81 0.16 6.96 -13.43
CA VAL A 81 0.96 5.83 -13.85
C VAL A 81 0.14 4.56 -13.66
N LYS A 82 0.73 3.42 -13.86
CA LYS A 82 0.01 2.17 -13.74
C LYS A 82 0.56 1.28 -12.63
N GLU A 83 1.79 1.52 -12.25
CA GLU A 83 2.49 0.64 -11.36
C GLU A 83 3.40 1.45 -10.43
N ALA A 84 3.57 0.96 -9.22
CA ALA A 84 4.43 1.58 -8.25
C ALA A 84 5.10 0.53 -7.39
N GLY A 85 6.35 0.74 -7.10
CA GLY A 85 7.09 -0.20 -6.31
C GLY A 85 7.14 0.24 -4.87
N PRO A 86 7.55 -0.64 -3.96
CA PRO A 86 7.63 -0.33 -2.53
C PRO A 86 8.54 0.86 -2.23
N SER A 87 8.20 1.55 -1.15
CA SER A 87 8.91 2.73 -0.67
C SER A 87 8.59 3.98 -1.54
N MET A 88 7.50 3.89 -2.30
CA MET A 88 7.06 5.00 -3.12
C MET A 88 5.67 5.49 -2.67
N PRO A 89 5.47 6.83 -2.58
CA PRO A 89 4.16 7.40 -2.30
C PRO A 89 3.30 7.44 -3.54
N VAL A 90 2.12 6.89 -3.45
CA VAL A 90 1.19 6.88 -4.55
C VAL A 90 -0.21 7.07 -4.06
N GLU A 91 -1.00 7.65 -4.89
CA GLU A 91 -2.37 7.90 -4.63
C GLU A 91 -3.17 6.97 -5.50
N ILE A 92 -3.82 6.05 -4.88
CA ILE A 92 -4.60 5.05 -5.56
C ILE A 92 -6.06 5.41 -5.54
N THR A 93 -6.82 4.65 -6.26
CA THR A 93 -8.24 4.85 -6.40
C THR A 93 -8.88 3.50 -6.52
N GLY A 94 -10.15 3.41 -6.21
CA GLY A 94 -10.85 2.16 -6.39
C GLY A 94 -11.29 1.50 -5.12
N LEU A 95 -11.08 2.17 -3.99
CA LEU A 95 -11.55 1.63 -2.73
C LEU A 95 -13.06 1.75 -2.64
N HIS A 96 -13.55 2.88 -3.16
CA HIS A 96 -14.98 3.23 -3.21
C HIS A 96 -15.52 3.43 -1.78
N ASP A 97 -14.61 3.73 -0.90
CA ASP A 97 -14.87 3.98 0.49
C ASP A 97 -13.90 5.05 0.87
N VAL A 98 -14.00 5.60 2.02
CA VAL A 98 -13.19 6.75 2.36
C VAL A 98 -12.21 6.43 3.49
N PRO A 99 -10.92 6.34 3.17
CA PRO A 99 -9.88 6.08 4.15
C PRO A 99 -9.36 7.38 4.79
N GLN A 100 -8.51 7.25 5.78
CA GLN A 100 -7.96 8.38 6.48
C GLN A 100 -6.44 8.30 6.57
N ALA A 101 -5.81 9.45 6.61
CA ALA A 101 -4.37 9.56 6.82
C ALA A 101 -4.00 9.02 8.19
N GLY A 102 -3.00 8.16 8.25
CA GLY A 102 -2.62 7.61 9.52
C GLY A 102 -3.23 6.26 9.74
N ASP A 103 -3.99 5.80 8.78
CA ASP A 103 -4.63 4.50 8.87
C ASP A 103 -3.66 3.43 8.37
N ARG A 104 -4.16 2.26 8.14
CA ARG A 104 -3.38 1.13 7.87
C ARG A 104 -3.90 0.40 6.65
N PHE A 105 -3.00 -0.03 5.80
CA PHE A 105 -3.41 -0.71 4.61
C PHE A 105 -2.56 -1.91 4.34
N MET A 106 -3.12 -2.78 3.57
CA MET A 106 -2.47 -3.98 3.14
C MET A 106 -2.71 -4.15 1.66
N VAL A 107 -1.63 -4.18 0.92
CA VAL A 107 -1.67 -4.39 -0.51
C VAL A 107 -1.12 -5.77 -0.76
N PHE A 108 -1.74 -6.52 -1.62
CA PHE A 108 -1.23 -7.81 -1.97
C PHE A 108 -0.23 -7.62 -3.06
N GLU A 109 0.97 -8.07 -2.83
CA GLU A 109 2.07 -7.85 -3.73
C GLU A 109 1.89 -8.65 -5.01
N ASP A 110 1.58 -9.93 -4.81
CA ASP A 110 1.37 -10.92 -5.88
C ASP A 110 2.57 -11.17 -6.80
N GLU A 111 3.06 -10.15 -7.45
CA GLU A 111 4.15 -10.27 -8.41
C GLU A 111 5.47 -10.62 -7.75
N LYS A 112 5.54 -10.51 -6.45
CA LYS A 112 6.69 -10.95 -5.68
C LYS A 112 6.73 -12.46 -5.70
N LYS A 113 5.55 -13.04 -5.44
CA LYS A 113 5.35 -14.49 -5.45
C LYS A 113 5.65 -15.01 -6.85
N ALA A 114 5.27 -14.21 -7.83
CA ALA A 114 5.52 -14.51 -9.21
C ALA A 114 7.01 -14.42 -9.50
N ARG A 115 7.62 -13.32 -9.06
CA ARG A 115 9.06 -13.06 -9.24
C ARG A 115 9.92 -14.17 -8.71
N GLN A 116 9.53 -14.69 -7.56
CA GLN A 116 10.22 -15.80 -6.92
C GLN A 116 10.27 -17.05 -7.84
N ILE A 117 9.24 -17.20 -8.65
CA ILE A 117 9.12 -18.30 -9.61
C ILE A 117 9.81 -17.92 -10.95
N GLY A 118 10.19 -16.66 -11.08
CA GLY A 118 10.78 -16.17 -12.32
C GLY A 118 9.82 -15.25 -13.04
N GLU A 119 9.11 -14.45 -12.24
CA GLU A 119 8.08 -13.51 -12.67
C GLU A 119 7.00 -14.15 -13.50
N ALA A 120 6.69 -15.37 -13.14
CA ALA A 120 5.68 -16.14 -13.79
C ALA A 120 4.32 -15.72 -13.31
N ARG A 121 3.64 -15.01 -14.13
CA ARG A 121 2.33 -14.54 -13.82
C ARG A 121 1.33 -15.30 -14.65
N ALA A 122 0.22 -15.64 -14.06
CA ALA A 122 -0.78 -16.45 -14.72
C ALA A 122 -1.46 -15.70 -15.87
N GLN A 123 -2.39 -14.82 -15.58
CA GLN A 123 -3.03 -14.07 -16.64
C GLN A 123 -3.50 -12.70 -16.19
N ARG A 124 -2.63 -11.71 -16.42
CA ARG A 124 -2.94 -10.29 -16.22
C ARG A 124 -1.70 -9.45 -16.54
N GLN A 125 -1.79 -8.76 -17.63
CA GLN A 125 -0.72 -7.90 -18.09
C GLN A 125 -1.33 -6.60 -18.58
N GLY A 1 24.76 -15.83 3.93
CA GLY A 1 23.53 -16.58 3.73
C GLY A 1 23.81 -18.04 3.55
N SER A 2 23.01 -18.69 2.71
CA SER A 2 23.13 -20.11 2.43
C SER A 2 24.48 -20.42 1.75
N HIS A 3 25.37 -21.05 2.53
CA HIS A 3 26.72 -21.42 2.11
C HIS A 3 27.48 -20.19 1.58
N MET A 4 27.67 -20.15 0.27
CA MET A 4 28.23 -18.99 -0.41
C MET A 4 27.54 -18.84 -1.74
N LEU A 5 26.42 -19.54 -1.88
CA LEU A 5 25.66 -19.54 -3.12
C LEU A 5 24.37 -18.77 -2.97
N ASP A 6 24.20 -18.19 -1.80
CA ASP A 6 23.03 -17.40 -1.47
C ASP A 6 22.99 -16.21 -2.38
N HIS A 7 21.92 -16.08 -3.09
CA HIS A 7 21.77 -15.01 -4.04
C HIS A 7 20.52 -14.22 -3.72
N LEU A 8 20.09 -14.27 -2.48
CA LEU A 8 18.90 -13.59 -2.09
C LEU A 8 19.24 -12.18 -1.63
N LEU A 9 19.56 -11.35 -2.59
CA LEU A 9 19.92 -9.99 -2.36
C LEU A 9 18.68 -9.12 -2.51
N GLU A 10 18.00 -8.93 -1.41
CA GLU A 10 16.77 -8.17 -1.40
C GLU A 10 17.05 -6.71 -1.55
N MET A 11 18.03 -6.25 -0.83
CA MET A 11 18.41 -4.87 -0.86
C MET A 11 19.91 -4.79 -0.87
N ILE A 12 20.44 -3.90 -1.66
CA ILE A 12 21.86 -3.76 -1.80
C ILE A 12 22.30 -2.37 -1.39
N LEU A 13 23.25 -2.32 -0.45
CA LEU A 13 23.85 -1.07 0.07
C LEU A 13 22.83 -0.28 0.89
N LEU A 14 21.74 -0.92 1.21
CA LEU A 14 20.68 -0.24 1.88
C LEU A 14 20.82 -0.44 3.37
N VAL A 15 21.00 -1.71 3.77
CA VAL A 15 21.25 -2.10 5.18
C VAL A 15 20.10 -1.61 6.13
N SER A 16 18.92 -1.42 5.57
CA SER A 16 17.77 -0.98 6.33
C SER A 16 17.13 -2.17 7.06
N GLU A 17 17.87 -2.69 8.01
CA GLU A 17 17.50 -3.81 8.83
C GLU A 17 18.14 -3.65 10.19
N MET A 18 18.59 -2.44 10.46
CA MET A 18 19.35 -2.16 11.66
C MET A 18 18.46 -1.53 12.70
N GLU A 19 17.97 -0.36 12.41
CA GLU A 19 17.10 0.34 13.32
C GLU A 19 15.74 0.41 12.69
N GLU A 20 14.74 0.23 13.48
CA GLU A 20 13.40 0.22 12.97
C GLU A 20 12.70 1.54 13.22
N LEU A 21 12.26 2.13 12.15
CA LEU A 21 11.51 3.38 12.19
C LEU A 21 10.14 3.11 12.80
N LYS A 22 9.65 1.90 12.54
CA LYS A 22 8.41 1.39 13.04
C LYS A 22 7.21 2.23 12.61
N ALA A 23 6.74 1.96 11.42
CA ALA A 23 5.54 2.61 10.93
C ALA A 23 4.35 1.84 11.45
N ASN A 24 4.53 0.55 11.56
CA ASN A 24 3.51 -0.37 12.02
C ASN A 24 4.18 -1.38 12.92
N PRO A 25 3.52 -1.81 14.00
CA PRO A 25 4.03 -2.88 14.87
C PRO A 25 3.94 -4.23 14.15
N ASN A 26 3.05 -4.27 13.19
CA ASN A 26 2.82 -5.43 12.37
C ASN A 26 3.86 -5.46 11.29
N ARG A 27 4.26 -6.64 10.92
CA ARG A 27 5.19 -6.82 9.85
C ARG A 27 4.47 -7.54 8.73
N ARG A 28 5.04 -8.66 8.25
CA ARG A 28 4.49 -9.44 7.14
C ARG A 28 4.64 -8.67 5.84
N ALA A 29 3.79 -7.66 5.69
CA ALA A 29 3.73 -6.81 4.53
C ALA A 29 2.58 -5.85 4.73
N VAL A 30 2.87 -4.67 5.26
CA VAL A 30 1.86 -3.63 5.48
C VAL A 30 2.46 -2.25 5.30
N GLY A 31 1.63 -1.25 5.27
CA GLY A 31 2.09 0.11 5.11
C GLY A 31 1.14 1.07 5.76
N THR A 32 1.38 2.36 5.60
CA THR A 32 0.55 3.37 6.19
C THR A 32 0.10 4.39 5.12
N VAL A 33 -1.13 4.87 5.26
CA VAL A 33 -1.67 5.88 4.35
C VAL A 33 -1.20 7.25 4.83
N ILE A 34 -0.76 8.10 3.92
CA ILE A 34 -0.29 9.40 4.33
C ILE A 34 -1.41 10.43 4.36
N GLU A 35 -2.26 10.41 3.35
CA GLU A 35 -3.38 11.32 3.29
C GLU A 35 -4.50 10.71 2.48
N ALA A 36 -5.69 11.14 2.74
CA ALA A 36 -6.84 10.68 2.02
C ALA A 36 -7.65 11.89 1.65
N LYS A 37 -8.01 11.98 0.42
CA LYS A 37 -8.61 13.15 -0.09
C LYS A 37 -9.82 12.82 -0.95
N LEU A 38 -10.66 13.78 -1.12
CA LEU A 38 -11.80 13.66 -1.98
C LEU A 38 -11.42 14.23 -3.34
N ASP A 39 -11.83 13.61 -4.35
CA ASP A 39 -11.62 14.15 -5.65
C ASP A 39 -12.94 14.16 -6.35
N LYS A 40 -13.39 15.33 -6.69
CA LYS A 40 -14.68 15.55 -7.31
C LYS A 40 -14.85 14.81 -8.65
N GLY A 41 -13.75 14.55 -9.33
CA GLY A 41 -13.85 13.90 -10.61
C GLY A 41 -13.33 12.49 -10.60
N ARG A 42 -12.27 12.27 -9.87
CA ARG A 42 -11.63 10.98 -9.83
C ARG A 42 -12.27 10.08 -8.78
N GLY A 43 -12.88 10.68 -7.80
CA GLY A 43 -13.52 9.93 -6.74
C GLY A 43 -12.64 9.93 -5.51
N PRO A 44 -12.92 9.07 -4.52
CA PRO A 44 -12.09 8.95 -3.32
C PRO A 44 -10.65 8.58 -3.68
N VAL A 45 -9.73 9.46 -3.39
CA VAL A 45 -8.35 9.24 -3.70
C VAL A 45 -7.52 9.12 -2.43
N ALA A 46 -6.65 8.18 -2.40
CA ALA A 46 -5.84 7.95 -1.23
C ALA A 46 -4.38 7.94 -1.54
N THR A 47 -3.63 8.77 -0.86
CA THR A 47 -2.22 8.81 -1.04
C THR A 47 -1.61 8.00 0.08
N LEU A 48 -0.93 6.99 -0.26
CA LEU A 48 -0.41 6.09 0.72
C LEU A 48 1.05 5.82 0.42
N LEU A 49 1.70 5.18 1.34
CA LEU A 49 3.08 4.84 1.15
C LEU A 49 3.16 3.32 1.19
N VAL A 50 3.34 2.72 0.04
CA VAL A 50 3.39 1.27 -0.07
C VAL A 50 4.68 0.70 0.52
N GLN A 51 4.50 -0.11 1.53
CA GLN A 51 5.62 -0.77 2.20
C GLN A 51 5.41 -2.26 2.15
N ALA A 52 4.17 -2.64 1.84
CA ALA A 52 3.73 -4.00 1.84
C ALA A 52 4.21 -4.82 0.61
N GLY A 53 4.90 -4.19 -0.31
CA GLY A 53 5.41 -4.93 -1.44
C GLY A 53 5.43 -4.14 -2.71
N THR A 54 4.37 -4.20 -3.45
CA THR A 54 4.26 -3.50 -4.70
C THR A 54 2.81 -3.08 -4.85
N LEU A 55 2.56 -1.97 -5.47
CA LEU A 55 1.22 -1.48 -5.62
C LEU A 55 1.01 -1.18 -7.10
N LYS A 56 0.14 -1.90 -7.72
CA LYS A 56 -0.15 -1.73 -9.12
C LYS A 56 -1.66 -1.73 -9.38
N VAL A 57 -2.07 -1.17 -10.51
CA VAL A 57 -3.48 -1.14 -10.87
C VAL A 57 -4.01 -2.56 -11.02
N GLY A 58 -5.15 -2.81 -10.44
CA GLY A 58 -5.69 -4.13 -10.46
C GLY A 58 -5.41 -4.89 -9.18
N ASP A 59 -4.80 -4.24 -8.21
CA ASP A 59 -4.58 -4.87 -6.91
C ASP A 59 -5.78 -4.70 -6.02
N PRO A 60 -6.31 -5.79 -5.45
CA PRO A 60 -7.32 -5.70 -4.43
C PRO A 60 -6.63 -5.32 -3.13
N ILE A 61 -6.83 -4.11 -2.75
CA ILE A 61 -6.14 -3.55 -1.63
C ILE A 61 -7.04 -3.45 -0.42
N VAL A 62 -6.51 -3.73 0.73
CA VAL A 62 -7.27 -3.68 1.95
C VAL A 62 -6.74 -2.57 2.83
N VAL A 63 -7.58 -1.61 3.13
CA VAL A 63 -7.22 -0.51 4.01
C VAL A 63 -8.23 -0.47 5.14
N GLY A 64 -7.77 -0.34 6.37
CA GLY A 64 -8.67 -0.34 7.52
C GLY A 64 -9.50 -1.63 7.62
N THR A 65 -10.74 -1.54 7.17
CA THR A 65 -11.66 -2.66 7.12
C THR A 65 -12.34 -2.76 5.75
N THR A 66 -11.86 -2.00 4.79
CA THR A 66 -12.45 -1.96 3.49
C THR A 66 -11.44 -2.41 2.43
N TYR A 67 -11.90 -3.10 1.42
CA TYR A 67 -11.05 -3.47 0.34
C TYR A 67 -11.58 -2.89 -0.94
N GLY A 68 -10.71 -2.64 -1.84
CA GLY A 68 -11.07 -2.10 -3.11
C GLY A 68 -10.10 -2.54 -4.13
N ARG A 69 -10.16 -2.01 -5.30
CA ARG A 69 -9.26 -2.44 -6.33
C ARG A 69 -8.72 -1.22 -7.01
N VAL A 70 -7.42 -1.15 -7.11
CA VAL A 70 -6.73 0.00 -7.67
C VAL A 70 -7.12 0.20 -9.14
N ARG A 71 -7.72 1.33 -9.42
CA ARG A 71 -8.14 1.64 -10.76
C ARG A 71 -7.07 2.50 -11.43
N ALA A 72 -6.70 3.56 -10.77
CA ALA A 72 -5.71 4.44 -11.30
C ALA A 72 -4.62 4.62 -10.30
N MET A 73 -3.48 5.02 -10.78
CA MET A 73 -2.33 5.21 -9.98
C MET A 73 -1.74 6.53 -10.36
N VAL A 74 -1.71 7.44 -9.46
CA VAL A 74 -1.08 8.70 -9.69
C VAL A 74 0.00 8.81 -8.66
N ASN A 75 1.18 9.17 -9.05
CA ASN A 75 2.24 9.22 -8.07
C ASN A 75 2.38 10.62 -7.55
N ASP A 76 3.29 10.82 -6.61
CA ASP A 76 3.55 12.13 -5.96
C ASP A 76 3.80 13.27 -6.96
N SER A 77 4.35 12.94 -8.11
CA SER A 77 4.67 13.92 -9.12
C SER A 77 3.38 14.33 -9.88
N GLY A 78 2.33 13.54 -9.74
CA GLY A 78 1.07 13.89 -10.37
C GLY A 78 0.90 13.24 -11.71
N ARG A 79 1.72 12.27 -11.97
CA ARG A 79 1.68 11.55 -13.22
C ARG A 79 0.94 10.24 -13.03
N ARG A 80 0.05 9.97 -13.95
CA ARG A 80 -0.70 8.73 -14.01
C ARG A 80 0.22 7.62 -14.46
N VAL A 81 0.28 6.58 -13.68
CA VAL A 81 1.12 5.43 -13.96
C VAL A 81 0.29 4.20 -13.70
N LYS A 82 0.85 3.02 -13.82
CA LYS A 82 0.06 1.83 -13.58
C LYS A 82 0.62 0.96 -12.46
N GLU A 83 1.82 1.22 -12.06
CA GLU A 83 2.48 0.42 -11.04
C GLU A 83 3.46 1.28 -10.26
N ALA A 84 3.69 0.91 -9.03
CA ALA A 84 4.61 1.61 -8.16
C ALA A 84 5.30 0.62 -7.25
N GLY A 85 6.54 0.91 -6.95
CA GLY A 85 7.31 0.08 -6.06
C GLY A 85 7.24 0.60 -4.63
N PRO A 86 7.79 -0.13 -3.67
CA PRO A 86 7.73 0.24 -2.27
C PRO A 86 8.55 1.48 -1.93
N SER A 87 8.16 2.13 -0.84
CA SER A 87 8.78 3.31 -0.30
C SER A 87 8.48 4.54 -1.20
N MET A 88 7.49 4.43 -2.05
CA MET A 88 7.11 5.53 -2.91
C MET A 88 5.68 5.97 -2.68
N PRO A 89 5.47 7.29 -2.47
CA PRO A 89 4.14 7.86 -2.31
C PRO A 89 3.34 7.84 -3.61
N VAL A 90 2.16 7.27 -3.53
CA VAL A 90 1.26 7.19 -4.65
C VAL A 90 -0.16 7.41 -4.19
N GLU A 91 -0.96 7.92 -5.06
CA GLU A 91 -2.33 8.15 -4.83
C GLU A 91 -3.12 7.21 -5.71
N ILE A 92 -3.78 6.29 -5.07
CA ILE A 92 -4.55 5.26 -5.72
C ILE A 92 -5.97 5.68 -5.74
N THR A 93 -6.76 4.95 -6.46
CA THR A 93 -8.14 5.25 -6.56
C THR A 93 -8.87 3.96 -6.81
N GLY A 94 -10.09 3.88 -6.34
CA GLY A 94 -10.92 2.73 -6.57
C GLY A 94 -11.16 1.91 -5.34
N LEU A 95 -11.21 2.58 -4.21
CA LEU A 95 -11.57 1.91 -2.99
C LEU A 95 -13.09 1.85 -2.91
N HIS A 96 -13.71 2.92 -3.42
CA HIS A 96 -15.16 3.10 -3.47
C HIS A 96 -15.71 3.21 -2.03
N ASP A 97 -14.86 3.69 -1.15
CA ASP A 97 -15.14 3.90 0.25
C ASP A 97 -14.32 5.10 0.64
N VAL A 98 -14.39 5.51 1.87
CA VAL A 98 -13.69 6.68 2.34
C VAL A 98 -12.37 6.27 2.97
N PRO A 99 -11.23 6.55 2.32
CA PRO A 99 -9.93 6.20 2.87
C PRO A 99 -9.59 7.08 4.07
N GLN A 100 -8.69 6.61 4.92
CA GLN A 100 -8.35 7.36 6.10
C GLN A 100 -6.86 7.57 6.17
N ALA A 101 -6.47 8.78 6.41
CA ALA A 101 -5.07 9.15 6.53
C ALA A 101 -4.51 8.64 7.84
N GLY A 102 -3.32 8.09 7.78
CA GLY A 102 -2.70 7.59 8.99
C GLY A 102 -3.15 6.19 9.34
N ASP A 103 -4.04 5.63 8.54
CA ASP A 103 -4.54 4.30 8.77
C ASP A 103 -3.56 3.34 8.16
N ARG A 104 -3.90 2.11 8.14
CA ARG A 104 -3.00 1.14 7.70
C ARG A 104 -3.61 0.26 6.67
N PHE A 105 -2.80 -0.23 5.81
CA PHE A 105 -3.26 -1.04 4.73
C PHE A 105 -2.33 -2.19 4.49
N MET A 106 -2.78 -3.11 3.68
CA MET A 106 -1.97 -4.21 3.24
C MET A 106 -2.15 -4.36 1.74
N VAL A 107 -1.07 -4.16 1.02
CA VAL A 107 -1.06 -4.38 -0.41
C VAL A 107 0.01 -5.40 -0.69
N PHE A 108 -0.37 -6.58 -0.99
CA PHE A 108 0.58 -7.62 -1.18
C PHE A 108 0.26 -8.34 -2.46
N GLU A 109 1.22 -8.38 -3.35
CA GLU A 109 1.00 -9.02 -4.60
C GLU A 109 1.10 -10.53 -4.47
N ASP A 110 0.27 -11.17 -5.20
CA ASP A 110 0.09 -12.57 -5.19
C ASP A 110 0.79 -13.19 -6.40
N GLU A 111 0.69 -12.54 -7.52
CA GLU A 111 1.28 -13.07 -8.73
C GLU A 111 2.80 -12.92 -8.75
N LYS A 112 3.30 -11.94 -8.02
CA LYS A 112 4.72 -11.76 -7.87
C LYS A 112 5.33 -12.84 -6.99
N LYS A 113 4.62 -13.22 -5.92
CA LYS A 113 5.11 -14.32 -5.08
C LYS A 113 4.99 -15.63 -5.82
N ALA A 114 4.04 -15.70 -6.76
CA ALA A 114 3.91 -16.86 -7.60
C ALA A 114 5.11 -16.90 -8.54
N ARG A 115 5.37 -15.77 -9.18
CA ARG A 115 6.48 -15.55 -10.11
C ARG A 115 7.81 -15.99 -9.45
N GLN A 116 7.99 -15.58 -8.20
CA GLN A 116 9.20 -15.86 -7.41
C GLN A 116 9.45 -17.37 -7.23
N ILE A 117 8.40 -18.14 -7.10
CA ILE A 117 8.55 -19.57 -6.90
C ILE A 117 8.63 -20.28 -8.26
N GLY A 118 8.34 -19.55 -9.32
CA GLY A 118 8.36 -20.11 -10.66
C GLY A 118 6.97 -20.43 -11.15
N GLU A 119 5.99 -19.66 -10.65
CA GLU A 119 4.57 -19.80 -10.99
C GLU A 119 4.05 -21.18 -10.55
N ALA A 120 4.65 -21.65 -9.48
CA ALA A 120 4.29 -22.93 -8.88
C ALA A 120 2.98 -22.81 -8.12
N ARG A 121 2.50 -21.60 -7.98
CA ARG A 121 1.24 -21.34 -7.36
C ARG A 121 0.18 -21.19 -8.43
N ALA A 122 -0.62 -22.19 -8.58
CA ALA A 122 -1.76 -22.14 -9.47
C ALA A 122 -3.00 -21.83 -8.65
N GLN A 123 -2.84 -22.04 -7.37
CA GLN A 123 -3.86 -21.77 -6.39
C GLN A 123 -3.34 -20.65 -5.51
N ARG A 124 -4.18 -19.67 -5.22
CA ARG A 124 -3.76 -18.54 -4.39
C ARG A 124 -3.74 -18.90 -2.92
N GLN A 125 -4.75 -19.61 -2.47
CA GLN A 125 -4.91 -20.02 -1.07
C GLN A 125 -6.18 -20.80 -0.90
N GLY A 1 -23.65 5.88 17.10
CA GLY A 1 -24.52 6.92 16.57
C GLY A 1 -25.90 6.38 16.32
N SER A 2 -26.87 7.27 16.09
CA SER A 2 -28.28 6.93 15.87
C SER A 2 -28.91 6.31 17.13
N HIS A 3 -29.87 7.00 17.73
CA HIS A 3 -30.49 6.51 18.96
C HIS A 3 -31.50 5.42 18.70
N MET A 4 -30.97 4.30 18.33
CA MET A 4 -31.71 3.09 18.09
C MET A 4 -30.78 1.92 18.33
N LEU A 5 -29.63 2.20 18.88
CA LEU A 5 -28.62 1.22 19.06
C LEU A 5 -28.77 0.53 20.38
N ASP A 6 -29.32 -0.66 20.35
CA ASP A 6 -29.33 -1.52 21.52
C ASP A 6 -27.94 -2.07 21.61
N HIS A 7 -27.23 -1.73 22.66
CA HIS A 7 -25.83 -2.10 22.76
C HIS A 7 -25.64 -3.61 22.86
N LEU A 8 -24.87 -4.11 21.94
CA LEU A 8 -24.58 -5.52 21.84
C LEU A 8 -23.58 -5.90 22.93
N LEU A 9 -23.44 -7.18 23.18
CA LEU A 9 -22.49 -7.62 24.17
C LEU A 9 -21.11 -7.68 23.55
N GLU A 10 -20.43 -6.57 23.62
CA GLU A 10 -19.08 -6.44 23.15
C GLU A 10 -18.14 -6.87 24.26
N MET A 11 -16.88 -6.88 23.97
CA MET A 11 -15.89 -7.18 24.98
C MET A 11 -15.68 -5.94 25.83
N ILE A 12 -15.29 -6.09 27.06
CA ILE A 12 -15.00 -4.95 27.88
C ILE A 12 -13.70 -4.33 27.42
N LEU A 13 -13.76 -3.06 27.15
CA LEU A 13 -12.63 -2.37 26.58
C LEU A 13 -11.63 -1.99 27.65
N LEU A 14 -10.38 -2.29 27.37
CA LEU A 14 -9.28 -1.90 28.23
C LEU A 14 -8.81 -0.53 27.81
N VAL A 15 -9.11 -0.20 26.55
CA VAL A 15 -8.73 1.06 25.91
C VAL A 15 -7.21 1.15 25.82
N SER A 16 -6.68 0.65 24.75
CA SER A 16 -5.27 0.65 24.53
C SER A 16 -4.99 0.85 23.05
N GLU A 17 -3.89 1.44 22.73
CA GLU A 17 -3.53 1.71 21.36
C GLU A 17 -2.87 0.50 20.70
N MET A 18 -3.19 0.30 19.44
CA MET A 18 -2.61 -0.80 18.65
C MET A 18 -1.51 -0.20 17.75
N GLU A 19 -1.15 1.02 18.06
CA GLU A 19 -0.12 1.74 17.38
C GLU A 19 1.10 1.85 18.30
N GLU A 20 2.26 2.03 17.72
CA GLU A 20 3.49 2.17 18.47
C GLU A 20 3.53 3.56 19.06
N LEU A 21 3.78 4.55 18.20
CA LEU A 21 3.88 5.95 18.58
C LEU A 21 4.18 6.83 17.35
N LYS A 22 4.88 6.27 16.38
CA LYS A 22 5.19 6.98 15.17
C LYS A 22 4.04 6.77 14.22
N ALA A 23 4.00 5.60 13.65
CA ALA A 23 3.00 5.19 12.70
C ALA A 23 3.28 3.78 12.26
N ASN A 24 2.26 2.95 12.30
CA ASN A 24 2.25 1.59 11.74
C ASN A 24 3.13 0.65 12.57
N PRO A 25 2.52 -0.23 13.39
CA PRO A 25 3.27 -1.16 14.26
C PRO A 25 3.99 -2.28 13.49
N ASN A 26 3.47 -2.62 12.34
CA ASN A 26 4.03 -3.68 11.50
C ASN A 26 5.11 -3.07 10.61
N ARG A 27 4.70 -2.09 9.83
CA ARG A 27 5.57 -1.25 9.00
C ARG A 27 6.31 -2.01 7.86
N ARG A 28 5.94 -3.26 7.62
CA ARG A 28 6.49 -3.97 6.49
C ARG A 28 5.40 -4.63 5.67
N ALA A 29 4.58 -5.44 6.31
CA ALA A 29 3.54 -6.18 5.59
C ALA A 29 2.31 -5.33 5.37
N VAL A 30 2.40 -4.06 5.74
CA VAL A 30 1.34 -3.09 5.60
C VAL A 30 1.99 -1.73 5.45
N GLY A 31 1.28 -0.83 4.84
CA GLY A 31 1.78 0.50 4.65
C GLY A 31 0.89 1.48 5.35
N THR A 32 1.23 2.73 5.30
CA THR A 32 0.47 3.74 5.97
C THR A 32 -0.02 4.79 4.96
N VAL A 33 -1.25 5.22 5.12
CA VAL A 33 -1.83 6.25 4.27
C VAL A 33 -1.38 7.60 4.80
N ILE A 34 -0.97 8.49 3.93
CA ILE A 34 -0.49 9.79 4.37
C ILE A 34 -1.59 10.83 4.35
N GLU A 35 -2.46 10.76 3.38
CA GLU A 35 -3.61 11.62 3.31
C GLU A 35 -4.70 10.99 2.46
N ALA A 36 -5.93 11.24 2.78
CA ALA A 36 -7.03 10.66 2.07
C ALA A 36 -8.22 11.57 2.12
N LYS A 37 -8.90 11.74 0.99
CA LYS A 37 -10.02 12.66 0.90
C LYS A 37 -10.80 12.36 -0.37
N LEU A 38 -11.88 13.06 -0.57
CA LEU A 38 -12.63 12.90 -1.78
C LEU A 38 -12.15 13.90 -2.81
N ASP A 39 -12.17 13.50 -4.03
CA ASP A 39 -11.99 14.42 -5.10
C ASP A 39 -13.13 14.25 -6.06
N LYS A 40 -13.84 15.33 -6.31
CA LYS A 40 -15.02 15.29 -7.18
C LYS A 40 -14.72 14.96 -8.67
N GLY A 41 -13.45 15.00 -9.05
CA GLY A 41 -13.09 14.72 -10.42
C GLY A 41 -12.36 13.40 -10.56
N ARG A 42 -11.39 13.17 -9.70
CA ARG A 42 -10.58 11.94 -9.75
C ARG A 42 -11.38 10.79 -9.18
N GLY A 43 -12.08 11.08 -8.10
CA GLY A 43 -12.80 10.09 -7.35
C GLY A 43 -12.29 10.08 -5.93
N PRO A 44 -12.76 9.19 -5.05
CA PRO A 44 -12.17 9.03 -3.71
C PRO A 44 -10.70 8.64 -3.85
N VAL A 45 -9.81 9.49 -3.37
CA VAL A 45 -8.39 9.30 -3.55
C VAL A 45 -7.64 9.23 -2.23
N ALA A 46 -6.61 8.45 -2.21
CA ALA A 46 -5.79 8.28 -1.04
C ALA A 46 -4.33 8.27 -1.41
N THR A 47 -3.60 9.22 -0.89
CA THR A 47 -2.19 9.26 -1.11
C THR A 47 -1.58 8.42 0.01
N LEU A 48 -0.81 7.45 -0.34
CA LEU A 48 -0.33 6.54 0.63
C LEU A 48 1.10 6.16 0.34
N LEU A 49 1.73 5.51 1.27
CA LEU A 49 3.08 5.08 1.07
C LEU A 49 3.09 3.56 1.16
N VAL A 50 3.23 2.92 0.02
CA VAL A 50 3.24 1.48 -0.05
C VAL A 50 4.51 0.89 0.53
N GLN A 51 4.31 0.05 1.54
CA GLN A 51 5.41 -0.56 2.24
C GLN A 51 5.30 -2.07 2.17
N ALA A 52 4.10 -2.54 1.88
CA ALA A 52 3.80 -3.95 1.97
C ALA A 52 4.25 -4.73 0.75
N GLY A 53 4.62 -4.03 -0.28
CA GLY A 53 5.03 -4.68 -1.47
C GLY A 53 5.08 -3.74 -2.63
N THR A 54 4.19 -3.93 -3.54
CA THR A 54 4.18 -3.18 -4.77
C THR A 54 2.74 -2.79 -5.08
N LEU A 55 2.53 -1.54 -5.43
CA LEU A 55 1.20 -1.09 -5.71
C LEU A 55 0.98 -1.04 -7.19
N LYS A 56 0.10 -1.84 -7.67
CA LYS A 56 -0.20 -1.90 -9.07
C LYS A 56 -1.70 -1.76 -9.26
N VAL A 57 -2.11 -1.23 -10.38
CA VAL A 57 -3.49 -1.11 -10.68
C VAL A 57 -4.10 -2.47 -10.99
N GLY A 58 -5.32 -2.65 -10.54
CA GLY A 58 -6.00 -3.90 -10.75
C GLY A 58 -5.71 -4.90 -9.65
N ASP A 59 -5.05 -4.44 -8.63
CA ASP A 59 -4.71 -5.31 -7.52
C ASP A 59 -5.70 -5.04 -6.39
N PRO A 60 -6.35 -6.07 -5.84
CA PRO A 60 -7.27 -5.91 -4.71
C PRO A 60 -6.52 -5.60 -3.42
N ILE A 61 -6.82 -4.49 -2.87
CA ILE A 61 -6.16 -4.00 -1.70
C ILE A 61 -7.12 -3.96 -0.52
N VAL A 62 -6.58 -3.91 0.68
CA VAL A 62 -7.37 -3.84 1.90
C VAL A 62 -6.84 -2.72 2.79
N VAL A 63 -7.72 -1.82 3.22
CA VAL A 63 -7.34 -0.77 4.13
C VAL A 63 -8.32 -0.82 5.30
N GLY A 64 -7.80 -0.85 6.52
CA GLY A 64 -8.64 -0.89 7.71
C GLY A 64 -9.64 -2.06 7.73
N THR A 65 -10.88 -1.77 7.31
CA THR A 65 -11.93 -2.78 7.27
C THR A 65 -12.59 -2.81 5.87
N THR A 66 -12.00 -2.14 4.92
CA THR A 66 -12.56 -2.08 3.60
C THR A 66 -11.54 -2.56 2.56
N TYR A 67 -12.03 -3.11 1.49
CA TYR A 67 -11.22 -3.66 0.45
C TYR A 67 -11.67 -3.07 -0.86
N GLY A 68 -10.87 -3.15 -1.85
CA GLY A 68 -11.21 -2.64 -3.15
C GLY A 68 -10.16 -3.00 -4.12
N ARG A 69 -10.16 -2.37 -5.24
CA ARG A 69 -9.19 -2.66 -6.26
C ARG A 69 -8.70 -1.36 -6.82
N VAL A 70 -7.41 -1.25 -6.99
CA VAL A 70 -6.82 -0.02 -7.47
C VAL A 70 -7.16 0.19 -8.93
N ARG A 71 -7.77 1.30 -9.21
CA ARG A 71 -8.16 1.62 -10.56
C ARG A 71 -7.08 2.46 -11.26
N ALA A 72 -6.72 3.59 -10.66
CA ALA A 72 -5.70 4.46 -11.22
C ALA A 72 -4.66 4.73 -10.17
N MET A 73 -3.45 4.88 -10.63
CA MET A 73 -2.34 5.11 -9.77
C MET A 73 -1.69 6.41 -10.19
N VAL A 74 -1.68 7.37 -9.34
CA VAL A 74 -0.98 8.60 -9.64
C VAL A 74 0.17 8.69 -8.68
N ASN A 75 1.33 9.07 -9.12
CA ASN A 75 2.45 9.08 -8.21
C ASN A 75 2.77 10.50 -7.80
N ASP A 76 3.70 10.63 -6.87
CA ASP A 76 4.14 11.92 -6.32
C ASP A 76 4.58 12.93 -7.38
N SER A 77 5.09 12.45 -8.51
CA SER A 77 5.50 13.34 -9.58
C SER A 77 4.28 13.86 -10.38
N GLY A 78 3.13 13.26 -10.14
CA GLY A 78 1.90 13.73 -10.77
C GLY A 78 1.52 12.89 -11.94
N ARG A 79 2.44 12.05 -12.35
CA ARG A 79 2.24 11.19 -13.49
C ARG A 79 1.37 10.03 -13.10
N ARG A 80 0.45 9.70 -13.95
CA ARG A 80 -0.42 8.61 -13.72
C ARG A 80 0.31 7.36 -14.23
N VAL A 81 0.39 6.38 -13.39
CA VAL A 81 1.18 5.21 -13.66
C VAL A 81 0.35 3.96 -13.52
N LYS A 82 0.94 2.85 -13.85
CA LYS A 82 0.26 1.56 -13.76
C LYS A 82 0.70 0.79 -12.53
N GLU A 83 1.96 0.92 -12.20
CA GLU A 83 2.51 0.30 -11.01
C GLU A 83 3.56 1.17 -10.38
N ALA A 84 3.70 1.04 -9.10
CA ALA A 84 4.63 1.79 -8.32
C ALA A 84 5.26 0.88 -7.31
N GLY A 85 6.51 1.11 -7.02
CA GLY A 85 7.21 0.27 -6.10
C GLY A 85 7.12 0.79 -4.70
N PRO A 86 7.63 0.03 -3.71
CA PRO A 86 7.62 0.43 -2.31
C PRO A 86 8.46 1.67 -2.07
N SER A 87 8.17 2.36 -0.99
CA SER A 87 8.89 3.57 -0.58
C SER A 87 8.63 4.76 -1.52
N MET A 88 7.59 4.67 -2.31
CA MET A 88 7.22 5.76 -3.18
C MET A 88 5.79 6.19 -2.90
N PRO A 89 5.58 7.50 -2.64
CA PRO A 89 4.25 8.04 -2.43
C PRO A 89 3.43 8.03 -3.71
N VAL A 90 2.27 7.43 -3.62
CA VAL A 90 1.34 7.35 -4.73
C VAL A 90 -0.07 7.60 -4.23
N GLU A 91 -0.96 7.82 -5.13
CA GLU A 91 -2.33 8.02 -4.83
C GLU A 91 -3.16 7.03 -5.61
N ILE A 92 -3.85 6.19 -4.90
CA ILE A 92 -4.67 5.14 -5.47
C ILE A 92 -6.11 5.57 -5.53
N THR A 93 -6.91 4.74 -6.17
CA THR A 93 -8.33 4.93 -6.32
C THR A 93 -8.98 3.57 -6.47
N GLY A 94 -10.23 3.48 -6.13
CA GLY A 94 -10.98 2.28 -6.38
C GLY A 94 -11.39 1.49 -5.16
N LEU A 95 -11.37 2.11 -4.01
CA LEU A 95 -11.87 1.50 -2.81
C LEU A 95 -13.38 1.62 -2.77
N HIS A 96 -13.86 2.71 -3.37
CA HIS A 96 -15.28 3.07 -3.41
C HIS A 96 -15.79 3.32 -1.98
N ASP A 97 -14.86 3.61 -1.10
CA ASP A 97 -15.15 3.86 0.29
C ASP A 97 -14.24 4.99 0.72
N VAL A 98 -14.32 5.40 1.95
CA VAL A 98 -13.54 6.51 2.40
C VAL A 98 -12.35 6.05 3.27
N PRO A 99 -11.13 6.15 2.73
CA PRO A 99 -9.94 5.84 3.48
C PRO A 99 -9.52 7.05 4.33
N GLN A 100 -8.60 6.86 5.25
CA GLN A 100 -8.17 7.94 6.12
C GLN A 100 -6.68 7.97 6.22
N ALA A 101 -6.16 9.13 6.50
CA ALA A 101 -4.75 9.33 6.73
C ALA A 101 -4.33 8.71 8.05
N GLY A 102 -3.25 7.99 8.05
CA GLY A 102 -2.78 7.38 9.25
C GLY A 102 -3.19 5.94 9.36
N ASP A 103 -4.09 5.51 8.49
CA ASP A 103 -4.54 4.14 8.52
C ASP A 103 -3.57 3.22 7.84
N ARG A 104 -3.72 1.95 8.09
CA ARG A 104 -2.77 0.96 7.63
C ARG A 104 -3.42 0.10 6.59
N PHE A 105 -2.77 -0.04 5.49
CA PHE A 105 -3.29 -0.80 4.39
C PHE A 105 -2.37 -1.95 4.08
N MET A 106 -2.91 -2.96 3.49
CA MET A 106 -2.13 -4.12 3.14
C MET A 106 -2.19 -4.36 1.65
N VAL A 107 -1.05 -4.26 1.00
CA VAL A 107 -0.92 -4.61 -0.39
C VAL A 107 0.18 -5.63 -0.43
N PHE A 108 -0.17 -6.85 -0.61
CA PHE A 108 0.82 -7.90 -0.55
C PHE A 108 0.91 -8.51 -1.92
N GLU A 109 2.11 -9.04 -2.24
CA GLU A 109 2.47 -9.64 -3.55
C GLU A 109 2.17 -8.65 -4.69
N ASP A 110 2.05 -9.19 -5.90
CA ASP A 110 1.71 -8.46 -7.11
C ASP A 110 1.71 -9.43 -8.27
N GLU A 111 2.79 -10.18 -8.33
CA GLU A 111 3.06 -11.06 -9.43
C GLU A 111 2.29 -12.36 -9.38
N LYS A 112 1.95 -12.84 -8.20
CA LYS A 112 1.29 -14.16 -8.08
C LYS A 112 -0.05 -14.17 -8.77
N LYS A 113 -0.87 -13.24 -8.39
CA LYS A 113 -2.19 -13.13 -8.97
C LYS A 113 -2.09 -12.79 -10.46
N ALA A 114 -1.09 -11.98 -10.79
CA ALA A 114 -0.89 -11.56 -12.16
C ALA A 114 -0.43 -12.74 -13.01
N ARG A 115 0.44 -13.55 -12.42
CA ARG A 115 1.00 -14.75 -13.02
C ARG A 115 -0.10 -15.68 -13.47
N GLN A 116 -1.04 -15.93 -12.58
CA GLN A 116 -2.11 -16.87 -12.83
C GLN A 116 -3.07 -16.32 -13.87
N ILE A 117 -3.15 -14.99 -13.96
CA ILE A 117 -3.97 -14.36 -14.97
C ILE A 117 -3.30 -14.48 -16.34
N GLY A 118 -1.99 -14.29 -16.37
CA GLY A 118 -1.28 -14.39 -17.62
C GLY A 118 0.14 -13.87 -17.56
N GLU A 119 0.48 -13.12 -16.52
CA GLU A 119 1.80 -12.50 -16.38
C GLU A 119 2.82 -13.49 -15.78
N ALA A 120 2.75 -14.71 -16.27
CA ALA A 120 3.65 -15.77 -15.87
C ALA A 120 4.85 -15.78 -16.80
N ARG A 121 4.92 -14.75 -17.58
CA ARG A 121 5.92 -14.59 -18.57
C ARG A 121 7.13 -13.88 -17.98
N ALA A 122 8.10 -14.66 -17.59
CA ALA A 122 9.36 -14.13 -17.12
C ALA A 122 10.14 -13.75 -18.35
N GLN A 123 10.04 -14.59 -19.36
CA GLN A 123 10.61 -14.31 -20.63
C GLN A 123 9.62 -13.48 -21.41
N ARG A 124 9.77 -12.22 -21.28
CA ARG A 124 8.96 -11.24 -21.98
C ARG A 124 9.90 -10.13 -22.41
N GLN A 125 11.14 -10.52 -22.53
CA GLN A 125 12.20 -9.66 -22.89
C GLN A 125 12.58 -9.98 -24.30
N GLY A 1 11.56 16.10 38.45
CA GLY A 1 11.92 15.23 37.33
C GLY A 1 12.42 16.07 36.20
N SER A 2 13.47 15.64 35.58
CA SER A 2 14.05 16.38 34.51
C SER A 2 13.46 15.94 33.17
N HIS A 3 12.54 16.77 32.66
CA HIS A 3 11.79 16.55 31.43
C HIS A 3 10.74 15.47 31.56
N MET A 4 9.52 15.80 31.15
CA MET A 4 8.42 14.87 31.19
C MET A 4 8.56 13.86 30.06
N LEU A 5 9.38 12.88 30.30
CA LEU A 5 9.62 11.83 29.35
C LEU A 5 8.98 10.55 29.82
N ASP A 6 9.68 9.83 30.68
CA ASP A 6 9.19 8.56 31.21
C ASP A 6 8.83 8.77 32.67
N HIS A 7 8.87 10.01 33.08
CA HIS A 7 8.59 10.37 34.43
C HIS A 7 7.36 11.21 34.51
N LEU A 8 6.29 10.58 34.97
CA LEU A 8 4.99 11.20 35.14
C LEU A 8 4.40 11.70 33.82
N LEU A 9 3.35 12.44 33.96
CA LEU A 9 2.63 13.05 32.89
C LEU A 9 1.80 14.10 33.60
N GLU A 10 0.91 14.77 32.94
CA GLU A 10 0.09 15.77 33.61
C GLU A 10 -0.86 15.11 34.63
N MET A 11 -0.46 15.16 35.90
CA MET A 11 -1.21 14.67 37.07
C MET A 11 -1.24 13.14 37.15
N ILE A 12 -1.69 12.51 36.10
CA ILE A 12 -1.79 11.07 36.00
C ILE A 12 -1.36 10.65 34.62
N LEU A 13 -1.30 9.37 34.42
CA LEU A 13 -1.02 8.83 33.10
C LEU A 13 -2.34 8.58 32.41
N LEU A 14 -2.28 8.26 31.15
CA LEU A 14 -3.48 8.02 30.38
C LEU A 14 -3.95 6.59 30.58
N VAL A 15 -5.01 6.23 29.91
CA VAL A 15 -5.64 4.91 30.01
C VAL A 15 -4.87 3.84 29.19
N SER A 16 -3.55 3.96 29.19
CA SER A 16 -2.63 3.12 28.45
C SER A 16 -2.85 3.26 26.94
N GLU A 17 -2.26 4.29 26.38
CA GLU A 17 -2.38 4.59 24.97
C GLU A 17 -1.15 4.08 24.27
N MET A 18 -1.34 3.38 23.17
CA MET A 18 -0.22 2.84 22.42
C MET A 18 0.50 3.93 21.66
N GLU A 19 1.71 4.20 22.05
CA GLU A 19 2.52 5.16 21.39
C GLU A 19 3.55 4.43 20.58
N GLU A 20 3.75 4.88 19.38
CA GLU A 20 4.63 4.21 18.46
C GLU A 20 5.50 5.31 17.83
N LEU A 21 6.75 5.00 17.55
CA LEU A 21 7.69 6.03 17.09
C LEU A 21 8.42 5.59 15.81
N LYS A 22 8.05 4.47 15.25
CA LYS A 22 8.75 3.92 14.10
C LYS A 22 7.88 3.94 12.84
N ALA A 23 7.01 4.96 12.78
CA ALA A 23 6.18 5.30 11.59
C ALA A 23 4.99 4.35 11.33
N ASN A 24 4.88 3.26 12.08
CA ASN A 24 3.80 2.26 11.94
C ASN A 24 4.08 1.14 12.93
N PRO A 25 3.10 0.78 13.79
CA PRO A 25 3.25 -0.29 14.82
C PRO A 25 3.49 -1.67 14.22
N ASN A 26 3.14 -1.81 12.96
CA ASN A 26 3.32 -3.06 12.26
C ASN A 26 4.63 -2.98 11.52
N ARG A 27 5.09 -4.07 10.98
CA ARG A 27 6.35 -4.08 10.26
C ARG A 27 6.13 -3.51 8.87
N ARG A 28 7.19 -3.40 8.08
CA ARG A 28 7.05 -2.99 6.68
C ARG A 28 6.51 -4.16 5.83
N ALA A 29 5.37 -4.66 6.24
CA ALA A 29 4.68 -5.74 5.58
C ALA A 29 3.27 -5.26 5.28
N VAL A 30 3.04 -4.01 5.64
CA VAL A 30 1.82 -3.28 5.40
C VAL A 30 2.24 -1.86 5.21
N GLY A 31 1.41 -1.06 4.63
CA GLY A 31 1.75 0.29 4.35
C GLY A 31 0.95 1.23 5.17
N THR A 32 1.23 2.49 5.05
CA THR A 32 0.55 3.47 5.82
C THR A 32 -0.02 4.54 4.87
N VAL A 33 -1.21 4.99 5.15
CA VAL A 33 -1.83 6.04 4.35
C VAL A 33 -1.33 7.37 4.88
N ILE A 34 -0.99 8.30 4.00
CA ILE A 34 -0.48 9.57 4.46
C ILE A 34 -1.56 10.64 4.51
N GLU A 35 -2.44 10.61 3.55
CA GLU A 35 -3.57 11.54 3.53
C GLU A 35 -4.70 10.88 2.79
N ALA A 36 -5.85 11.42 2.90
CA ALA A 36 -6.97 10.92 2.19
C ALA A 36 -7.83 12.07 1.79
N LYS A 37 -8.17 12.14 0.54
CA LYS A 37 -8.86 13.29 0.03
C LYS A 37 -9.83 12.92 -1.09
N LEU A 38 -10.91 13.64 -1.17
CA LEU A 38 -11.88 13.37 -2.19
C LEU A 38 -11.53 14.15 -3.44
N ASP A 39 -11.79 13.58 -4.55
CA ASP A 39 -11.63 14.27 -5.78
C ASP A 39 -12.95 14.22 -6.51
N LYS A 40 -13.41 15.35 -6.95
CA LYS A 40 -14.66 15.48 -7.67
C LYS A 40 -14.70 14.76 -9.03
N GLY A 41 -13.54 14.47 -9.59
CA GLY A 41 -13.51 13.81 -10.88
C GLY A 41 -12.99 12.40 -10.77
N ARG A 42 -11.88 12.25 -10.10
CA ARG A 42 -11.20 10.97 -9.92
C ARG A 42 -11.95 10.11 -8.91
N GLY A 43 -12.65 10.75 -8.01
CA GLY A 43 -13.40 10.04 -7.02
C GLY A 43 -12.64 10.00 -5.71
N PRO A 44 -12.94 9.06 -4.84
CA PRO A 44 -12.19 8.87 -3.59
C PRO A 44 -10.74 8.48 -3.88
N VAL A 45 -9.81 9.33 -3.49
CA VAL A 45 -8.41 9.04 -3.67
C VAL A 45 -7.73 9.04 -2.32
N ALA A 46 -6.63 8.39 -2.21
CA ALA A 46 -5.90 8.37 -0.97
C ALA A 46 -4.43 8.27 -1.25
N THR A 47 -3.67 9.23 -0.81
CA THR A 47 -2.25 9.16 -0.99
C THR A 47 -1.69 8.29 0.12
N LEU A 48 -1.00 7.28 -0.24
CA LEU A 48 -0.45 6.36 0.70
C LEU A 48 0.99 6.06 0.38
N LEU A 49 1.63 5.34 1.25
CA LEU A 49 2.99 4.94 1.06
C LEU A 49 2.99 3.41 1.05
N VAL A 50 3.26 2.81 -0.11
CA VAL A 50 3.25 1.37 -0.22
C VAL A 50 4.48 0.75 0.40
N GLN A 51 4.26 -0.12 1.35
CA GLN A 51 5.34 -0.70 2.12
C GLN A 51 5.32 -2.20 2.04
N ALA A 52 4.21 -2.76 1.56
CA ALA A 52 4.01 -4.20 1.58
C ALA A 52 4.38 -4.79 0.24
N GLY A 53 4.95 -3.97 -0.60
CA GLY A 53 5.41 -4.44 -1.84
C GLY A 53 5.19 -3.44 -2.91
N THR A 54 4.56 -3.87 -3.92
CA THR A 54 4.36 -3.10 -5.10
C THR A 54 2.87 -2.83 -5.25
N LEU A 55 2.52 -1.66 -5.70
CA LEU A 55 1.14 -1.31 -5.89
C LEU A 55 0.90 -1.20 -7.38
N LYS A 56 0.03 -2.03 -7.90
CA LYS A 56 -0.27 -2.04 -9.32
C LYS A 56 -1.76 -1.82 -9.52
N VAL A 57 -2.11 -1.19 -10.60
CA VAL A 57 -3.49 -1.01 -10.95
C VAL A 57 -4.10 -2.36 -11.31
N GLY A 58 -5.15 -2.70 -10.62
CA GLY A 58 -5.79 -3.96 -10.86
C GLY A 58 -5.59 -4.95 -9.74
N ASP A 59 -4.74 -4.62 -8.79
CA ASP A 59 -4.56 -5.51 -7.64
C ASP A 59 -5.51 -5.15 -6.52
N PRO A 60 -6.01 -6.14 -5.76
CA PRO A 60 -6.87 -5.91 -4.62
C PRO A 60 -6.07 -5.41 -3.42
N ILE A 61 -6.67 -4.54 -2.66
CA ILE A 61 -6.05 -3.95 -1.50
C ILE A 61 -7.01 -3.92 -0.35
N VAL A 62 -6.48 -3.87 0.84
CA VAL A 62 -7.27 -3.74 2.05
C VAL A 62 -6.74 -2.52 2.78
N VAL A 63 -7.58 -1.50 2.92
CA VAL A 63 -7.19 -0.26 3.55
C VAL A 63 -8.15 0.01 4.71
N GLY A 64 -7.61 0.01 5.92
CA GLY A 64 -8.43 0.23 7.09
C GLY A 64 -9.36 -0.94 7.35
N THR A 65 -10.60 -0.77 7.00
CA THR A 65 -11.58 -1.81 7.14
C THR A 65 -12.30 -2.02 5.80
N THR A 66 -11.80 -1.35 4.78
CA THR A 66 -12.40 -1.41 3.47
C THR A 66 -11.42 -2.07 2.49
N TYR A 67 -11.93 -2.81 1.54
CA TYR A 67 -11.08 -3.42 0.57
C TYR A 67 -11.61 -3.09 -0.81
N GLY A 68 -10.77 -3.17 -1.79
CA GLY A 68 -11.19 -2.85 -3.12
C GLY A 68 -10.12 -3.18 -4.10
N ARG A 69 -10.24 -2.66 -5.27
CA ARG A 69 -9.27 -2.92 -6.32
C ARG A 69 -8.75 -1.60 -6.83
N VAL A 70 -7.46 -1.51 -7.00
CA VAL A 70 -6.85 -0.26 -7.43
C VAL A 70 -7.16 -0.02 -8.87
N ARG A 71 -7.75 1.10 -9.16
CA ARG A 71 -8.11 1.42 -10.51
C ARG A 71 -7.03 2.29 -11.20
N ALA A 72 -6.63 3.36 -10.57
CA ALA A 72 -5.60 4.21 -11.14
C ALA A 72 -4.49 4.39 -10.15
N MET A 73 -3.35 4.77 -10.62
CA MET A 73 -2.19 4.95 -9.79
C MET A 73 -1.62 6.28 -10.13
N VAL A 74 -1.58 7.19 -9.19
CA VAL A 74 -1.02 8.50 -9.46
C VAL A 74 -0.02 8.78 -8.37
N ASN A 75 1.18 9.15 -8.72
CA ASN A 75 2.22 9.33 -7.71
C ASN A 75 2.30 10.76 -7.21
N ASP A 76 3.27 11.01 -6.35
CA ASP A 76 3.47 12.31 -5.70
C ASP A 76 3.83 13.42 -6.69
N SER A 77 4.31 13.05 -7.87
CA SER A 77 4.64 14.04 -8.86
C SER A 77 3.37 14.41 -9.64
N GLY A 78 2.39 13.54 -9.59
CA GLY A 78 1.16 13.81 -10.27
C GLY A 78 1.19 13.26 -11.65
N ARG A 79 1.73 12.09 -11.76
CA ARG A 79 1.81 11.38 -12.99
C ARG A 79 1.03 10.11 -12.81
N ARG A 80 0.16 9.83 -13.71
CA ARG A 80 -0.63 8.63 -13.64
C ARG A 80 0.26 7.49 -14.17
N VAL A 81 0.35 6.42 -13.42
CA VAL A 81 1.21 5.31 -13.77
C VAL A 81 0.45 4.00 -13.69
N LYS A 82 1.14 2.93 -13.96
CA LYS A 82 0.57 1.61 -13.96
C LYS A 82 0.88 0.88 -12.66
N GLU A 83 2.06 1.13 -12.13
CA GLU A 83 2.54 0.42 -10.98
C GLU A 83 3.62 1.23 -10.27
N ALA A 84 3.69 1.10 -8.97
CA ALA A 84 4.68 1.80 -8.17
C ALA A 84 5.30 0.85 -7.17
N GLY A 85 6.58 1.02 -6.94
CA GLY A 85 7.32 0.15 -6.04
C GLY A 85 7.23 0.60 -4.60
N PRO A 86 7.77 -0.19 -3.66
CA PRO A 86 7.71 0.12 -2.25
C PRO A 86 8.49 1.37 -1.88
N SER A 87 8.08 1.96 -0.76
CA SER A 87 8.66 3.17 -0.20
C SER A 87 8.26 4.40 -1.04
N MET A 88 7.33 4.22 -1.94
CA MET A 88 6.91 5.29 -2.80
C MET A 88 5.49 5.76 -2.48
N PRO A 89 5.25 7.10 -2.47
CA PRO A 89 3.92 7.66 -2.24
C PRO A 89 3.09 7.71 -3.51
N VAL A 90 1.91 7.14 -3.46
CA VAL A 90 0.99 7.13 -4.58
C VAL A 90 -0.44 7.25 -4.08
N GLU A 91 -1.28 7.82 -4.89
CA GLU A 91 -2.68 7.89 -4.60
C GLU A 91 -3.35 6.76 -5.31
N ILE A 92 -4.13 6.02 -4.61
CA ILE A 92 -4.89 4.93 -5.17
C ILE A 92 -6.32 5.37 -5.39
N THR A 93 -7.06 4.55 -6.09
CA THR A 93 -8.44 4.75 -6.35
C THR A 93 -9.10 3.40 -6.50
N GLY A 94 -10.38 3.38 -6.33
CA GLY A 94 -11.15 2.19 -6.53
C GLY A 94 -11.55 1.50 -5.26
N LEU A 95 -11.60 2.23 -4.18
CA LEU A 95 -12.14 1.72 -2.97
C LEU A 95 -13.60 2.05 -2.95
N HIS A 96 -13.90 3.25 -3.49
CA HIS A 96 -15.23 3.85 -3.54
C HIS A 96 -15.69 4.13 -2.08
N ASP A 97 -14.70 4.20 -1.22
CA ASP A 97 -14.88 4.43 0.19
C ASP A 97 -13.84 5.45 0.59
N VAL A 98 -13.88 5.92 1.80
CA VAL A 98 -12.98 6.98 2.21
C VAL A 98 -12.17 6.52 3.42
N PRO A 99 -10.91 6.17 3.21
CA PRO A 99 -10.02 5.73 4.27
C PRO A 99 -9.46 6.92 5.06
N GLN A 100 -8.73 6.66 6.12
CA GLN A 100 -8.19 7.73 6.91
C GLN A 100 -6.70 7.82 6.78
N ALA A 101 -6.21 9.02 6.83
CA ALA A 101 -4.80 9.29 6.86
C ALA A 101 -4.21 8.72 8.14
N GLY A 102 -3.17 7.93 8.00
CA GLY A 102 -2.55 7.32 9.14
C GLY A 102 -2.96 5.89 9.34
N ASP A 103 -3.89 5.39 8.51
CA ASP A 103 -4.30 3.99 8.65
C ASP A 103 -3.28 3.11 7.95
N ARG A 104 -3.50 1.86 8.02
CA ARG A 104 -2.62 0.86 7.52
C ARG A 104 -3.31 0.12 6.41
N PHE A 105 -2.59 -0.20 5.38
CA PHE A 105 -3.17 -0.96 4.31
C PHE A 105 -2.26 -2.08 3.92
N MET A 106 -2.81 -3.09 3.38
CA MET A 106 -2.05 -4.21 2.92
C MET A 106 -2.31 -4.41 1.45
N VAL A 107 -1.25 -4.32 0.68
CA VAL A 107 -1.36 -4.48 -0.75
C VAL A 107 -1.05 -5.94 -1.08
N PHE A 108 -1.72 -6.49 -2.05
CA PHE A 108 -1.35 -7.79 -2.50
C PHE A 108 -0.61 -7.58 -3.78
N GLU A 109 0.61 -8.02 -3.82
CA GLU A 109 1.47 -7.78 -4.94
C GLU A 109 1.18 -8.77 -6.07
N ASP A 110 1.15 -8.23 -7.26
CA ASP A 110 0.83 -8.97 -8.49
C ASP A 110 1.70 -10.16 -8.67
N GLU A 111 2.99 -9.94 -8.72
CA GLU A 111 3.92 -11.00 -8.95
C GLU A 111 4.03 -11.92 -7.74
N LYS A 112 3.64 -11.44 -6.57
CA LYS A 112 3.60 -12.29 -5.39
C LYS A 112 2.49 -13.30 -5.55
N LYS A 113 1.31 -12.81 -5.92
CA LYS A 113 0.17 -13.65 -6.08
C LYS A 113 0.36 -14.54 -7.28
N ALA A 114 0.91 -14.00 -8.35
CA ALA A 114 1.15 -14.74 -9.57
C ALA A 114 2.13 -15.88 -9.31
N ARG A 115 3.14 -15.61 -8.49
CA ARG A 115 4.19 -16.58 -8.17
C ARG A 115 3.67 -17.68 -7.27
N GLN A 116 2.54 -17.44 -6.64
CA GLN A 116 1.93 -18.45 -5.83
C GLN A 116 1.29 -19.50 -6.75
N ILE A 117 0.90 -19.07 -7.94
CA ILE A 117 0.40 -19.97 -8.97
C ILE A 117 1.61 -20.51 -9.78
N GLY A 118 2.61 -19.66 -9.96
CA GLY A 118 3.83 -20.05 -10.64
C GLY A 118 4.24 -19.09 -11.75
N GLU A 119 3.71 -17.84 -11.70
CA GLU A 119 3.94 -16.78 -12.69
C GLU A 119 3.60 -17.21 -14.12
N ALA A 120 2.80 -18.22 -14.20
CA ALA A 120 2.34 -18.80 -15.41
C ALA A 120 1.00 -19.39 -15.09
N ARG A 121 0.31 -19.84 -16.08
CA ARG A 121 -0.97 -20.45 -15.88
C ARG A 121 -0.83 -21.94 -16.13
N ALA A 122 -1.92 -22.69 -15.97
CA ALA A 122 -1.87 -24.14 -16.12
C ALA A 122 -1.63 -24.54 -17.55
N GLN A 123 -2.30 -23.84 -18.47
CA GLN A 123 -2.29 -24.12 -19.89
C GLN A 123 -2.90 -25.50 -20.12
N ARG A 124 -4.20 -25.51 -20.20
CA ARG A 124 -4.92 -26.74 -20.35
C ARG A 124 -4.76 -27.29 -21.76
N GLN A 125 -4.11 -28.41 -21.81
CA GLN A 125 -3.90 -29.13 -23.03
C GLN A 125 -3.88 -30.62 -22.76
N GLY A 1 -17.20 -30.71 8.04
CA GLY A 1 -16.87 -31.65 9.10
C GLY A 1 -18.01 -31.78 10.07
N SER A 2 -17.70 -31.84 11.34
CA SER A 2 -18.70 -31.98 12.35
C SER A 2 -19.46 -30.66 12.58
N HIS A 3 -18.78 -29.52 12.37
CA HIS A 3 -19.34 -28.16 12.59
C HIS A 3 -19.69 -27.92 14.04
N MET A 4 -19.14 -28.73 14.90
CA MET A 4 -19.42 -28.62 16.31
C MET A 4 -18.29 -27.86 16.96
N LEU A 5 -18.42 -26.56 16.96
CA LEU A 5 -17.39 -25.71 17.50
C LEU A 5 -17.63 -25.51 18.97
N ASP A 6 -16.71 -25.94 19.77
CA ASP A 6 -16.82 -25.75 21.19
C ASP A 6 -16.15 -24.47 21.55
N HIS A 7 -16.75 -23.70 22.41
CA HIS A 7 -16.17 -22.45 22.77
C HIS A 7 -15.26 -22.60 23.98
N LEU A 8 -14.02 -22.83 23.69
CA LEU A 8 -13.00 -22.90 24.71
C LEU A 8 -11.75 -22.32 24.12
N LEU A 9 -11.12 -21.43 24.85
CA LEU A 9 -9.90 -20.79 24.45
C LEU A 9 -9.27 -20.06 25.62
N GLU A 10 -8.04 -20.38 25.87
CA GLU A 10 -7.29 -19.77 26.95
C GLU A 10 -6.85 -18.39 26.46
N MET A 11 -7.42 -17.36 27.05
CA MET A 11 -7.14 -16.00 26.62
C MET A 11 -5.82 -15.51 27.15
N ILE A 12 -4.80 -15.68 26.35
CA ILE A 12 -3.49 -15.12 26.63
C ILE A 12 -3.60 -13.65 26.28
N LEU A 13 -4.17 -13.45 25.13
CA LEU A 13 -4.47 -12.16 24.63
C LEU A 13 -5.92 -11.94 24.85
N LEU A 14 -6.28 -10.79 25.24
CA LEU A 14 -7.66 -10.48 25.42
C LEU A 14 -8.19 -9.87 24.13
N VAL A 15 -9.49 -9.75 24.03
CA VAL A 15 -10.10 -9.20 22.84
C VAL A 15 -10.11 -7.69 22.96
N SER A 16 -8.94 -7.15 22.87
CA SER A 16 -8.72 -5.75 23.01
C SER A 16 -7.64 -5.32 22.04
N GLU A 17 -8.03 -4.78 20.94
CA GLU A 17 -7.09 -4.28 20.01
C GLU A 17 -6.85 -2.82 20.33
N MET A 18 -5.65 -2.50 20.71
CA MET A 18 -5.31 -1.16 21.07
C MET A 18 -4.02 -0.76 20.41
N GLU A 19 -4.07 0.30 19.68
CA GLU A 19 -2.94 0.82 18.99
C GLU A 19 -2.20 1.81 19.85
N GLU A 20 -0.91 1.87 19.71
CA GLU A 20 -0.11 2.83 20.44
C GLU A 20 0.01 4.17 19.72
N LEU A 21 0.33 4.13 18.47
CA LEU A 21 0.43 5.35 17.71
C LEU A 21 -0.62 5.37 16.60
N LYS A 22 -1.22 4.19 16.38
CA LYS A 22 -2.35 3.94 15.47
C LYS A 22 -1.93 3.91 14.02
N ALA A 23 -1.04 4.78 13.68
CA ALA A 23 -0.55 4.87 12.35
C ALA A 23 0.61 3.94 12.12
N ASN A 24 0.25 2.70 11.81
CA ASN A 24 1.16 1.65 11.36
C ASN A 24 2.31 1.31 12.35
N PRO A 25 2.20 0.20 13.10
CA PRO A 25 3.25 -0.19 14.05
C PRO A 25 4.38 -1.01 13.39
N ASN A 26 4.13 -1.56 12.21
CA ASN A 26 5.10 -2.46 11.58
C ASN A 26 5.95 -1.70 10.57
N ARG A 27 5.33 -0.76 9.90
CA ARG A 27 5.95 0.18 8.96
C ARG A 27 6.43 -0.41 7.64
N ARG A 28 7.08 -1.54 7.65
CA ARG A 28 7.56 -2.14 6.41
C ARG A 28 6.75 -3.39 6.03
N ALA A 29 5.87 -3.82 6.91
CA ALA A 29 5.04 -5.00 6.63
C ALA A 29 3.72 -4.58 6.00
N VAL A 30 3.34 -3.36 6.29
CA VAL A 30 2.11 -2.75 5.85
C VAL A 30 2.45 -1.29 5.61
N GLY A 31 1.64 -0.60 4.89
CA GLY A 31 1.95 0.76 4.57
C GLY A 31 1.05 1.71 5.30
N THR A 32 1.42 2.96 5.32
CA THR A 32 0.63 3.96 6.01
C THR A 32 0.06 4.92 4.97
N VAL A 33 -1.14 5.37 5.19
CA VAL A 33 -1.75 6.33 4.32
C VAL A 33 -1.29 7.72 4.78
N ILE A 34 -0.83 8.53 3.87
CA ILE A 34 -0.33 9.83 4.25
C ILE A 34 -1.43 10.88 4.26
N GLU A 35 -2.35 10.77 3.33
CA GLU A 35 -3.52 11.62 3.26
C GLU A 35 -4.58 10.94 2.43
N ALA A 36 -5.81 11.25 2.69
CA ALA A 36 -6.91 10.70 1.95
C ALA A 36 -8.01 11.71 1.96
N LYS A 37 -8.73 11.82 0.88
CA LYS A 37 -9.82 12.79 0.82
C LYS A 37 -10.73 12.44 -0.34
N LEU A 38 -11.78 13.17 -0.47
CA LEU A 38 -12.69 13.00 -1.57
C LEU A 38 -12.18 13.79 -2.74
N ASP A 39 -12.34 13.28 -3.89
CA ASP A 39 -11.97 13.99 -5.07
C ASP A 39 -13.14 14.05 -6.01
N LYS A 40 -13.43 15.22 -6.46
CA LYS A 40 -14.55 15.48 -7.35
C LYS A 40 -14.41 14.80 -8.71
N GLY A 41 -13.20 14.53 -9.11
CA GLY A 41 -12.97 13.95 -10.39
C GLY A 41 -12.80 12.44 -10.33
N ARG A 42 -11.99 11.98 -9.41
CA ARG A 42 -11.68 10.55 -9.32
C ARG A 42 -12.61 9.80 -8.38
N GLY A 43 -13.06 10.44 -7.33
CA GLY A 43 -13.87 9.79 -6.35
C GLY A 43 -13.10 9.64 -5.06
N PRO A 44 -13.11 8.49 -4.40
CA PRO A 44 -12.31 8.28 -3.20
C PRO A 44 -10.83 8.08 -3.55
N VAL A 45 -9.99 9.00 -3.13
CA VAL A 45 -8.57 8.93 -3.39
C VAL A 45 -7.80 8.81 -2.08
N ALA A 46 -6.69 8.14 -2.13
CA ALA A 46 -5.87 7.97 -0.96
C ALA A 46 -4.41 8.00 -1.33
N THR A 47 -3.72 9.00 -0.87
CA THR A 47 -2.32 9.12 -1.10
C THR A 47 -1.65 8.31 0.01
N LEU A 48 -0.96 7.30 -0.35
CA LEU A 48 -0.40 6.41 0.60
C LEU A 48 1.06 6.10 0.30
N LEU A 49 1.71 5.42 1.21
CA LEU A 49 3.07 5.03 1.02
C LEU A 49 3.12 3.50 1.12
N VAL A 50 3.29 2.83 -0.02
CA VAL A 50 3.28 1.37 -0.05
C VAL A 50 4.59 0.77 0.43
N GLN A 51 4.51 -0.07 1.42
CA GLN A 51 5.69 -0.74 1.96
C GLN A 51 5.50 -2.23 1.95
N ALA A 52 4.27 -2.64 1.79
CA ALA A 52 3.87 -4.00 1.99
C ALA A 52 4.24 -4.91 0.83
N GLY A 53 4.58 -4.32 -0.30
CA GLY A 53 4.94 -5.11 -1.44
C GLY A 53 5.04 -4.28 -2.70
N THR A 54 4.04 -4.35 -3.52
CA THR A 54 4.02 -3.63 -4.79
C THR A 54 2.58 -3.27 -5.09
N LEU A 55 2.33 -2.03 -5.45
CA LEU A 55 0.97 -1.57 -5.68
C LEU A 55 0.80 -1.40 -7.18
N LYS A 56 -0.34 -1.79 -7.70
CA LYS A 56 -0.57 -1.70 -9.12
C LYS A 56 -2.06 -1.46 -9.39
N VAL A 57 -2.38 -0.83 -10.51
CA VAL A 57 -3.75 -0.61 -10.88
C VAL A 57 -4.42 -1.90 -11.29
N GLY A 58 -5.60 -2.10 -10.78
CA GLY A 58 -6.32 -3.31 -11.06
C GLY A 58 -5.98 -4.39 -10.07
N ASP A 59 -5.26 -4.03 -9.03
CA ASP A 59 -4.90 -5.00 -8.01
C ASP A 59 -5.78 -4.75 -6.77
N PRO A 60 -6.39 -5.80 -6.18
CA PRO A 60 -7.16 -5.67 -4.94
C PRO A 60 -6.26 -5.30 -3.75
N ILE A 61 -6.61 -4.22 -3.10
CA ILE A 61 -5.83 -3.68 -2.01
C ILE A 61 -6.70 -3.57 -0.75
N VAL A 62 -6.09 -3.66 0.42
CA VAL A 62 -6.84 -3.60 1.68
C VAL A 62 -6.35 -2.42 2.51
N VAL A 63 -7.24 -1.50 2.88
CA VAL A 63 -6.88 -0.37 3.72
C VAL A 63 -7.85 -0.32 4.91
N GLY A 64 -7.33 -0.11 6.11
CA GLY A 64 -8.17 -0.04 7.31
C GLY A 64 -9.07 -1.27 7.52
N THR A 65 -10.34 -1.13 7.14
CA THR A 65 -11.31 -2.19 7.25
C THR A 65 -11.93 -2.52 5.89
N THR A 66 -11.45 -1.89 4.85
CA THR A 66 -12.06 -2.03 3.54
C THR A 66 -11.04 -2.47 2.48
N TYR A 67 -11.48 -3.27 1.54
CA TYR A 67 -10.63 -3.63 0.45
C TYR A 67 -11.29 -3.22 -0.85
N GLY A 68 -10.48 -2.80 -1.79
CA GLY A 68 -10.99 -2.32 -3.05
C GLY A 68 -10.02 -2.61 -4.13
N ARG A 69 -10.29 -2.15 -5.31
CA ARG A 69 -9.42 -2.42 -6.42
C ARG A 69 -9.01 -1.12 -7.07
N VAL A 70 -7.72 -0.93 -7.21
CA VAL A 70 -7.14 0.30 -7.70
C VAL A 70 -7.55 0.60 -9.15
N ARG A 71 -7.96 1.83 -9.40
CA ARG A 71 -8.38 2.25 -10.73
C ARG A 71 -7.20 2.97 -11.43
N ALA A 72 -6.73 4.04 -10.83
CA ALA A 72 -5.63 4.83 -11.36
C ALA A 72 -4.52 4.90 -10.35
N MET A 73 -3.38 5.37 -10.77
CA MET A 73 -2.23 5.44 -9.92
C MET A 73 -1.48 6.69 -10.26
N VAL A 74 -1.38 7.57 -9.34
CA VAL A 74 -0.60 8.74 -9.54
C VAL A 74 0.41 8.80 -8.43
N ASN A 75 1.63 9.04 -8.77
CA ASN A 75 2.68 9.02 -7.77
C ASN A 75 3.00 10.41 -7.33
N ASP A 76 3.95 10.53 -6.41
CA ASP A 76 4.35 11.81 -5.80
C ASP A 76 4.76 12.84 -6.85
N SER A 77 5.29 12.39 -7.97
CA SER A 77 5.71 13.30 -9.02
C SER A 77 4.52 13.76 -9.88
N GLY A 78 3.38 13.11 -9.73
CA GLY A 78 2.18 13.57 -10.44
C GLY A 78 1.95 12.86 -11.74
N ARG A 79 2.72 11.84 -11.97
CA ARG A 79 2.61 11.08 -13.18
C ARG A 79 1.68 9.92 -12.96
N ARG A 80 0.86 9.68 -13.95
CA ARG A 80 0.01 8.54 -13.97
C ARG A 80 0.88 7.33 -14.28
N VAL A 81 0.73 6.30 -13.51
CA VAL A 81 1.50 5.11 -13.71
C VAL A 81 0.61 3.89 -13.62
N LYS A 82 1.18 2.75 -13.90
CA LYS A 82 0.46 1.50 -13.83
C LYS A 82 0.81 0.77 -12.57
N GLU A 83 2.05 0.89 -12.18
CA GLU A 83 2.59 0.13 -11.08
C GLU A 83 3.44 1.06 -10.21
N ALA A 84 3.54 0.75 -8.96
CA ALA A 84 4.31 1.50 -8.02
C ALA A 84 5.07 0.57 -7.11
N GLY A 85 6.30 0.91 -6.86
CA GLY A 85 7.14 0.08 -6.03
C GLY A 85 7.09 0.55 -4.60
N PRO A 86 7.62 -0.24 -3.66
CA PRO A 86 7.61 0.11 -2.24
C PRO A 86 8.50 1.31 -1.95
N SER A 87 8.11 2.03 -0.89
CA SER A 87 8.75 3.23 -0.43
C SER A 87 8.39 4.42 -1.34
N MET A 88 7.37 4.26 -2.16
CA MET A 88 6.92 5.31 -3.02
C MET A 88 5.52 5.79 -2.61
N PRO A 89 5.30 7.11 -2.56
CA PRO A 89 3.98 7.68 -2.33
C PRO A 89 3.16 7.66 -3.60
N VAL A 90 2.00 7.09 -3.52
CA VAL A 90 1.07 7.01 -4.64
C VAL A 90 -0.34 7.20 -4.17
N GLU A 91 -1.14 7.80 -4.97
CA GLU A 91 -2.51 7.99 -4.66
C GLU A 91 -3.34 7.03 -5.49
N ILE A 92 -4.04 6.18 -4.80
CA ILE A 92 -4.86 5.16 -5.44
C ILE A 92 -6.29 5.63 -5.50
N THR A 93 -7.09 4.86 -6.20
CA THR A 93 -8.48 5.13 -6.40
C THR A 93 -9.23 3.83 -6.52
N GLY A 94 -10.54 3.88 -6.42
CA GLY A 94 -11.34 2.69 -6.61
C GLY A 94 -11.54 1.88 -5.35
N LEU A 95 -11.41 2.52 -4.19
CA LEU A 95 -11.66 1.81 -2.94
C LEU A 95 -13.16 1.58 -2.76
N HIS A 96 -13.96 2.48 -3.34
CA HIS A 96 -15.44 2.43 -3.30
C HIS A 96 -15.95 2.58 -1.83
N ASP A 97 -15.09 3.13 -1.00
CA ASP A 97 -15.36 3.38 0.40
C ASP A 97 -14.55 4.61 0.75
N VAL A 98 -14.61 5.06 1.95
CA VAL A 98 -13.91 6.26 2.32
C VAL A 98 -12.58 5.92 3.02
N PRO A 99 -11.45 6.27 2.41
CA PRO A 99 -10.16 6.01 2.99
C PRO A 99 -9.81 7.06 4.05
N GLN A 100 -8.92 6.72 4.95
CA GLN A 100 -8.56 7.61 5.99
C GLN A 100 -7.07 7.84 6.01
N ALA A 101 -6.73 9.06 6.21
CA ALA A 101 -5.36 9.49 6.33
C ALA A 101 -4.79 8.99 7.64
N GLY A 102 -3.55 8.55 7.64
CA GLY A 102 -2.93 8.07 8.85
C GLY A 102 -3.33 6.66 9.20
N ASP A 103 -4.15 6.06 8.36
CA ASP A 103 -4.54 4.69 8.57
C ASP A 103 -3.45 3.82 7.97
N ARG A 104 -3.69 2.57 7.90
CA ARG A 104 -2.73 1.67 7.45
C ARG A 104 -3.35 0.66 6.53
N PHE A 105 -2.59 0.21 5.61
CA PHE A 105 -3.08 -0.66 4.60
C PHE A 105 -2.09 -1.75 4.32
N MET A 106 -2.54 -2.79 3.70
CA MET A 106 -1.70 -3.87 3.35
C MET A 106 -1.91 -4.26 1.91
N VAL A 107 -0.88 -4.09 1.13
CA VAL A 107 -0.88 -4.56 -0.23
C VAL A 107 0.18 -5.62 -0.27
N PHE A 108 -0.21 -6.84 -0.29
CA PHE A 108 0.76 -7.89 -0.18
C PHE A 108 0.36 -9.17 -0.84
N GLU A 109 1.30 -9.65 -1.59
CA GLU A 109 1.34 -10.96 -2.14
C GLU A 109 2.64 -11.06 -2.86
N ASP A 110 3.30 -12.16 -2.70
CA ASP A 110 4.64 -12.29 -3.22
C ASP A 110 4.66 -12.79 -4.65
N GLU A 111 3.93 -13.85 -4.91
CA GLU A 111 3.83 -14.44 -6.27
C GLU A 111 3.20 -13.44 -7.25
N LYS A 112 2.53 -12.45 -6.67
CA LYS A 112 1.84 -11.41 -7.37
C LYS A 112 2.84 -10.60 -8.18
N LYS A 113 3.99 -10.32 -7.58
CA LYS A 113 5.00 -9.50 -8.24
C LYS A 113 5.72 -10.31 -9.33
N ALA A 114 5.64 -11.62 -9.21
CA ALA A 114 6.18 -12.51 -10.22
C ALA A 114 5.21 -12.59 -11.39
N ARG A 115 3.94 -12.71 -11.06
CA ARG A 115 2.87 -12.79 -12.03
C ARG A 115 2.66 -11.44 -12.71
N GLN A 116 3.15 -10.40 -12.06
CA GLN A 116 3.16 -9.07 -12.61
C GLN A 116 4.06 -9.03 -13.84
N ILE A 117 5.18 -9.72 -13.77
CA ILE A 117 6.09 -9.83 -14.90
C ILE A 117 5.48 -10.83 -15.89
N GLY A 118 4.83 -11.84 -15.34
CA GLY A 118 4.14 -12.81 -16.15
C GLY A 118 4.49 -14.23 -15.80
N GLU A 119 5.03 -14.44 -14.58
CA GLU A 119 5.48 -15.74 -14.08
C GLU A 119 6.58 -16.31 -14.96
N ALA A 120 7.28 -15.38 -15.56
CA ALA A 120 8.39 -15.56 -16.44
C ALA A 120 8.76 -14.19 -16.84
N ARG A 121 9.90 -14.02 -17.44
CA ARG A 121 10.25 -12.72 -17.93
C ARG A 121 9.38 -12.43 -19.15
N ALA A 122 8.91 -11.20 -19.26
CA ALA A 122 8.10 -10.82 -20.39
C ALA A 122 8.96 -10.74 -21.63
N GLN A 123 8.99 -11.82 -22.34
CA GLN A 123 9.79 -11.96 -23.52
C GLN A 123 8.83 -12.12 -24.69
N ARG A 124 9.32 -12.06 -25.90
CA ARG A 124 8.46 -12.25 -27.03
C ARG A 124 8.35 -13.72 -27.32
N GLN A 125 9.47 -14.38 -27.27
CA GLN A 125 9.64 -15.75 -27.59
C GLN A 125 10.75 -16.27 -26.75
N GLY A 1 -1.43 -6.46 27.69
CA GLY A 1 -0.22 -5.92 27.09
C GLY A 1 0.77 -7.01 26.82
N SER A 2 2.03 -6.67 26.83
CA SER A 2 3.07 -7.63 26.63
C SER A 2 3.57 -8.12 27.98
N HIS A 3 4.39 -9.16 28.00
CA HIS A 3 4.91 -9.71 29.24
C HIS A 3 5.89 -8.70 29.84
N MET A 4 6.67 -8.09 28.98
CA MET A 4 7.54 -7.01 29.39
C MET A 4 6.86 -5.70 29.08
N LEU A 5 6.66 -4.92 30.09
CA LEU A 5 5.93 -3.69 29.99
C LEU A 5 6.86 -2.53 29.75
N ASP A 6 6.52 -1.71 28.80
CA ASP A 6 7.27 -0.52 28.53
C ASP A 6 6.61 0.61 29.25
N HIS A 7 7.19 1.00 30.34
CA HIS A 7 6.65 2.07 31.16
C HIS A 7 7.45 3.35 30.99
N LEU A 8 8.33 3.31 30.02
CA LEU A 8 9.06 4.45 29.52
C LEU A 8 9.30 4.22 28.07
N LEU A 9 8.57 4.90 27.25
CA LEU A 9 8.72 4.75 25.83
C LEU A 9 9.93 5.53 25.36
N GLU A 10 10.73 4.92 24.53
CA GLU A 10 11.94 5.55 24.01
C GLU A 10 11.63 6.46 22.84
N MET A 11 10.37 6.53 22.49
CA MET A 11 9.89 7.44 21.51
C MET A 11 8.55 7.94 22.04
N ILE A 12 8.60 9.06 22.70
CA ILE A 12 7.42 9.66 23.29
C ILE A 12 7.64 11.18 23.38
N LEU A 13 8.87 11.55 23.61
CA LEU A 13 9.25 12.93 23.61
C LEU A 13 9.72 13.26 22.20
N LEU A 14 10.33 14.42 22.01
CA LEU A 14 10.81 14.87 20.71
C LEU A 14 9.66 15.20 19.76
N VAL A 15 9.99 15.81 18.66
CA VAL A 15 9.01 16.16 17.65
C VAL A 15 9.62 15.99 16.26
N SER A 16 10.93 16.22 16.16
CA SER A 16 11.66 16.07 14.93
C SER A 16 11.71 14.60 14.52
N GLU A 17 10.87 14.25 13.59
CA GLU A 17 10.75 12.90 13.09
C GLU A 17 11.93 12.53 12.19
N MET A 18 13.04 12.21 12.82
CA MET A 18 14.25 11.81 12.13
C MET A 18 14.25 10.32 11.92
N GLU A 19 13.39 9.67 12.66
CA GLU A 19 13.16 8.26 12.58
C GLU A 19 11.72 8.02 12.86
N GLU A 20 11.17 6.97 12.31
CA GLU A 20 9.77 6.68 12.46
C GLU A 20 9.58 5.23 12.82
N LEU A 21 8.91 4.99 13.93
CA LEU A 21 8.67 3.63 14.41
C LEU A 21 7.21 3.44 14.77
N LYS A 22 6.39 4.45 14.48
CA LYS A 22 4.99 4.38 14.86
C LYS A 22 4.11 4.03 13.69
N ALA A 23 4.72 3.69 12.59
CA ALA A 23 3.99 3.42 11.40
C ALA A 23 3.49 1.98 11.35
N ASN A 24 2.21 1.82 11.68
CA ASN A 24 1.46 0.56 11.51
C ASN A 24 1.81 -0.52 12.54
N PRO A 25 0.84 -1.41 12.87
CA PRO A 25 1.08 -2.52 13.81
C PRO A 25 1.99 -3.59 13.21
N ASN A 26 1.83 -3.87 11.92
CA ASN A 26 2.67 -4.86 11.24
C ASN A 26 3.96 -4.21 10.80
N ARG A 27 3.82 -2.96 10.38
CA ARG A 27 4.92 -2.07 10.02
C ARG A 27 5.56 -2.38 8.64
N ARG A 28 5.82 -3.65 8.34
CA ARG A 28 6.39 -4.00 7.03
C ARG A 28 5.36 -4.61 6.10
N ALA A 29 4.49 -5.46 6.63
CA ALA A 29 3.50 -6.17 5.81
C ALA A 29 2.31 -5.28 5.40
N VAL A 30 2.37 -4.00 5.75
CA VAL A 30 1.31 -3.05 5.46
C VAL A 30 1.94 -1.69 5.20
N GLY A 31 1.22 -0.86 4.48
CA GLY A 31 1.70 0.45 4.16
C GLY A 31 0.86 1.47 4.87
N THR A 32 1.35 2.66 4.97
CA THR A 32 0.65 3.68 5.71
C THR A 32 0.07 4.69 4.75
N VAL A 33 -1.12 5.14 5.03
CA VAL A 33 -1.73 6.16 4.24
C VAL A 33 -1.25 7.49 4.79
N ILE A 34 -0.94 8.43 3.93
CA ILE A 34 -0.48 9.72 4.40
C ILE A 34 -1.61 10.74 4.41
N GLU A 35 -2.46 10.68 3.41
CA GLU A 35 -3.63 11.53 3.33
C GLU A 35 -4.72 10.82 2.59
N ALA A 36 -5.92 11.23 2.79
CA ALA A 36 -7.06 10.66 2.15
C ALA A 36 -8.14 11.71 2.08
N LYS A 37 -8.78 11.84 0.94
CA LYS A 37 -9.84 12.81 0.76
C LYS A 37 -10.64 12.47 -0.47
N LEU A 38 -11.64 13.24 -0.71
CA LEU A 38 -12.49 13.03 -1.83
C LEU A 38 -11.99 13.80 -3.03
N ASP A 39 -12.23 13.29 -4.17
CA ASP A 39 -11.95 13.99 -5.38
C ASP A 39 -13.20 13.98 -6.20
N LYS A 40 -13.60 15.15 -6.64
CA LYS A 40 -14.82 15.30 -7.43
C LYS A 40 -14.76 14.57 -8.78
N GLY A 41 -13.58 14.48 -9.37
CA GLY A 41 -13.48 13.90 -10.68
C GLY A 41 -12.89 12.51 -10.65
N ARG A 42 -11.91 12.32 -9.82
CA ARG A 42 -11.20 11.05 -9.76
C ARG A 42 -11.88 10.07 -8.80
N GLY A 43 -12.69 10.60 -7.90
CA GLY A 43 -13.37 9.77 -6.93
C GLY A 43 -12.62 9.73 -5.60
N PRO A 44 -12.95 8.81 -4.69
CA PRO A 44 -12.22 8.64 -3.42
C PRO A 44 -10.74 8.33 -3.68
N VAL A 45 -9.87 9.22 -3.23
CA VAL A 45 -8.45 9.09 -3.46
C VAL A 45 -7.71 8.96 -2.13
N ALA A 46 -6.58 8.32 -2.16
CA ALA A 46 -5.77 8.13 -0.99
C ALA A 46 -4.31 8.10 -1.35
N THR A 47 -3.53 8.96 -0.76
CA THR A 47 -2.13 8.97 -1.00
C THR A 47 -1.49 8.17 0.11
N LEU A 48 -0.70 7.22 -0.23
CA LEU A 48 -0.09 6.38 0.72
C LEU A 48 1.38 6.16 0.42
N LEU A 49 2.03 5.51 1.32
CA LEU A 49 3.39 5.09 1.13
C LEU A 49 3.34 3.55 1.18
N VAL A 50 3.51 2.92 0.03
CA VAL A 50 3.39 1.47 -0.07
C VAL A 50 4.59 0.74 0.53
N GLN A 51 4.34 -0.07 1.54
CA GLN A 51 5.39 -0.82 2.23
C GLN A 51 5.10 -2.30 2.23
N ALA A 52 3.84 -2.63 1.95
CA ALA A 52 3.35 -3.98 2.03
C ALA A 52 3.94 -4.87 0.95
N GLY A 53 4.29 -4.27 -0.16
CA GLY A 53 4.83 -5.00 -1.23
C GLY A 53 5.04 -4.14 -2.43
N THR A 54 4.10 -4.14 -3.32
CA THR A 54 4.17 -3.35 -4.53
C THR A 54 2.73 -2.98 -4.93
N LEU A 55 2.53 -1.79 -5.45
CA LEU A 55 1.18 -1.34 -5.78
C LEU A 55 1.04 -1.30 -7.30
N LYS A 56 -0.08 -1.77 -7.81
CA LYS A 56 -0.33 -1.75 -9.24
C LYS A 56 -1.82 -1.56 -9.48
N VAL A 57 -2.17 -0.94 -10.59
CA VAL A 57 -3.55 -0.80 -10.96
C VAL A 57 -4.12 -2.14 -11.34
N GLY A 58 -5.24 -2.46 -10.80
CA GLY A 58 -5.85 -3.72 -11.05
C GLY A 58 -5.60 -4.71 -9.96
N ASP A 59 -4.70 -4.38 -9.04
CA ASP A 59 -4.45 -5.25 -7.90
C ASP A 59 -5.37 -4.89 -6.76
N PRO A 60 -5.81 -5.88 -5.97
CA PRO A 60 -6.66 -5.65 -4.82
C PRO A 60 -5.89 -5.05 -3.65
N ILE A 61 -6.56 -4.24 -2.90
CA ILE A 61 -5.99 -3.61 -1.74
C ILE A 61 -6.93 -3.74 -0.57
N VAL A 62 -6.39 -3.72 0.61
CA VAL A 62 -7.17 -3.81 1.82
C VAL A 62 -6.73 -2.71 2.76
N VAL A 63 -7.56 -1.74 2.92
CA VAL A 63 -7.32 -0.64 3.82
C VAL A 63 -8.06 -1.00 5.11
N GLY A 64 -7.75 -0.35 6.23
CA GLY A 64 -8.45 -0.56 7.48
C GLY A 64 -9.97 -0.71 7.30
N THR A 65 -10.42 -1.95 7.50
CA THR A 65 -11.79 -2.37 7.39
C THR A 65 -12.38 -2.42 5.94
N THR A 66 -11.85 -1.64 5.02
CA THR A 66 -12.42 -1.59 3.68
C THR A 66 -11.40 -2.02 2.61
N TYR A 67 -11.82 -2.88 1.72
CA TYR A 67 -10.96 -3.37 0.67
C TYR A 67 -11.44 -2.83 -0.68
N GLY A 68 -10.62 -2.94 -1.68
CA GLY A 68 -10.97 -2.45 -2.99
C GLY A 68 -9.97 -2.91 -4.01
N ARG A 69 -9.99 -2.28 -5.16
CA ARG A 69 -9.08 -2.62 -6.23
C ARG A 69 -8.60 -1.32 -6.83
N VAL A 70 -7.32 -1.24 -7.10
CA VAL A 70 -6.72 0.00 -7.58
C VAL A 70 -7.16 0.31 -9.00
N ARG A 71 -7.83 1.44 -9.14
CA ARG A 71 -8.36 1.88 -10.42
C ARG A 71 -7.32 2.70 -11.22
N ALA A 72 -6.79 3.74 -10.62
CA ALA A 72 -5.80 4.59 -11.25
C ALA A 72 -4.69 4.82 -10.27
N MET A 73 -3.49 4.93 -10.79
CA MET A 73 -2.34 5.13 -9.96
C MET A 73 -1.77 6.48 -10.28
N VAL A 74 -1.78 7.34 -9.33
CA VAL A 74 -1.18 8.63 -9.49
C VAL A 74 0.01 8.62 -8.59
N ASN A 75 1.13 9.03 -9.06
CA ASN A 75 2.31 8.91 -8.24
C ASN A 75 2.70 10.25 -7.64
N ASP A 76 3.75 10.25 -6.83
CA ASP A 76 4.30 11.45 -6.14
C ASP A 76 4.58 12.61 -7.10
N SER A 77 4.90 12.30 -8.34
CA SER A 77 5.16 13.32 -9.35
C SER A 77 3.83 13.89 -9.88
N GLY A 78 2.73 13.20 -9.65
CA GLY A 78 1.42 13.68 -10.04
C GLY A 78 0.95 13.05 -11.33
N ARG A 79 1.78 12.22 -11.88
CA ARG A 79 1.48 11.59 -13.14
C ARG A 79 0.79 10.25 -12.94
N ARG A 80 -0.04 9.91 -13.90
CA ARG A 80 -0.73 8.65 -13.95
C ARG A 80 0.24 7.58 -14.38
N VAL A 81 0.28 6.52 -13.64
CA VAL A 81 1.16 5.41 -13.94
C VAL A 81 0.37 4.13 -13.72
N LYS A 82 1.00 3.00 -13.85
CA LYS A 82 0.30 1.75 -13.66
C LYS A 82 0.76 1.03 -12.42
N GLU A 83 1.98 1.29 -11.99
CA GLU A 83 2.54 0.53 -10.92
C GLU A 83 3.50 1.39 -10.12
N ALA A 84 3.74 1.01 -8.89
CA ALA A 84 4.61 1.71 -8.00
C ALA A 84 5.29 0.74 -7.07
N GLY A 85 6.58 0.93 -6.88
CA GLY A 85 7.34 0.06 -6.02
C GLY A 85 7.30 0.53 -4.58
N PRO A 86 7.76 -0.30 -3.63
CA PRO A 86 7.74 0.03 -2.20
C PRO A 86 8.60 1.23 -1.86
N SER A 87 8.21 1.92 -0.78
CA SER A 87 8.88 3.09 -0.26
C SER A 87 8.66 4.32 -1.16
N MET A 88 7.61 4.26 -1.96
CA MET A 88 7.25 5.34 -2.84
C MET A 88 5.85 5.86 -2.54
N PRO A 89 5.66 7.20 -2.53
CA PRO A 89 4.35 7.82 -2.32
C PRO A 89 3.50 7.78 -3.58
N VAL A 90 2.31 7.27 -3.46
CA VAL A 90 1.37 7.20 -4.58
C VAL A 90 -0.05 7.42 -4.09
N GLU A 91 -0.89 7.86 -4.97
CA GLU A 91 -2.26 8.12 -4.71
C GLU A 91 -3.10 7.17 -5.55
N ILE A 92 -3.81 6.32 -4.88
CA ILE A 92 -4.62 5.29 -5.48
C ILE A 92 -6.06 5.72 -5.57
N THR A 93 -6.84 4.87 -6.16
CA THR A 93 -8.25 5.01 -6.31
C THR A 93 -8.83 3.63 -6.39
N GLY A 94 -10.12 3.53 -6.28
CA GLY A 94 -10.81 2.29 -6.38
C GLY A 94 -11.10 1.62 -5.06
N LEU A 95 -11.10 2.39 -4.00
CA LEU A 95 -11.50 1.86 -2.73
C LEU A 95 -13.01 1.98 -2.65
N HIS A 96 -13.51 3.06 -3.29
CA HIS A 96 -14.92 3.39 -3.41
C HIS A 96 -15.58 3.58 -2.02
N ASP A 97 -14.77 3.90 -1.06
CA ASP A 97 -15.20 4.18 0.30
C ASP A 97 -14.28 5.27 0.78
N VAL A 98 -14.44 5.72 1.99
CA VAL A 98 -13.66 6.84 2.47
C VAL A 98 -12.43 6.30 3.20
N PRO A 99 -11.22 6.52 2.65
CA PRO A 99 -10.00 6.08 3.27
C PRO A 99 -9.62 7.01 4.42
N GLN A 100 -8.70 6.59 5.25
CA GLN A 100 -8.30 7.39 6.35
C GLN A 100 -6.83 7.70 6.27
N ALA A 101 -6.55 8.93 6.48
CA ALA A 101 -5.20 9.43 6.51
C ALA A 101 -4.49 8.96 7.79
N GLY A 102 -3.40 8.26 7.62
CA GLY A 102 -2.68 7.74 8.75
C GLY A 102 -3.03 6.31 9.03
N ASP A 103 -3.93 5.77 8.22
CA ASP A 103 -4.39 4.40 8.40
C ASP A 103 -3.37 3.44 7.79
N ARG A 104 -3.74 2.22 7.63
CA ARG A 104 -2.87 1.20 7.23
C ARG A 104 -3.53 0.31 6.23
N PHE A 105 -2.86 0.08 5.15
CA PHE A 105 -3.42 -0.78 4.15
C PHE A 105 -2.48 -1.91 3.86
N MET A 106 -3.01 -2.91 3.34
CA MET A 106 -2.28 -4.06 2.92
C MET A 106 -2.49 -4.18 1.44
N VAL A 107 -1.40 -4.19 0.72
CA VAL A 107 -1.50 -4.32 -0.71
C VAL A 107 -1.54 -5.82 -1.00
N PHE A 108 -2.27 -6.24 -1.98
CA PHE A 108 -2.30 -7.64 -2.27
C PHE A 108 -1.56 -7.90 -3.56
N GLU A 109 -0.57 -8.73 -3.46
CA GLU A 109 0.24 -9.12 -4.56
C GLU A 109 0.73 -10.53 -4.25
N ASP A 110 1.76 -10.96 -4.94
CA ASP A 110 2.50 -12.14 -4.55
C ASP A 110 3.84 -12.08 -5.22
N GLU A 111 3.78 -12.14 -6.53
CA GLU A 111 4.93 -12.08 -7.40
C GLU A 111 5.71 -10.80 -7.29
N LYS A 112 5.05 -9.69 -7.10
CA LYS A 112 5.73 -8.40 -7.03
C LYS A 112 6.66 -8.32 -5.84
N LYS A 113 6.19 -8.76 -4.73
CA LYS A 113 7.00 -8.78 -3.54
C LYS A 113 8.02 -9.91 -3.62
N ALA A 114 7.67 -10.95 -4.36
CA ALA A 114 8.57 -12.04 -4.58
C ALA A 114 9.72 -11.62 -5.48
N ARG A 115 9.40 -11.01 -6.63
CA ARG A 115 10.40 -10.52 -7.56
C ARG A 115 11.26 -9.40 -6.97
N GLN A 116 10.70 -8.71 -5.98
CA GLN A 116 11.45 -7.71 -5.21
C GLN A 116 12.64 -8.39 -4.51
N ILE A 117 12.43 -9.63 -4.14
CA ILE A 117 13.45 -10.44 -3.55
C ILE A 117 14.27 -11.15 -4.65
N GLY A 118 13.57 -11.69 -5.64
CA GLY A 118 14.24 -12.36 -6.75
C GLY A 118 13.30 -13.25 -7.53
N GLU A 119 12.09 -13.40 -7.01
CA GLU A 119 10.95 -14.18 -7.54
C GLU A 119 11.15 -15.68 -7.36
N ALA A 120 12.41 -16.08 -7.32
CA ALA A 120 12.77 -17.47 -7.08
C ALA A 120 12.62 -17.76 -5.60
N ARG A 121 12.77 -16.72 -4.84
CA ARG A 121 12.61 -16.76 -3.41
C ARG A 121 11.26 -16.16 -3.13
N ALA A 122 10.58 -16.66 -2.10
CA ALA A 122 9.21 -16.22 -1.74
C ALA A 122 8.21 -16.66 -2.81
N GLN A 123 8.56 -17.74 -3.48
CA GLN A 123 7.73 -18.32 -4.49
C GLN A 123 6.68 -19.19 -3.80
N ARG A 124 5.63 -19.50 -4.49
CA ARG A 124 4.67 -20.40 -3.97
C ARG A 124 5.05 -21.76 -4.47
N GLN A 125 4.53 -22.75 -3.86
CA GLN A 125 4.79 -24.07 -4.28
C GLN A 125 3.48 -24.70 -4.65
N GLY A 1 28.20 -13.65 28.78
CA GLY A 1 29.04 -13.59 27.58
C GLY A 1 28.33 -14.20 26.40
N SER A 2 28.99 -15.12 25.72
CA SER A 2 28.44 -15.73 24.53
C SER A 2 28.96 -17.18 24.31
N HIS A 3 29.23 -17.90 25.40
CA HIS A 3 29.80 -19.23 25.28
C HIS A 3 28.70 -20.31 25.28
N MET A 4 28.23 -20.70 26.45
CA MET A 4 27.21 -21.74 26.51
C MET A 4 26.01 -21.31 27.34
N LEU A 5 26.17 -21.12 28.63
CA LEU A 5 25.06 -20.70 29.42
C LEU A 5 25.13 -19.21 29.60
N ASP A 6 24.84 -18.53 28.54
CA ASP A 6 24.87 -17.09 28.51
C ASP A 6 23.57 -16.58 28.00
N HIS A 7 22.64 -17.51 27.88
CA HIS A 7 21.31 -17.22 27.42
C HIS A 7 20.51 -16.78 28.61
N LEU A 8 20.28 -15.50 28.70
CA LEU A 8 19.53 -14.96 29.80
C LEU A 8 18.07 -15.16 29.57
N LEU A 9 17.66 -15.06 28.30
CA LEU A 9 16.24 -15.16 27.86
C LEU A 9 15.45 -13.92 28.25
N GLU A 10 15.77 -13.39 29.42
CA GLU A 10 15.29 -12.12 29.90
C GLU A 10 15.86 -11.06 28.99
N MET A 11 15.03 -10.44 28.23
CA MET A 11 15.47 -9.45 27.29
C MET A 11 15.31 -8.08 27.90
N ILE A 12 16.20 -7.19 27.57
CA ILE A 12 16.11 -5.85 28.08
C ILE A 12 15.29 -5.01 27.11
N LEU A 13 15.21 -5.48 25.87
CA LEU A 13 14.40 -4.84 24.87
C LEU A 13 12.95 -5.14 25.14
N LEU A 14 12.13 -4.12 25.01
CA LEU A 14 10.71 -4.16 25.28
C LEU A 14 10.48 -4.29 26.79
N VAL A 15 9.45 -5.05 27.17
CA VAL A 15 9.05 -5.27 28.59
C VAL A 15 8.46 -3.94 29.13
N SER A 16 8.07 -3.12 28.19
CA SER A 16 7.56 -1.81 28.38
C SER A 16 7.20 -1.34 27.00
N GLU A 17 6.51 -0.24 26.87
CA GLU A 17 6.24 0.30 25.56
C GLU A 17 7.45 1.06 25.07
N MET A 18 8.41 0.28 24.64
CA MET A 18 9.66 0.77 24.16
C MET A 18 9.53 0.94 22.67
N GLU A 19 9.30 2.15 22.26
CA GLU A 19 9.04 2.44 20.89
C GLU A 19 10.23 3.13 20.25
N GLU A 20 10.80 2.50 19.26
CA GLU A 20 11.92 3.06 18.53
C GLU A 20 11.47 3.82 17.29
N LEU A 21 11.36 3.10 16.20
CA LEU A 21 10.90 3.61 14.95
C LEU A 21 9.86 2.64 14.46
N LYS A 22 8.69 2.80 15.00
CA LYS A 22 7.55 1.96 14.72
C LYS A 22 6.37 2.82 14.28
N ALA A 23 5.98 2.70 13.04
CA ALA A 23 4.79 3.37 12.55
C ALA A 23 3.70 2.34 12.31
N ASN A 24 4.14 1.14 11.99
CA ASN A 24 3.26 0.01 11.75
C ASN A 24 3.69 -1.12 12.64
N PRO A 25 2.73 -1.86 13.25
CA PRO A 25 3.06 -3.01 14.11
C PRO A 25 3.72 -4.15 13.33
N ASN A 26 3.39 -4.26 12.06
CA ASN A 26 3.96 -5.28 11.21
C ASN A 26 5.04 -4.67 10.35
N ARG A 27 6.29 -4.91 10.74
CA ARG A 27 7.48 -4.35 10.10
C ARG A 27 7.51 -4.63 8.59
N ARG A 28 7.32 -3.56 7.80
CA ARG A 28 7.42 -3.59 6.31
C ARG A 28 6.35 -4.49 5.65
N ALA A 29 5.40 -4.99 6.42
CA ALA A 29 4.42 -5.92 5.88
C ALA A 29 3.12 -5.21 5.53
N VAL A 30 3.07 -3.94 5.84
CA VAL A 30 1.92 -3.10 5.62
C VAL A 30 2.43 -1.71 5.43
N GLY A 31 1.61 -0.84 4.98
CA GLY A 31 2.00 0.52 4.78
C GLY A 31 1.09 1.44 5.51
N THR A 32 1.44 2.68 5.56
CA THR A 32 0.63 3.65 6.23
C THR A 32 0.11 4.64 5.18
N VAL A 33 -1.14 5.04 5.32
CA VAL A 33 -1.74 5.99 4.40
C VAL A 33 -1.26 7.38 4.79
N ILE A 34 -0.74 8.12 3.84
CA ILE A 34 -0.15 9.41 4.14
C ILE A 34 -1.20 10.53 4.16
N GLU A 35 -2.17 10.46 3.27
CA GLU A 35 -3.29 11.40 3.22
C GLU A 35 -4.46 10.76 2.48
N ALA A 36 -5.65 11.21 2.75
CA ALA A 36 -6.83 10.68 2.12
C ALA A 36 -7.81 11.79 1.97
N LYS A 37 -8.49 11.86 0.84
CA LYS A 37 -9.46 12.92 0.61
C LYS A 37 -10.45 12.44 -0.44
N LEU A 38 -11.42 13.24 -0.70
CA LEU A 38 -12.36 12.95 -1.74
C LEU A 38 -12.00 13.74 -2.99
N ASP A 39 -12.31 13.22 -4.11
CA ASP A 39 -12.19 13.95 -5.32
C ASP A 39 -13.54 14.00 -5.95
N LYS A 40 -14.07 15.18 -6.12
CA LYS A 40 -15.39 15.39 -6.69
C LYS A 40 -15.67 14.65 -8.03
N GLY A 41 -14.63 14.35 -8.80
CA GLY A 41 -14.85 13.69 -10.08
C GLY A 41 -14.26 12.28 -10.16
N ARG A 42 -13.12 12.08 -9.53
CA ARG A 42 -12.44 10.78 -9.57
C ARG A 42 -12.89 9.87 -8.43
N GLY A 43 -13.55 10.46 -7.45
CA GLY A 43 -14.10 9.68 -6.37
C GLY A 43 -13.12 9.58 -5.22
N PRO A 44 -13.09 8.44 -4.53
CA PRO A 44 -12.14 8.22 -3.44
C PRO A 44 -10.70 8.12 -3.94
N VAL A 45 -9.92 9.06 -3.51
CA VAL A 45 -8.50 9.14 -3.82
C VAL A 45 -7.72 9.12 -2.51
N ALA A 46 -6.83 8.20 -2.40
CA ALA A 46 -6.07 8.02 -1.19
C ALA A 46 -4.61 7.94 -1.50
N THR A 47 -3.83 8.78 -0.89
CA THR A 47 -2.44 8.77 -1.11
C THR A 47 -1.81 7.98 -0.01
N LEU A 48 -1.13 7.00 -0.36
CA LEU A 48 -0.50 6.16 0.59
C LEU A 48 0.92 5.93 0.20
N LEU A 49 1.67 5.29 1.03
CA LEU A 49 2.99 4.93 0.66
C LEU A 49 3.15 3.44 0.82
N VAL A 50 3.27 2.77 -0.30
CA VAL A 50 3.30 1.31 -0.30
C VAL A 50 4.57 0.77 0.31
N GLN A 51 4.40 -0.02 1.33
CA GLN A 51 5.51 -0.59 2.01
C GLN A 51 5.40 -2.11 1.99
N ALA A 52 4.21 -2.60 1.67
CA ALA A 52 3.90 -4.02 1.78
C ALA A 52 4.39 -4.81 0.57
N GLY A 53 4.94 -4.13 -0.41
CA GLY A 53 5.44 -4.82 -1.56
C GLY A 53 5.35 -3.98 -2.80
N THR A 54 4.39 -4.27 -3.62
CA THR A 54 4.21 -3.58 -4.87
C THR A 54 2.73 -3.41 -5.14
N LEU A 55 2.34 -2.20 -5.46
CA LEU A 55 0.94 -1.86 -5.68
C LEU A 55 0.77 -1.67 -7.18
N LYS A 56 -0.31 -2.16 -7.76
CA LYS A 56 -0.50 -2.01 -9.20
C LYS A 56 -1.99 -1.84 -9.54
N VAL A 57 -2.26 -1.14 -10.63
CA VAL A 57 -3.61 -0.96 -11.11
C VAL A 57 -4.25 -2.30 -11.47
N GLY A 58 -5.40 -2.55 -10.94
CA GLY A 58 -6.06 -3.79 -11.22
C GLY A 58 -5.99 -4.79 -10.09
N ASP A 59 -5.17 -4.56 -9.07
CA ASP A 59 -5.13 -5.51 -7.95
C ASP A 59 -5.93 -5.03 -6.74
N PRO A 60 -6.50 -5.97 -5.94
CA PRO A 60 -7.27 -5.65 -4.75
C PRO A 60 -6.39 -5.29 -3.54
N ILE A 61 -6.65 -4.14 -3.01
CA ILE A 61 -5.91 -3.59 -1.91
C ILE A 61 -6.80 -3.42 -0.69
N VAL A 62 -6.23 -3.51 0.48
CA VAL A 62 -7.00 -3.37 1.72
C VAL A 62 -6.52 -2.13 2.45
N VAL A 63 -7.40 -1.19 2.68
CA VAL A 63 -7.07 0.06 3.36
C VAL A 63 -8.01 0.25 4.54
N GLY A 64 -7.48 0.15 5.73
CA GLY A 64 -8.28 0.30 6.92
C GLY A 64 -9.31 -0.79 7.05
N THR A 65 -10.56 -0.40 6.96
CA THR A 65 -11.65 -1.33 7.10
C THR A 65 -12.27 -1.68 5.75
N THR A 66 -11.71 -1.15 4.69
CA THR A 66 -12.27 -1.35 3.39
C THR A 66 -11.23 -1.95 2.43
N TYR A 67 -11.69 -2.70 1.46
CA TYR A 67 -10.82 -3.20 0.45
C TYR A 67 -11.41 -2.82 -0.90
N GLY A 68 -10.56 -2.53 -1.82
CA GLY A 68 -11.00 -2.10 -3.11
C GLY A 68 -10.05 -2.57 -4.15
N ARG A 69 -10.12 -2.01 -5.32
CA ARG A 69 -9.28 -2.43 -6.39
C ARG A 69 -8.76 -1.21 -7.08
N VAL A 70 -7.49 -1.21 -7.36
CA VAL A 70 -6.80 -0.04 -7.87
C VAL A 70 -7.25 0.35 -9.27
N ARG A 71 -7.74 1.56 -9.37
CA ARG A 71 -8.18 2.13 -10.61
C ARG A 71 -7.02 2.78 -11.39
N ALA A 72 -6.42 3.77 -10.78
CA ALA A 72 -5.32 4.51 -11.35
C ALA A 72 -4.25 4.69 -10.32
N MET A 73 -3.05 4.87 -10.78
CA MET A 73 -1.92 5.03 -9.92
C MET A 73 -1.28 6.34 -10.28
N VAL A 74 -1.21 7.25 -9.37
CA VAL A 74 -0.54 8.50 -9.63
C VAL A 74 0.46 8.68 -8.51
N ASN A 75 1.68 9.01 -8.82
CA ASN A 75 2.66 9.13 -7.76
C ASN A 75 2.79 10.57 -7.35
N ASP A 76 3.58 10.82 -6.32
CA ASP A 76 3.76 12.16 -5.75
C ASP A 76 4.26 13.19 -6.77
N SER A 77 4.97 12.73 -7.78
CA SER A 77 5.50 13.62 -8.78
C SER A 77 4.39 14.01 -9.79
N GLY A 78 3.26 13.33 -9.72
CA GLY A 78 2.14 13.69 -10.54
C GLY A 78 2.07 12.86 -11.79
N ARG A 79 2.94 11.89 -11.87
CA ARG A 79 2.96 11.03 -13.01
C ARG A 79 2.04 9.88 -12.82
N ARG A 80 1.24 9.65 -13.82
CA ARG A 80 0.27 8.59 -13.83
C ARG A 80 1.03 7.34 -14.23
N VAL A 81 0.91 6.31 -13.45
CA VAL A 81 1.67 5.10 -13.67
C VAL A 81 0.78 3.89 -13.55
N LYS A 82 1.33 2.74 -13.76
CA LYS A 82 0.58 1.51 -13.68
C LYS A 82 0.86 0.79 -12.38
N GLU A 83 2.08 0.87 -11.91
CA GLU A 83 2.45 0.23 -10.67
C GLU A 83 3.31 1.14 -9.82
N ALA A 84 3.39 0.81 -8.56
CA ALA A 84 4.12 1.56 -7.60
C ALA A 84 5.04 0.65 -6.81
N GLY A 85 6.28 1.04 -6.74
CA GLY A 85 7.23 0.28 -5.99
C GLY A 85 7.23 0.73 -4.54
N PRO A 86 7.81 -0.06 -3.64
CA PRO A 86 7.81 0.28 -2.21
C PRO A 86 8.61 1.52 -1.91
N SER A 87 8.21 2.19 -0.83
CA SER A 87 8.81 3.42 -0.36
C SER A 87 8.40 4.60 -1.26
N MET A 88 7.36 4.40 -2.06
CA MET A 88 6.85 5.43 -2.95
C MET A 88 5.44 5.88 -2.53
N PRO A 89 5.19 7.20 -2.50
CA PRO A 89 3.86 7.75 -2.25
C PRO A 89 3.03 7.74 -3.54
N VAL A 90 1.86 7.14 -3.48
CA VAL A 90 0.96 7.05 -4.61
C VAL A 90 -0.47 7.31 -4.22
N GLU A 91 -1.16 7.97 -5.11
CA GLU A 91 -2.55 8.29 -5.01
C GLU A 91 -3.28 7.14 -5.70
N ILE A 92 -3.98 6.36 -4.94
CA ILE A 92 -4.72 5.26 -5.50
C ILE A 92 -6.18 5.62 -5.62
N THR A 93 -6.90 4.81 -6.33
CA THR A 93 -8.30 5.01 -6.58
C THR A 93 -8.96 3.66 -6.66
N GLY A 94 -10.27 3.62 -6.58
CA GLY A 94 -10.98 2.37 -6.69
C GLY A 94 -11.28 1.72 -5.35
N LEU A 95 -11.11 2.47 -4.27
CA LEU A 95 -11.45 1.95 -2.96
C LEU A 95 -12.97 1.93 -2.79
N HIS A 96 -13.61 2.91 -3.44
CA HIS A 96 -15.07 3.10 -3.47
C HIS A 96 -15.64 3.34 -2.04
N ASP A 97 -14.80 3.76 -1.13
CA ASP A 97 -15.22 4.06 0.22
C ASP A 97 -14.32 5.16 0.76
N VAL A 98 -14.53 5.58 1.98
CA VAL A 98 -13.76 6.64 2.56
C VAL A 98 -12.52 6.08 3.28
N PRO A 99 -11.32 6.50 2.87
CA PRO A 99 -10.10 6.09 3.50
C PRO A 99 -9.73 7.02 4.67
N GLN A 100 -8.71 6.65 5.43
CA GLN A 100 -8.26 7.47 6.52
C GLN A 100 -6.77 7.69 6.43
N ALA A 101 -6.36 8.93 6.54
CA ALA A 101 -4.97 9.28 6.59
C ALA A 101 -4.40 8.84 7.92
N GLY A 102 -3.34 8.11 7.89
CA GLY A 102 -2.74 7.64 9.11
C GLY A 102 -3.16 6.23 9.44
N ASP A 103 -3.98 5.62 8.60
CA ASP A 103 -4.39 4.24 8.83
C ASP A 103 -3.38 3.33 8.14
N ARG A 104 -3.61 2.08 8.21
CA ARG A 104 -2.74 1.09 7.67
C ARG A 104 -3.39 0.51 6.46
N PHE A 105 -2.61 0.03 5.57
CA PHE A 105 -3.13 -0.66 4.43
C PHE A 105 -2.21 -1.81 4.10
N MET A 106 -2.75 -2.80 3.49
CA MET A 106 -2.00 -3.95 3.12
C MET A 106 -2.17 -4.20 1.64
N VAL A 107 -1.07 -4.21 0.95
CA VAL A 107 -1.03 -4.51 -0.46
C VAL A 107 -0.35 -5.85 -0.61
N PHE A 108 -1.07 -6.83 -1.05
CA PHE A 108 -0.50 -8.15 -1.17
C PHE A 108 -1.01 -8.75 -2.46
N GLU A 109 -0.11 -9.31 -3.23
CA GLU A 109 -0.45 -9.99 -4.44
C GLU A 109 -1.24 -11.27 -4.11
N ASP A 110 -2.20 -11.52 -4.95
CA ASP A 110 -3.19 -12.57 -4.79
C ASP A 110 -2.52 -13.93 -4.81
N GLU A 111 -1.89 -14.23 -5.92
CA GLU A 111 -1.22 -15.50 -6.12
C GLU A 111 -0.09 -15.73 -5.14
N LYS A 112 0.51 -14.67 -4.70
CA LYS A 112 1.66 -14.77 -3.83
C LYS A 112 1.27 -15.29 -2.47
N LYS A 113 0.14 -14.86 -1.98
CA LYS A 113 -0.37 -15.38 -0.73
C LYS A 113 -1.05 -16.74 -1.02
N ALA A 114 -1.77 -16.82 -2.14
CA ALA A 114 -2.54 -18.01 -2.48
C ALA A 114 -1.67 -19.23 -2.70
N ARG A 115 -0.67 -19.09 -3.55
CA ARG A 115 0.20 -20.21 -3.95
C ARG A 115 1.07 -20.69 -2.80
N GLN A 116 1.15 -19.89 -1.77
CA GLN A 116 1.85 -20.28 -0.59
C GLN A 116 0.93 -21.18 0.28
N ILE A 117 -0.36 -20.90 0.25
CA ILE A 117 -1.33 -21.64 1.04
C ILE A 117 -1.81 -22.90 0.27
N GLY A 118 -2.31 -22.73 -0.93
CA GLY A 118 -2.79 -23.86 -1.69
C GLY A 118 -3.00 -23.57 -3.17
N GLU A 119 -2.63 -22.34 -3.57
CA GLU A 119 -2.64 -21.83 -4.97
C GLU A 119 -4.05 -21.51 -5.43
N ALA A 120 -4.94 -22.35 -5.06
CA ALA A 120 -6.34 -22.21 -5.36
C ALA A 120 -6.99 -21.48 -4.21
N ARG A 121 -6.45 -21.70 -3.04
CA ARG A 121 -6.94 -21.09 -1.84
C ARG A 121 -6.10 -19.91 -1.48
N ALA A 122 -6.74 -18.83 -1.16
CA ALA A 122 -6.08 -17.66 -0.71
C ALA A 122 -6.37 -17.54 0.77
N GLN A 123 -5.87 -16.52 1.36
CA GLN A 123 -5.99 -16.31 2.79
C GLN A 123 -5.65 -14.88 3.15
N ARG A 124 -6.65 -14.09 3.49
CA ARG A 124 -6.41 -12.75 4.02
C ARG A 124 -6.32 -12.87 5.53
N GLN A 125 -7.16 -13.76 6.03
CA GLN A 125 -7.34 -14.16 7.40
C GLN A 125 -8.63 -14.96 7.44
#